data_4IC1
#
_entry.id   4IC1
#
_cell.length_a   86.152
_cell.length_b   197.761
_cell.length_c   89.410
_cell.angle_alpha   90.00
_cell.angle_beta   100.88
_cell.angle_gamma   90.00
#
_symmetry.space_group_name_H-M   'P 1 21 1'
#
loop_
_entity.id
_entity.type
_entity.pdbx_description
1 polymer 'Uncharacterized protein'
2 non-polymer 'MANGANESE (II) ION'
3 non-polymer 'IRON/SULFUR CLUSTER'
4 water water
#
_entity_poly.entity_id   1
_entity_poly.type   'polypeptide(L)'
_entity_poly.pdbx_seq_one_letter_code
;YFQG(MSE)ITEFLLKKKLEEHLSHVKEENTIYVTDLVRCPRRVRYESEYKELAISQVYAPSAILGDILHLGLESVLKGN
FNAETEVETLREINVGGKVYKIKGRADAIIRNDNGKSIVIEIKTSRSDKGLPLIHHK(MSE)QLQIYLWLFSAEKGILVY
ITPDRIAEYEINEPLDEATIVRLAEDTI(MSE)LQNSPRFNWECKYCIFSVICPAKLT
;
_entity_poly.pdbx_strand_id   A,B,C,D,F,G,H,I,J,K
#
loop_
_chem_comp.id
_chem_comp.type
_chem_comp.name
_chem_comp.formula
MN non-polymer 'MANGANESE (II) ION' 'Mn 2'
SF4 non-polymer 'IRON/SULFUR CLUSTER' 'Fe4 S4'
#
# COMPACT_ATOMS: atom_id res chain seq x y z
N TYR A 1 -6.07 15.37 -45.26
CA TYR A 1 -4.85 14.61 -44.75
C TYR A 1 -5.14 13.57 -43.65
N PHE A 2 -4.86 12.32 -43.93
CA PHE A 2 -5.17 11.29 -42.98
C PHE A 2 -4.17 11.34 -41.83
N GLN A 3 -2.87 11.18 -42.12
CA GLN A 3 -1.80 11.26 -41.09
C GLN A 3 -1.65 12.70 -40.58
N GLY A 4 -1.75 13.64 -41.50
CA GLY A 4 -1.48 15.05 -41.27
C GLY A 4 -0.39 15.52 -42.18
N MSE A 5 -0.56 16.72 -42.74
CA MSE A 5 0.35 17.26 -43.69
C MSE A 5 1.78 17.31 -43.18
O MSE A 5 2.69 17.11 -43.92
CB MSE A 5 -0.08 18.72 -44.03
CG MSE A 5 0.62 19.35 -45.27
SE MSE A 5 0.44 21.22 -45.41
CE MSE A 5 -1.46 21.41 -45.38
N ILE A 6 1.98 17.70 -41.93
CA ILE A 6 3.36 17.88 -41.44
C ILE A 6 3.95 16.56 -41.05
N THR A 7 3.16 15.70 -40.46
CA THR A 7 3.71 14.46 -39.99
C THR A 7 4.03 13.46 -41.12
N GLU A 8 3.17 13.43 -42.10
CA GLU A 8 3.42 12.66 -43.32
C GLU A 8 4.76 13.02 -43.90
N PHE A 9 5.09 14.31 -43.95
CA PHE A 9 6.40 14.66 -44.49
C PHE A 9 7.57 14.18 -43.65
N LEU A 10 7.45 14.39 -42.34
CA LEU A 10 8.57 13.98 -41.45
C LEU A 10 8.81 12.49 -41.54
N LEU A 11 7.73 11.73 -41.58
CA LEU A 11 7.90 10.26 -41.58
C LEU A 11 8.39 9.81 -42.95
N LYS A 12 8.06 10.55 -44.00
CA LYS A 12 8.60 10.17 -45.29
C LYS A 12 10.13 10.46 -45.36
N LYS A 13 10.55 11.64 -44.88
CA LYS A 13 11.99 11.94 -44.92
C LYS A 13 12.76 11.05 -43.96
N LYS A 14 12.20 10.71 -42.80
CA LYS A 14 12.92 9.78 -41.90
C LYS A 14 13.11 8.44 -42.64
N LEU A 15 12.07 7.95 -43.27
CA LEU A 15 12.14 6.61 -43.81
C LEU A 15 13.14 6.58 -44.93
N GLU A 16 13.11 7.58 -45.77
CA GLU A 16 14.07 7.65 -46.87
C GLU A 16 15.50 7.86 -46.32
N GLU A 17 15.65 8.70 -45.29
CA GLU A 17 16.95 8.80 -44.65
C GLU A 17 17.40 7.42 -44.17
N HIS A 18 16.53 6.67 -43.47
CA HIS A 18 16.94 5.37 -42.92
C HIS A 18 17.26 4.42 -44.07
N LEU A 19 16.46 4.42 -45.13
CA LEU A 19 16.73 3.47 -46.24
C LEU A 19 18.04 3.82 -46.98
N SER A 20 18.58 5.01 -46.80
CA SER A 20 19.72 5.40 -47.61
C SER A 20 20.98 4.76 -47.08
N HIS A 21 21.05 4.55 -45.78
CA HIS A 21 22.25 4.01 -45.19
C HIS A 21 22.32 2.48 -45.30
N VAL A 22 22.82 2.00 -46.45
CA VAL A 22 23.21 0.58 -46.64
C VAL A 22 24.66 0.39 -46.20
N LYS A 23 24.92 -0.70 -45.47
CA LYS A 23 26.23 -0.95 -44.87
C LYS A 23 27.07 -1.89 -45.75
N GLU A 24 28.36 -1.63 -45.90
CA GLU A 24 29.22 -2.53 -46.62
C GLU A 24 29.68 -3.66 -45.69
N GLU A 25 30.18 -4.76 -46.28
CA GLU A 25 30.39 -6.04 -45.54
C GLU A 25 31.40 -5.94 -44.37
N ASN A 26 32.45 -5.15 -44.55
CA ASN A 26 33.47 -5.01 -43.53
C ASN A 26 33.39 -3.64 -42.80
N THR A 27 32.20 -3.11 -42.60
CA THR A 27 31.98 -1.80 -42.01
C THR A 27 31.18 -1.85 -40.70
N ILE A 28 31.74 -1.29 -39.64
CA ILE A 28 31.10 -1.24 -38.34
C ILE A 28 30.86 0.22 -37.97
N TYR A 29 29.64 0.62 -37.59
CA TYR A 29 29.43 2.00 -37.14
C TYR A 29 29.95 2.22 -35.73
N VAL A 30 30.37 3.45 -35.43
CA VAL A 30 30.81 3.77 -34.11
C VAL A 30 29.67 3.48 -33.11
N THR A 31 28.44 3.85 -33.45
CA THR A 31 27.29 3.54 -32.57
C THR A 31 27.16 2.03 -32.35
N ASP A 32 27.52 1.21 -33.30
CA ASP A 32 27.46 -0.23 -33.08
C ASP A 32 28.40 -0.72 -32.01
N LEU A 33 29.53 -0.07 -31.84
CA LEU A 33 30.55 -0.59 -30.92
C LEU A 33 30.13 -0.37 -29.47
N VAL A 34 29.18 0.52 -29.23
CA VAL A 34 28.69 0.71 -27.87
C VAL A 34 27.27 0.11 -27.62
N ARG A 35 26.82 -0.76 -28.51
CA ARG A 35 25.55 -1.42 -28.37
C ARG A 35 25.62 -2.95 -28.42
N CYS A 36 24.48 -3.56 -28.17
CA CYS A 36 24.40 -5.03 -28.11
C CYS A 36 24.82 -5.65 -29.42
N PRO A 37 25.79 -6.55 -29.38
CA PRO A 37 26.20 -7.14 -30.63
C PRO A 37 25.08 -7.86 -31.32
N ARG A 38 24.18 -8.51 -30.61
CA ARG A 38 23.08 -9.20 -31.30
C ARG A 38 22.16 -8.20 -31.95
N ARG A 39 21.94 -7.06 -31.32
CA ARG A 39 21.02 -6.13 -31.84
C ARG A 39 21.57 -5.59 -33.14
N VAL A 40 22.89 -5.38 -33.17
CA VAL A 40 23.55 -4.90 -34.36
C VAL A 40 23.34 -5.88 -35.47
N ARG A 41 23.48 -7.16 -35.21
CA ARG A 41 23.33 -8.18 -36.27
C ARG A 41 21.85 -8.37 -36.64
N TYR A 42 20.94 -8.25 -35.72
CA TYR A 42 19.50 -8.17 -36.11
C TYR A 42 19.19 -7.06 -37.09
N GLU A 43 19.83 -5.91 -36.93
CA GLU A 43 19.42 -4.76 -37.75
C GLU A 43 19.83 -4.99 -39.21
N SER A 44 20.71 -5.96 -39.43
CA SER A 44 21.14 -6.25 -40.76
C SER A 44 20.61 -7.60 -41.28
N GLU A 45 20.17 -8.50 -40.40
CA GLU A 45 19.45 -9.72 -40.82
C GLU A 45 17.94 -9.55 -40.89
N TYR A 46 17.36 -8.61 -40.14
CA TYR A 46 15.92 -8.40 -40.13
C TYR A 46 15.59 -6.94 -40.44
N LYS A 47 16.03 -6.49 -41.61
CA LYS A 47 15.96 -5.08 -41.99
C LYS A 47 14.53 -4.62 -42.06
N GLU A 48 13.61 -5.53 -42.40
CA GLU A 48 12.19 -5.18 -42.49
C GLU A 48 11.64 -4.85 -41.07
N LEU A 49 12.05 -5.63 -40.08
CA LEU A 49 11.65 -5.33 -38.73
C LEU A 49 12.37 -4.06 -38.22
N ALA A 50 13.67 -3.97 -38.47
CA ALA A 50 14.43 -2.81 -38.07
C ALA A 50 13.81 -1.48 -38.51
N ILE A 51 13.10 -1.47 -39.62
CA ILE A 51 12.53 -0.22 -40.12
C ILE A 51 11.55 0.35 -39.14
N SER A 52 11.13 -0.42 -38.15
CA SER A 52 10.08 0.12 -37.26
C SER A 52 10.68 1.21 -36.39
N GLN A 53 12.00 1.14 -36.20
CA GLN A 53 12.78 2.12 -35.44
C GLN A 53 12.62 3.51 -35.98
N VAL A 54 12.40 3.68 -37.26
CA VAL A 54 12.15 4.98 -37.90
C VAL A 54 10.97 5.68 -37.26
N TYR A 55 10.02 4.93 -36.72
CA TYR A 55 8.78 5.52 -36.23
C TYR A 55 8.81 5.76 -34.68
N ALA A 56 9.92 5.53 -34.03
CA ALA A 56 10.02 5.85 -32.60
C ALA A 56 9.92 7.36 -32.42
N PRO A 57 8.86 7.86 -31.78
CA PRO A 57 8.72 9.26 -31.63
C PRO A 57 9.89 9.94 -30.92
N SER A 58 10.55 9.26 -29.99
CA SER A 58 11.67 9.88 -29.31
C SER A 58 12.81 10.10 -30.29
N ALA A 59 12.85 9.31 -31.36
CA ALA A 59 13.91 9.43 -32.36
C ALA A 59 13.59 10.64 -33.21
N ILE A 60 12.29 10.86 -33.44
CA ILE A 60 11.89 11.98 -34.28
C ILE A 60 12.14 13.26 -33.53
N LEU A 61 11.82 13.27 -32.24
CA LEU A 61 12.11 14.44 -31.38
C LEU A 61 13.63 14.71 -31.41
N GLY A 62 14.37 13.64 -31.13
CA GLY A 62 15.84 13.68 -31.14
C GLY A 62 16.36 14.26 -32.41
N ASP A 63 15.80 13.89 -33.56
CA ASP A 63 16.42 14.30 -34.80
C ASP A 63 16.19 15.76 -35.03
N ILE A 64 14.98 16.26 -34.75
CA ILE A 64 14.63 17.64 -34.87
C ILE A 64 15.46 18.49 -33.92
N LEU A 65 15.76 18.00 -32.72
CA LEU A 65 16.61 18.76 -31.79
C LEU A 65 18.00 18.88 -32.34
N HIS A 66 18.56 17.76 -32.78
CA HIS A 66 19.84 17.81 -33.44
C HIS A 66 19.76 18.88 -34.52
N LEU A 67 18.73 18.87 -35.34
CA LEU A 67 18.76 19.77 -36.47
C LEU A 67 18.82 21.21 -35.98
N GLY A 68 18.18 21.52 -34.86
CA GLY A 68 18.03 22.90 -34.41
C GLY A 68 19.33 23.38 -33.82
N LEU A 69 20.00 22.49 -33.12
CA LEU A 69 21.14 22.84 -32.26
C LEU A 69 22.32 22.71 -33.17
N GLU A 70 22.27 21.76 -34.08
CA GLU A 70 23.17 21.84 -35.24
C GLU A 70 23.08 23.19 -35.98
N SER A 71 21.91 23.72 -36.29
CA SER A 71 21.93 25.03 -36.96
C SER A 71 22.52 26.16 -36.09
N VAL A 72 22.23 26.20 -34.79
CA VAL A 72 22.85 27.25 -33.95
C VAL A 72 24.40 27.19 -34.02
N LEU A 73 24.93 25.98 -33.97
CA LEU A 73 26.36 25.79 -33.93
C LEU A 73 26.93 26.31 -35.19
N LYS A 74 26.31 25.97 -36.30
CA LYS A 74 26.84 26.32 -37.62
C LYS A 74 26.93 27.81 -37.80
N GLY A 75 25.94 28.54 -37.30
CA GLY A 75 25.83 29.94 -37.58
C GLY A 75 26.47 30.89 -36.58
N ASN A 76 27.02 30.36 -35.49
CA ASN A 76 27.64 31.16 -34.47
C ASN A 76 28.98 30.62 -34.01
N PHE A 77 29.30 29.37 -34.33
CA PHE A 77 30.58 28.76 -34.00
C PHE A 77 31.29 28.22 -35.23
N ASN A 78 30.91 28.60 -36.42
CA ASN A 78 31.57 28.06 -37.65
C ASN A 78 31.97 26.55 -37.53
N ALA A 79 30.95 25.73 -37.32
CA ALA A 79 31.09 24.27 -37.22
C ALA A 79 30.64 23.67 -38.49
N GLU A 80 31.18 22.51 -38.76
CA GLU A 80 30.61 21.62 -39.71
C GLU A 80 29.69 20.64 -38.99
N THR A 81 28.50 20.40 -39.53
CA THR A 81 27.59 19.39 -39.00
C THR A 81 27.53 18.13 -39.83
N GLU A 82 27.09 17.03 -39.21
CA GLU A 82 26.88 15.77 -39.90
C GLU A 82 28.11 15.39 -40.69
N VAL A 83 29.27 15.50 -40.06
CA VAL A 83 30.52 15.14 -40.68
C VAL A 83 30.74 13.60 -40.63
N GLU A 84 30.79 12.93 -41.77
CA GLU A 84 31.11 11.47 -41.81
C GLU A 84 32.59 11.22 -42.02
N THR A 85 33.14 10.18 -41.46
CA THR A 85 34.49 9.80 -41.80
C THR A 85 34.67 8.32 -41.54
N LEU A 86 35.85 7.82 -41.90
CA LEU A 86 36.05 6.41 -42.04
C LEU A 86 37.46 6.18 -41.62
N ARG A 87 37.74 5.16 -40.83
CA ARG A 87 39.10 4.76 -40.49
C ARG A 87 39.17 3.25 -40.43
N GLU A 88 40.30 2.66 -40.83
CA GLU A 88 40.42 1.20 -40.94
C GLU A 88 41.12 0.60 -39.76
N ILE A 89 40.74 -0.63 -39.37
CA ILE A 89 41.37 -1.34 -38.26
C ILE A 89 41.50 -2.79 -38.56
N ASN A 90 42.44 -3.45 -37.89
CA ASN A 90 42.71 -4.89 -38.05
C ASN A 90 42.06 -5.75 -36.94
N VAL A 91 41.15 -6.64 -37.33
CA VAL A 91 40.49 -7.56 -36.38
C VAL A 91 40.62 -9.00 -36.88
N GLY A 92 41.22 -9.85 -36.06
CA GLY A 92 41.50 -11.24 -36.45
C GLY A 92 42.26 -11.33 -37.77
N GLY A 93 43.19 -10.36 -37.95
CA GLY A 93 43.92 -10.11 -39.20
C GLY A 93 43.10 -9.69 -40.44
N LYS A 94 41.89 -9.19 -40.24
CA LYS A 94 41.01 -8.82 -41.35
C LYS A 94 40.80 -7.32 -41.28
N VAL A 95 40.47 -6.69 -42.39
CA VAL A 95 40.32 -5.23 -42.35
C VAL A 95 38.86 -4.82 -42.28
N TYR A 96 38.52 -4.08 -41.23
CA TYR A 96 37.22 -3.46 -41.12
C TYR A 96 37.38 -1.97 -41.08
N LYS A 97 36.45 -1.27 -41.71
CA LYS A 97 36.31 0.16 -41.59
C LYS A 97 35.40 0.50 -40.42
N ILE A 98 35.85 1.33 -39.48
CA ILE A 98 34.95 1.94 -38.50
C ILE A 98 34.47 3.25 -39.09
N LYS A 99 33.17 3.42 -39.18
CA LYS A 99 32.58 4.59 -39.79
C LYS A 99 31.73 5.33 -38.76
N GLY A 100 31.81 6.64 -38.78
CA GLY A 100 31.09 7.47 -37.85
C GLY A 100 30.67 8.78 -38.44
N ARG A 101 29.80 9.45 -37.74
CA ARG A 101 29.29 10.68 -38.14
C ARG A 101 29.00 11.54 -36.92
N ALA A 102 29.75 12.63 -36.84
CA ALA A 102 29.74 13.50 -35.71
C ALA A 102 28.60 14.46 -35.88
N ASP A 103 27.92 14.82 -34.82
CA ASP A 103 26.81 15.75 -34.96
C ASP A 103 27.34 17.09 -35.41
N ALA A 104 28.44 17.54 -34.77
CA ALA A 104 29.15 18.77 -35.21
C ALA A 104 30.63 18.69 -34.85
N ILE A 105 31.44 19.36 -35.66
CA ILE A 105 32.88 19.54 -35.38
C ILE A 105 33.26 20.98 -35.51
N ILE A 106 33.94 21.50 -34.51
CA ILE A 106 34.29 22.91 -34.50
C ILE A 106 35.81 23.12 -34.76
N ARG A 107 36.07 24.11 -35.62
CA ARG A 107 37.39 24.70 -35.97
C ARG A 107 38.46 23.65 -36.30
N LYS A 112 43.22 22.59 -34.27
CA LYS A 112 42.58 22.28 -33.01
C LYS A 112 41.05 22.03 -33.19
N SER A 113 40.61 20.77 -33.20
CA SER A 113 39.18 20.53 -33.38
C SER A 113 38.44 19.83 -32.21
N ILE A 114 37.15 20.15 -32.13
CA ILE A 114 36.29 19.78 -31.06
C ILE A 114 35.12 19.02 -31.68
N VAL A 115 34.95 17.76 -31.28
CA VAL A 115 33.80 16.94 -31.72
C VAL A 115 32.71 17.18 -30.75
N ILE A 116 31.54 17.48 -31.25
CA ILE A 116 30.37 17.68 -30.42
C ILE A 116 29.32 16.58 -30.62
N GLU A 117 28.87 15.97 -29.55
CA GLU A 117 27.88 14.95 -29.60
C GLU A 117 26.72 15.43 -28.79
N ILE A 118 25.54 15.52 -29.41
CA ILE A 118 24.36 16.06 -28.75
C ILE A 118 23.47 14.91 -28.32
N LYS A 119 22.89 14.97 -27.12
CA LYS A 119 21.98 13.88 -26.65
C LYS A 119 20.77 14.50 -26.09
N THR A 120 19.65 13.82 -26.23
CA THR A 120 18.40 14.31 -25.65
C THR A 120 17.79 13.12 -24.95
N SER A 121 17.50 13.18 -23.67
CA SER A 121 16.84 12.08 -22.95
C SER A 121 15.70 12.75 -22.35
N ARG A 122 14.74 12.02 -21.87
CA ARG A 122 13.61 12.63 -21.24
C ARG A 122 13.88 12.73 -19.76
N SER A 123 14.99 12.18 -19.37
CA SER A 123 15.45 12.21 -17.98
C SER A 123 16.94 12.61 -17.85
N ASP A 124 17.28 13.37 -16.83
CA ASP A 124 18.66 13.79 -16.58
C ASP A 124 19.31 12.93 -15.55
N LYS A 125 18.78 11.74 -15.33
CA LYS A 125 19.34 10.84 -14.35
C LYS A 125 20.72 10.28 -14.75
N GLY A 126 21.71 10.42 -13.87
CA GLY A 126 23.05 9.76 -14.07
C GLY A 126 23.99 10.32 -15.16
N LEU A 127 23.71 11.53 -15.64
CA LEU A 127 24.51 12.09 -16.72
C LEU A 127 25.92 12.32 -16.23
N PRO A 128 26.90 12.09 -17.08
CA PRO A 128 26.85 11.59 -18.43
C PRO A 128 26.78 10.09 -18.47
N LEU A 129 26.06 9.53 -19.43
CA LEU A 129 25.91 8.07 -19.43
C LEU A 129 27.14 7.47 -20.05
N ILE A 130 27.58 6.34 -19.52
CA ILE A 130 28.84 5.73 -19.93
C ILE A 130 28.87 5.45 -21.42
N HIS A 131 27.79 4.93 -21.99
CA HIS A 131 27.79 4.59 -23.43
C HIS A 131 27.81 5.78 -24.34
N HIS A 132 27.24 6.89 -23.88
CA HIS A 132 27.38 8.14 -24.59
C HIS A 132 28.81 8.67 -24.51
N LYS A 133 29.37 8.71 -23.32
CA LYS A 133 30.81 8.99 -23.22
C LYS A 133 31.68 8.10 -24.17
N MSE A 134 31.40 6.80 -24.29
CA MSE A 134 32.32 5.96 -25.08
C MSE A 134 32.21 6.31 -26.57
O MSE A 134 33.20 6.37 -27.28
CB MSE A 134 32.07 4.46 -24.90
CG MSE A 134 32.68 3.85 -23.64
SE MSE A 134 31.89 2.14 -23.14
CE MSE A 134 32.40 1.20 -24.76
N GLN A 135 30.98 6.52 -27.02
CA GLN A 135 30.74 6.96 -28.35
C GLN A 135 31.64 8.14 -28.66
N LEU A 136 31.58 9.16 -27.84
CA LEU A 136 32.34 10.37 -28.08
C LEU A 136 33.83 10.08 -28.05
N GLN A 137 34.23 9.34 -27.05
CA GLN A 137 35.62 8.96 -26.95
C GLN A 137 36.04 8.24 -28.18
N ILE A 138 35.14 7.48 -28.82
CA ILE A 138 35.54 6.86 -30.07
C ILE A 138 35.64 7.86 -31.20
N TYR A 139 34.67 8.76 -31.34
CA TYR A 139 34.77 9.82 -32.32
C TYR A 139 36.14 10.60 -32.20
N LEU A 140 36.57 10.96 -31.02
CA LEU A 140 37.93 11.53 -30.88
C LEU A 140 38.99 10.68 -31.63
N TRP A 141 38.95 9.36 -31.47
CA TRP A 141 39.91 8.52 -32.13
C TRP A 141 39.69 8.64 -33.59
N LEU A 142 38.45 8.49 -33.99
CA LEU A 142 38.10 8.46 -35.39
C LEU A 142 38.46 9.73 -36.15
N PHE A 143 38.15 10.89 -35.59
CA PHE A 143 38.43 12.16 -36.27
C PHE A 143 39.79 12.70 -35.85
N SER A 144 40.55 11.93 -35.09
CA SER A 144 41.80 12.39 -34.52
C SER A 144 41.65 13.78 -33.96
N ALA A 145 40.53 14.00 -33.24
CA ALA A 145 40.21 15.31 -32.64
C ALA A 145 40.71 15.31 -31.22
N GLU A 146 40.92 16.51 -30.67
CA GLU A 146 41.60 16.64 -29.37
C GLU A 146 40.65 17.00 -28.26
N LYS A 147 39.53 17.64 -28.59
CA LYS A 147 38.51 17.92 -27.61
C LYS A 147 37.19 17.26 -28.00
N GLY A 148 36.41 16.92 -26.99
CA GLY A 148 35.06 16.43 -27.20
C GLY A 148 34.11 17.17 -26.29
N ILE A 149 32.96 17.55 -26.82
CA ILE A 149 31.89 18.00 -25.95
C ILE A 149 30.67 17.08 -26.09
N LEU A 150 30.07 16.70 -24.96
CA LEU A 150 28.84 15.92 -24.86
C LEU A 150 27.79 16.80 -24.20
N VAL A 151 26.80 17.28 -24.95
CA VAL A 151 25.79 18.17 -24.37
C VAL A 151 24.43 17.49 -24.35
N TYR A 152 23.75 17.52 -23.18
CA TYR A 152 22.43 16.96 -23.02
C TYR A 152 21.43 18.04 -22.93
N ILE A 153 20.36 17.94 -23.72
CA ILE A 153 19.20 18.86 -23.66
C ILE A 153 18.06 17.97 -23.23
N THR A 154 17.60 18.07 -21.96
CA THR A 154 16.52 17.28 -21.44
C THR A 154 15.50 18.21 -20.81
N PRO A 155 14.29 17.74 -20.55
CA PRO A 155 13.32 18.72 -20.06
C PRO A 155 13.61 19.17 -18.64
N ASP A 156 14.52 18.49 -17.96
CA ASP A 156 14.81 18.84 -16.54
C ASP A 156 16.12 19.57 -16.39
N ARG A 157 16.96 19.55 -17.42
CA ARG A 157 18.30 20.07 -17.26
C ARG A 157 19.02 20.09 -18.58
N ILE A 158 19.83 21.13 -18.75
CA ILE A 158 20.83 21.19 -19.78
C ILE A 158 22.15 20.90 -19.09
N ALA A 159 22.95 19.98 -19.61
CA ALA A 159 24.17 19.66 -18.94
C ALA A 159 25.21 19.37 -19.99
N GLU A 160 26.41 19.92 -19.82
CA GLU A 160 27.49 19.81 -20.82
C GLU A 160 28.74 19.25 -20.17
N TYR A 161 29.41 18.34 -20.83
CA TYR A 161 30.57 17.63 -20.28
C TYR A 161 31.67 17.70 -21.31
N GLU A 162 32.83 18.11 -20.86
CA GLU A 162 34.07 18.06 -21.60
C GLU A 162 34.71 16.67 -21.51
N ILE A 163 34.94 16.02 -22.63
CA ILE A 163 35.50 14.67 -22.64
C ILE A 163 36.62 14.81 -23.65
N ASN A 164 37.87 14.68 -23.20
CA ASN A 164 39.03 14.89 -24.06
C ASN A 164 39.97 13.71 -24.18
N GLU A 165 39.69 12.59 -23.52
CA GLU A 165 40.54 11.41 -23.69
C GLU A 165 39.90 10.44 -24.69
N PRO A 166 40.61 10.14 -25.75
CA PRO A 166 40.04 9.18 -26.68
C PRO A 166 40.22 7.78 -26.13
N LEU A 167 39.48 6.82 -26.67
CA LEU A 167 39.68 5.41 -26.41
C LEU A 167 40.86 5.01 -27.25
N ASP A 168 41.76 4.20 -26.71
CA ASP A 168 42.86 3.71 -27.53
C ASP A 168 42.38 2.71 -28.56
N GLU A 169 43.18 2.53 -29.59
CA GLU A 169 42.80 1.70 -30.71
C GLU A 169 42.58 0.22 -30.33
N ALA A 170 43.41 -0.29 -29.44
CA ALA A 170 43.22 -1.63 -28.86
C ALA A 170 41.86 -1.83 -28.15
N THR A 171 41.34 -0.83 -27.46
CA THR A 171 39.99 -0.95 -26.89
C THR A 171 39.00 -1.03 -28.05
N ILE A 172 39.21 -0.18 -29.03
CA ILE A 172 38.34 -0.17 -30.19
C ILE A 172 38.31 -1.52 -30.88
N VAL A 173 39.47 -2.11 -31.10
CA VAL A 173 39.56 -3.45 -31.66
C VAL A 173 38.82 -4.51 -30.80
N ARG A 174 38.96 -4.43 -29.48
CA ARG A 174 38.23 -5.32 -28.59
C ARG A 174 36.70 -5.18 -28.77
N LEU A 175 36.22 -3.93 -28.77
CA LEU A 175 34.83 -3.64 -28.99
C LEU A 175 34.39 -4.19 -30.35
N ALA A 176 35.25 -4.03 -31.35
CA ALA A 176 34.88 -4.54 -32.66
C ALA A 176 34.82 -6.06 -32.69
N GLU A 177 35.58 -6.75 -31.83
CA GLU A 177 35.61 -8.22 -31.83
C GLU A 177 34.29 -8.72 -31.33
N ASP A 178 33.93 -8.30 -30.13
CA ASP A 178 32.59 -8.51 -29.57
C ASP A 178 31.49 -8.30 -30.60
N THR A 179 31.61 -7.23 -31.38
CA THR A 179 30.60 -6.95 -32.33
C THR A 179 30.60 -7.97 -33.45
N ILE A 180 31.76 -8.47 -33.85
CA ILE A 180 31.81 -9.38 -34.97
C ILE A 180 31.42 -10.77 -34.52
N MSE A 181 31.88 -11.16 -33.35
CA MSE A 181 31.65 -12.54 -32.87
C MSE A 181 30.64 -12.62 -31.73
O MSE A 181 30.68 -13.54 -30.91
CB MSE A 181 32.98 -13.14 -32.47
CG MSE A 181 33.88 -13.53 -33.68
SE MSE A 181 35.61 -13.17 -32.89
CE MSE A 181 36.89 -13.55 -34.41
N LEU A 182 29.74 -11.66 -31.66
CA LEU A 182 28.67 -11.73 -30.71
C LEU A 182 29.13 -12.15 -29.35
N GLN A 183 30.11 -11.47 -28.75
CA GLN A 183 30.68 -12.00 -27.49
C GLN A 183 29.78 -11.80 -26.25
N ASN A 184 29.41 -10.56 -25.90
CA ASN A 184 28.60 -10.38 -24.67
C ASN A 184 27.33 -9.56 -24.90
N SER A 185 26.20 -10.25 -24.97
CA SER A 185 24.89 -9.62 -25.23
C SER A 185 23.92 -9.75 -24.06
N PRO A 186 23.27 -8.68 -23.65
CA PRO A 186 23.41 -7.38 -24.21
C PRO A 186 24.67 -6.71 -23.68
N ARG A 187 25.15 -5.70 -24.38
CA ARG A 187 26.25 -4.97 -23.82
C ARG A 187 25.86 -4.36 -22.45
N PHE A 188 24.63 -3.85 -22.28
CA PHE A 188 24.19 -3.13 -21.07
C PHE A 188 22.84 -3.69 -20.69
N ASN A 189 22.65 -3.96 -19.42
CA ASN A 189 21.41 -4.59 -18.95
C ASN A 189 20.11 -3.89 -19.33
N TRP A 190 20.12 -2.57 -19.46
CA TRP A 190 18.90 -1.83 -19.80
C TRP A 190 18.48 -1.98 -21.29
N GLU A 191 19.32 -2.60 -22.13
CA GLU A 191 19.02 -2.59 -23.56
C GLU A 191 17.78 -3.38 -23.95
N CYS A 192 17.65 -4.57 -23.38
CA CYS A 192 16.58 -5.52 -23.74
C CYS A 192 15.21 -4.90 -23.62
N LYS A 193 15.06 -4.09 -22.60
CA LYS A 193 13.77 -3.56 -22.28
C LYS A 193 13.18 -2.79 -23.43
N TYR A 194 14.01 -2.20 -24.30
CA TYR A 194 13.50 -1.34 -25.36
C TYR A 194 13.80 -1.87 -26.76
N CYS A 195 14.43 -3.03 -26.83
CA CYS A 195 14.87 -3.60 -28.05
C CYS A 195 13.66 -4.23 -28.79
N ILE A 196 13.40 -3.79 -30.02
CA ILE A 196 12.38 -4.41 -30.89
C ILE A 196 12.65 -5.92 -31.27
N PHE A 197 13.88 -6.42 -31.11
CA PHE A 197 14.23 -7.85 -31.37
C PHE A 197 14.09 -8.74 -30.14
N SER A 198 13.73 -8.16 -29.00
CA SER A 198 13.55 -8.97 -27.81
C SER A 198 12.55 -10.06 -28.06
N VAL A 199 11.59 -9.82 -28.95
CA VAL A 199 10.48 -10.78 -29.17
C VAL A 199 10.93 -12.06 -29.84
N ILE A 200 12.11 -12.05 -30.43
CA ILE A 200 12.69 -13.25 -31.06
C ILE A 200 14.09 -13.56 -30.58
N CYS A 201 14.60 -12.89 -29.52
CA CYS A 201 15.98 -13.09 -29.11
C CYS A 201 16.15 -13.98 -27.89
N PRO A 202 17.00 -14.98 -28.00
CA PRO A 202 17.20 -15.90 -26.92
C PRO A 202 17.98 -15.38 -25.73
N ALA A 203 18.73 -14.29 -25.91
CA ALA A 203 19.57 -13.74 -24.85
C ALA A 203 18.89 -12.63 -24.06
N LYS A 204 17.66 -12.28 -24.42
CA LYS A 204 16.93 -11.25 -23.71
C LYS A 204 16.98 -11.51 -22.24
N LEU A 205 17.27 -10.45 -21.48
CA LEU A 205 17.31 -10.52 -20.04
C LEU A 205 15.90 -10.52 -19.56
N THR A 206 15.59 -11.42 -18.62
CA THR A 206 14.24 -11.53 -18.06
C THR A 206 14.22 -11.46 -16.53
N TYR B 1 24.28 -21.05 -35.96
CA TYR B 1 23.04 -20.32 -36.47
C TYR B 1 22.68 -19.10 -35.57
N PHE B 2 22.51 -17.93 -36.18
CA PHE B 2 22.42 -16.69 -35.42
C PHE B 2 21.09 -16.58 -34.66
N GLN B 3 20.00 -16.66 -35.40
CA GLN B 3 18.64 -16.59 -34.82
C GLN B 3 18.09 -17.94 -34.38
N GLY B 4 18.55 -18.99 -35.04
CA GLY B 4 18.11 -20.31 -34.77
C GLY B 4 17.55 -20.89 -36.04
N MSE B 5 17.83 -22.16 -36.27
CA MSE B 5 17.46 -22.84 -37.50
C MSE B 5 15.92 -22.91 -37.62
O MSE B 5 15.36 -22.72 -38.68
CB MSE B 5 18.08 -24.25 -37.52
CG MSE B 5 17.98 -24.99 -38.84
SE MSE B 5 18.61 -26.80 -38.71
CE MSE B 5 17.14 -27.51 -37.76
N ILE B 6 15.26 -23.19 -36.52
CA ILE B 6 13.82 -23.33 -36.61
C ILE B 6 13.22 -21.96 -36.79
N THR B 7 13.57 -21.03 -35.89
CA THR B 7 12.87 -19.75 -35.87
C THR B 7 13.21 -18.89 -37.09
N GLU B 8 14.45 -18.97 -37.58
CA GLU B 8 14.78 -18.38 -38.89
C GLU B 8 13.74 -18.80 -39.95
N PHE B 9 13.33 -20.06 -39.92
CA PHE B 9 12.43 -20.52 -40.96
C PHE B 9 11.00 -20.00 -40.78
N LEU B 10 10.49 -20.05 -39.57
CA LEU B 10 9.09 -19.59 -39.28
C LEU B 10 8.94 -18.13 -39.56
N LEU B 11 10.00 -17.37 -39.26
CA LEU B 11 10.01 -15.92 -39.52
C LEU B 11 10.05 -15.62 -41.01
N LYS B 12 10.81 -16.41 -41.72
CA LYS B 12 10.89 -16.24 -43.12
C LYS B 12 9.54 -16.50 -43.74
N LYS B 13 8.87 -17.58 -43.30
CA LYS B 13 7.60 -17.94 -43.89
C LYS B 13 6.55 -16.96 -43.48
N LYS B 14 6.65 -16.41 -42.29
CA LYS B 14 5.55 -15.56 -41.92
C LYS B 14 5.68 -14.20 -42.59
N LEU B 15 6.93 -13.79 -42.86
CA LEU B 15 7.17 -12.56 -43.63
C LEU B 15 6.62 -12.76 -45.03
N GLU B 16 7.04 -13.83 -45.68
CA GLU B 16 6.47 -14.22 -47.00
C GLU B 16 4.93 -14.20 -47.05
N GLU B 17 4.27 -14.86 -46.12
CA GLU B 17 2.81 -14.90 -46.11
C GLU B 17 2.24 -13.48 -45.96
N HIS B 18 2.86 -12.66 -45.14
CA HIS B 18 2.37 -11.31 -44.96
C HIS B 18 2.50 -10.53 -46.25
N LEU B 19 3.64 -10.61 -46.90
CA LEU B 19 3.83 -9.88 -48.15
C LEU B 19 2.96 -10.41 -49.32
N SER B 20 2.45 -11.64 -49.19
CA SER B 20 1.63 -12.29 -50.22
C SER B 20 0.20 -11.80 -50.24
N HIS B 21 -0.24 -11.14 -49.18
CA HIS B 21 -1.61 -10.68 -49.17
C HIS B 21 -1.58 -9.26 -49.63
N VAL B 22 -1.91 -9.09 -50.90
CA VAL B 22 -2.14 -7.77 -51.49
C VAL B 22 -3.64 -7.47 -51.46
N LYS B 23 -3.96 -6.26 -50.99
CA LYS B 23 -5.33 -5.81 -50.86
C LYS B 23 -5.65 -4.85 -51.98
N GLU B 24 -6.78 -5.06 -52.66
CA GLU B 24 -7.32 -4.19 -53.68
C GLU B 24 -7.92 -2.91 -53.12
N GLU B 25 -8.14 -1.97 -54.02
CA GLU B 25 -8.45 -0.57 -53.70
C GLU B 25 -9.80 -0.40 -53.00
N ASN B 26 -10.78 -1.18 -53.42
CA ASN B 26 -12.13 -1.01 -52.91
C ASN B 26 -12.57 -2.27 -52.14
N THR B 27 -11.57 -2.94 -51.57
CA THR B 27 -11.79 -4.16 -50.91
C THR B 27 -11.59 -3.88 -49.43
N ILE B 28 -12.56 -4.30 -48.62
CA ILE B 28 -12.50 -4.31 -47.17
C ILE B 28 -12.48 -5.73 -46.64
N TYR B 29 -11.51 -6.06 -45.78
CA TYR B 29 -11.48 -7.38 -45.12
C TYR B 29 -12.56 -7.40 -44.01
N VAL B 30 -13.06 -8.60 -43.69
CA VAL B 30 -14.04 -8.72 -42.60
C VAL B 30 -13.39 -8.25 -41.29
N THR B 31 -12.14 -8.63 -41.09
CA THR B 31 -11.45 -8.25 -39.94
C THR B 31 -11.29 -6.74 -39.82
N ASP B 32 -11.29 -6.01 -40.93
CA ASP B 32 -11.25 -4.54 -40.89
C ASP B 32 -12.53 -3.93 -40.37
N LEU B 33 -13.65 -4.59 -40.62
CA LEU B 33 -14.94 -4.03 -40.23
C LEU B 33 -15.16 -4.01 -38.69
N VAL B 34 -14.39 -4.82 -37.96
CA VAL B 34 -14.53 -4.90 -36.54
C VAL B 34 -13.25 -4.37 -35.84
N ARG B 35 -12.53 -3.49 -36.50
CA ARG B 35 -11.49 -2.83 -35.80
C ARG B 35 -11.36 -1.39 -36.20
N CYS B 36 -10.49 -0.67 -35.53
CA CYS B 36 -10.35 0.80 -35.66
C CYS B 36 -10.14 1.18 -37.10
N PRO B 37 -10.94 2.08 -37.61
CA PRO B 37 -10.79 2.56 -38.97
C PRO B 37 -9.42 3.17 -39.25
N ARG B 38 -8.90 4.01 -38.37
CA ARG B 38 -7.61 4.59 -38.58
C ARG B 38 -6.56 3.50 -38.66
N ARG B 39 -6.70 2.44 -37.89
CA ARG B 39 -5.68 1.40 -37.88
C ARG B 39 -5.64 0.69 -39.20
N VAL B 40 -6.82 0.48 -39.77
CA VAL B 40 -6.94 -0.20 -41.07
C VAL B 40 -6.30 0.61 -42.20
N ARG B 41 -6.52 1.90 -42.17
CA ARG B 41 -5.89 2.81 -43.15
C ARG B 41 -4.34 2.98 -42.93
N TYR B 42 -3.85 3.04 -41.69
CA TYR B 42 -2.41 3.06 -41.44
C TYR B 42 -1.75 1.83 -42.01
N GLU B 43 -2.40 0.67 -41.89
CA GLU B 43 -1.84 -0.58 -42.45
C GLU B 43 -1.71 -0.52 -43.99
N SER B 44 -2.46 0.38 -44.59
CA SER B 44 -2.41 0.55 -46.01
C SER B 44 -1.43 1.67 -46.39
N GLU B 45 -1.32 2.70 -45.54
CA GLU B 45 -0.36 3.83 -45.75
C GLU B 45 1.09 3.63 -45.28
N TYR B 46 1.33 2.77 -44.32
CA TYR B 46 2.62 2.66 -43.69
C TYR B 46 2.84 1.16 -43.55
N LYS B 47 2.99 0.53 -44.71
CA LYS B 47 3.12 -0.91 -44.84
C LYS B 47 4.43 -1.39 -44.32
N GLU B 48 5.46 -0.57 -44.45
CA GLU B 48 6.80 -0.93 -43.96
C GLU B 48 6.79 -0.97 -42.40
N LEU B 49 6.10 -0.03 -41.76
CA LEU B 49 5.83 -0.16 -40.29
C LEU B 49 4.91 -1.36 -39.98
N ALA B 50 3.83 -1.57 -40.74
CA ALA B 50 2.89 -2.70 -40.47
C ALA B 50 3.55 -4.04 -40.48
N ILE B 51 4.65 -4.14 -41.20
CA ILE B 51 5.40 -5.39 -41.26
C ILE B 51 5.87 -5.80 -39.91
N SER B 52 5.96 -4.85 -38.98
CA SER B 52 6.46 -5.18 -37.65
C SER B 52 5.54 -6.17 -36.93
N GLN B 53 4.24 -6.18 -37.25
CA GLN B 53 3.24 -7.20 -36.82
CA GLN B 53 3.33 -7.20 -36.68
C GLN B 53 3.65 -8.64 -37.13
N VAL B 54 4.35 -8.84 -38.21
CA VAL B 54 4.80 -10.21 -38.52
C VAL B 54 5.51 -10.83 -37.36
N TYR B 55 6.14 -10.03 -36.52
CA TYR B 55 7.10 -10.57 -35.55
C TYR B 55 6.55 -10.66 -34.15
N ALA B 56 5.29 -10.28 -33.99
CA ALA B 56 4.61 -10.38 -32.71
C ALA B 56 4.49 -11.88 -32.31
N PRO B 57 5.17 -12.29 -31.24
CA PRO B 57 5.17 -13.74 -30.88
C PRO B 57 3.77 -14.34 -30.60
N SER B 58 2.84 -13.54 -30.09
CA SER B 58 1.46 -14.04 -29.96
C SER B 58 0.85 -14.39 -31.26
N ALA B 59 1.18 -13.67 -32.33
CA ALA B 59 0.68 -13.96 -33.69
C ALA B 59 1.34 -15.24 -34.23
N ILE B 60 2.62 -15.38 -34.02
CA ILE B 60 3.30 -16.58 -34.43
C ILE B 60 2.68 -17.76 -33.70
N LEU B 61 2.52 -17.65 -32.38
CA LEU B 61 1.91 -18.71 -31.60
C LEU B 61 0.50 -18.94 -32.09
N GLY B 62 -0.23 -17.88 -32.30
CA GLY B 62 -1.57 -17.99 -32.82
C GLY B 62 -1.61 -18.67 -34.19
N ASP B 63 -0.67 -18.38 -35.07
CA ASP B 63 -0.64 -19.05 -36.38
C ASP B 63 -0.30 -20.50 -36.24
N ILE B 64 0.54 -20.88 -35.31
CA ILE B 64 0.89 -22.30 -35.19
C ILE B 64 -0.31 -23.09 -34.64
N LEU B 65 -1.11 -22.49 -33.78
CA LEU B 65 -2.27 -23.20 -33.21
C LEU B 65 -3.35 -23.41 -34.24
N HIS B 66 -3.58 -22.38 -35.06
CA HIS B 66 -4.50 -22.52 -36.21
C HIS B 66 -4.00 -23.67 -37.06
N LEU B 67 -2.74 -23.69 -37.40
CA LEU B 67 -2.30 -24.78 -38.25
C LEU B 67 -2.59 -26.14 -37.59
N GLY B 68 -2.41 -26.28 -36.28
CA GLY B 68 -2.67 -27.55 -35.60
C GLY B 68 -4.16 -27.89 -35.56
N LEU B 69 -4.97 -26.96 -35.11
CA LEU B 69 -6.34 -27.22 -34.86
C LEU B 69 -6.99 -27.37 -36.19
N GLU B 70 -6.54 -26.60 -37.18
CA GLU B 70 -7.03 -26.79 -38.60
C GLU B 70 -6.71 -28.17 -39.15
N SER B 71 -5.53 -28.74 -38.89
CA SER B 71 -5.26 -30.06 -39.45
C SER B 71 -6.13 -31.15 -38.80
N VAL B 72 -6.50 -30.94 -37.52
CA VAL B 72 -7.38 -31.91 -36.82
C VAL B 72 -8.78 -31.87 -37.42
N LEU B 73 -9.26 -30.67 -37.74
CA LEU B 73 -10.55 -30.48 -38.35
C LEU B 73 -10.60 -31.05 -39.75
N LYS B 74 -9.52 -30.91 -40.48
CA LYS B 74 -9.49 -31.37 -41.86
C LYS B 74 -9.53 -32.87 -41.83
N GLY B 75 -8.77 -33.41 -40.89
CA GLY B 75 -8.61 -34.84 -40.79
C GLY B 75 -9.87 -35.55 -40.32
N ASN B 76 -10.62 -35.00 -39.35
CA ASN B 76 -11.69 -35.74 -38.71
C ASN B 76 -13.07 -35.18 -38.95
N PHE B 77 -13.22 -33.94 -39.40
CA PHE B 77 -14.53 -33.44 -39.79
C PHE B 77 -14.70 -33.13 -41.28
N ASN B 78 -13.74 -33.50 -42.12
CA ASN B 78 -13.89 -33.17 -43.57
C ASN B 78 -14.25 -31.66 -43.76
N ALA B 79 -13.39 -30.84 -43.17
CA ALA B 79 -13.46 -29.39 -43.25
C ALA B 79 -12.55 -28.90 -44.35
N GLU B 80 -12.94 -27.84 -45.01
CA GLU B 80 -11.94 -27.12 -45.80
C GLU B 80 -11.34 -26.13 -44.82
N THR B 81 -10.07 -25.80 -44.99
CA THR B 81 -9.49 -24.74 -44.17
C THR B 81 -9.01 -23.56 -44.99
N GLU B 82 -8.79 -22.44 -44.31
CA GLU B 82 -8.33 -21.17 -44.89
C GLU B 82 -9.10 -20.85 -46.17
N VAL B 83 -10.42 -20.84 -46.09
CA VAL B 83 -11.25 -20.66 -47.21
C VAL B 83 -11.61 -19.20 -47.47
N GLU B 84 -11.30 -18.69 -48.69
CA GLU B 84 -11.60 -17.27 -49.05
C GLU B 84 -12.89 -17.09 -49.80
N THR B 85 -13.56 -15.98 -49.61
CA THR B 85 -14.66 -15.61 -50.46
C THR B 85 -14.80 -14.06 -50.57
N LEU B 86 -15.50 -13.57 -51.60
CA LEU B 86 -15.70 -12.15 -51.82
C LEU B 86 -17.16 -11.90 -51.91
N ARG B 87 -17.62 -10.75 -51.53
CA ARG B 87 -18.96 -10.47 -51.77
C ARG B 87 -19.15 -8.96 -51.96
N GLU B 88 -20.03 -8.53 -52.82
CA GLU B 88 -20.09 -7.12 -53.09
C GLU B 88 -21.18 -6.49 -52.32
N ILE B 89 -20.91 -5.26 -51.89
CA ILE B 89 -21.90 -4.40 -51.29
C ILE B 89 -21.84 -3.00 -51.92
N ASN B 90 -22.99 -2.30 -51.89
CA ASN B 90 -23.05 -0.87 -52.22
C ASN B 90 -22.92 -0.02 -50.93
N VAL B 91 -21.87 0.80 -50.86
CA VAL B 91 -21.70 1.73 -49.73
C VAL B 91 -21.64 3.16 -50.26
N GLY B 92 -22.56 4.01 -49.81
CA GLY B 92 -22.70 5.32 -50.42
C GLY B 92 -23.37 5.11 -51.79
N GLY B 93 -22.63 5.38 -52.88
CA GLY B 93 -23.11 5.01 -54.22
C GLY B 93 -22.09 4.21 -54.99
N LYS B 94 -21.36 3.35 -54.29
CA LYS B 94 -20.16 2.76 -54.82
C LYS B 94 -20.05 1.30 -54.43
N VAL B 95 -19.45 0.49 -55.27
CA VAL B 95 -19.36 -0.91 -55.02
C VAL B 95 -18.06 -1.21 -54.30
N TYR B 96 -18.16 -1.93 -53.18
CA TYR B 96 -17.00 -2.42 -52.49
C TYR B 96 -17.10 -3.91 -52.43
N LYS B 97 -15.95 -4.53 -52.40
CA LYS B 97 -15.83 -5.93 -52.12
C LYS B 97 -15.51 -6.14 -50.62
N ILE B 98 -16.32 -6.96 -49.91
CA ILE B 98 -15.94 -7.50 -48.59
C ILE B 98 -15.21 -8.79 -48.78
N LYS B 99 -13.97 -8.93 -48.34
CA LYS B 99 -13.29 -10.20 -48.51
C LYS B 99 -13.13 -10.86 -47.17
N GLY B 100 -13.26 -12.19 -47.09
CA GLY B 100 -13.04 -12.87 -45.83
C GLY B 100 -12.29 -14.15 -46.01
N ARG B 101 -11.79 -14.70 -44.94
CA ARG B 101 -11.16 -16.01 -44.99
C ARG B 101 -11.50 -16.78 -43.71
N ALA B 102 -12.31 -17.83 -43.84
CA ALA B 102 -12.72 -18.66 -42.75
C ALA B 102 -11.53 -19.52 -42.33
N ASP B 103 -11.31 -19.66 -41.04
CA ASP B 103 -10.33 -20.64 -40.52
C ASP B 103 -10.69 -22.07 -40.95
N ALA B 104 -11.97 -22.44 -40.82
CA ALA B 104 -12.42 -23.65 -41.37
C ALA B 104 -13.88 -23.63 -41.70
N ILE B 105 -14.25 -24.39 -42.74
CA ILE B 105 -15.67 -24.63 -43.05
C ILE B 105 -16.01 -26.09 -43.17
N ILE B 106 -17.16 -26.43 -42.63
CA ILE B 106 -17.60 -27.82 -42.65
C ILE B 106 -18.88 -27.92 -43.44
N ARG B 107 -18.89 -28.85 -44.42
CA ARG B 107 -20.14 -29.29 -45.13
C ARG B 107 -20.82 -30.50 -44.39
N ASN B 108 -21.84 -30.24 -43.55
CA ASN B 108 -22.67 -31.30 -42.92
C ASN B 108 -23.19 -32.36 -43.94
N LYS B 112 -25.66 -28.32 -45.59
CA LYS B 112 -25.45 -27.21 -44.67
C LYS B 112 -23.97 -26.98 -44.27
N SER B 113 -23.61 -25.72 -44.02
CA SER B 113 -22.22 -25.44 -43.66
C SER B 113 -22.06 -24.75 -42.32
N ILE B 114 -20.94 -25.05 -41.68
CA ILE B 114 -20.55 -24.46 -40.40
C ILE B 114 -19.23 -23.73 -40.55
N VAL B 115 -19.26 -22.40 -40.33
CA VAL B 115 -18.02 -21.64 -40.30
C VAL B 115 -17.41 -21.70 -38.93
N ILE B 116 -16.16 -22.10 -38.85
CA ILE B 116 -15.46 -22.15 -37.60
C ILE B 116 -14.40 -21.08 -37.51
N GLU B 117 -14.37 -20.35 -36.39
CA GLU B 117 -13.35 -19.30 -36.13
C GLU B 117 -12.62 -19.71 -34.91
N ILE B 118 -11.32 -19.97 -35.04
CA ILE B 118 -10.46 -20.37 -33.95
C ILE B 118 -9.90 -19.08 -33.30
N LYS B 119 -9.83 -19.01 -31.97
CA LYS B 119 -9.25 -17.82 -31.35
C LYS B 119 -8.28 -18.30 -30.26
N THR B 120 -7.17 -17.62 -30.04
CA THR B 120 -6.28 -17.95 -28.91
C THR B 120 -6.02 -16.69 -28.10
N SER B 121 -5.80 -16.75 -26.81
CA SER B 121 -5.42 -15.57 -26.04
C SER B 121 -4.81 -16.04 -24.78
N ARG B 122 -4.18 -15.13 -24.05
CA ARG B 122 -3.50 -15.53 -22.82
C ARG B 122 -4.54 -15.61 -21.72
N SER B 123 -5.67 -14.98 -21.95
CA SER B 123 -6.68 -14.87 -20.93
C SER B 123 -8.06 -15.39 -21.43
N ASP B 124 -8.78 -16.05 -20.52
CA ASP B 124 -10.13 -16.49 -20.79
C ASP B 124 -11.12 -15.54 -20.19
N LYS B 125 -10.71 -14.29 -20.00
CA LYS B 125 -11.64 -13.30 -19.44
C LYS B 125 -12.66 -12.76 -20.39
N GLY B 126 -13.92 -12.78 -20.05
CA GLY B 126 -14.94 -12.04 -20.85
C GLY B 126 -15.44 -12.86 -22.05
N LEU B 127 -15.00 -14.11 -22.20
CA LEU B 127 -15.45 -14.86 -23.38
C LEU B 127 -17.01 -14.98 -23.50
N PRO B 128 -17.53 -14.87 -24.72
CA PRO B 128 -16.80 -14.61 -25.95
C PRO B 128 -16.72 -13.09 -26.19
N LEU B 129 -15.62 -12.63 -26.76
CA LEU B 129 -15.47 -11.19 -26.96
C LEU B 129 -16.35 -10.72 -28.14
N ILE B 130 -16.89 -9.53 -27.98
CA ILE B 130 -17.93 -9.07 -28.82
C ILE B 130 -17.40 -8.97 -30.27
N HIS B 131 -16.21 -8.40 -30.45
CA HIS B 131 -15.60 -8.25 -31.74
C HIS B 131 -15.24 -9.57 -32.43
N HIS B 132 -15.05 -10.63 -31.69
CA HIS B 132 -14.86 -11.93 -32.31
C HIS B 132 -16.21 -12.50 -32.73
N LYS B 133 -17.24 -12.24 -31.95
CA LYS B 133 -18.51 -12.75 -32.33
C LYS B 133 -18.99 -12.03 -33.61
N MSE B 134 -18.83 -10.70 -33.66
CA MSE B 134 -19.21 -9.96 -34.85
C MSE B 134 -18.47 -10.51 -36.08
O MSE B 134 -19.07 -10.81 -37.10
CB MSE B 134 -18.89 -8.48 -34.69
CG MSE B 134 -19.87 -7.74 -33.79
SE MSE B 134 -19.24 -5.98 -33.38
CE MSE B 134 -19.21 -5.28 -35.16
N GLN B 135 -17.15 -10.63 -35.97
CA GLN B 135 -16.39 -11.23 -37.03
C GLN B 135 -17.13 -12.47 -37.57
N LEU B 136 -17.45 -13.42 -36.71
CA LEU B 136 -18.07 -14.64 -37.16
C LEU B 136 -19.44 -14.45 -37.74
N GLN B 137 -20.19 -13.54 -37.19
CA GLN B 137 -21.54 -13.28 -37.64
C GLN B 137 -21.52 -12.70 -39.04
N ILE B 138 -20.39 -12.04 -39.35
CA ILE B 138 -20.24 -11.39 -40.65
C ILE B 138 -19.83 -12.47 -41.62
N TYR B 139 -18.98 -13.43 -41.21
CA TYR B 139 -18.64 -14.55 -42.05
C TYR B 139 -19.89 -15.37 -42.40
N LEU B 140 -20.84 -15.51 -41.49
CA LEU B 140 -22.09 -16.24 -41.81
C LEU B 140 -22.85 -15.58 -42.95
N TRP B 141 -22.84 -14.26 -43.02
CA TRP B 141 -23.42 -13.57 -44.16
C TRP B 141 -22.49 -13.73 -45.35
N LEU B 142 -21.20 -13.54 -45.16
CA LEU B 142 -20.27 -13.62 -46.30
C LEU B 142 -20.41 -14.98 -46.96
N PHE B 143 -20.46 -16.06 -46.20
CA PHE B 143 -20.46 -17.38 -46.83
C PHE B 143 -21.87 -17.88 -46.95
N SER B 144 -22.87 -17.05 -46.67
CA SER B 144 -24.24 -17.59 -46.56
C SER B 144 -24.30 -18.92 -45.81
N ALA B 145 -23.72 -19.00 -44.64
CA ALA B 145 -23.63 -20.25 -43.91
C ALA B 145 -24.66 -20.22 -42.81
N GLU B 146 -25.15 -21.41 -42.42
CA GLU B 146 -26.27 -21.51 -41.46
C GLU B 146 -25.86 -21.38 -39.98
N LYS B 147 -24.69 -21.92 -39.66
CA LYS B 147 -24.29 -22.11 -38.30
C LYS B 147 -22.79 -21.67 -38.20
N GLY B 148 -22.40 -21.23 -37.00
CA GLY B 148 -21.04 -20.84 -36.73
C GLY B 148 -20.58 -21.30 -35.36
N ILE B 149 -19.31 -21.68 -35.26
CA ILE B 149 -18.68 -22.03 -34.02
C ILE B 149 -17.45 -21.11 -33.83
N LEU B 150 -17.38 -20.46 -32.67
CA LEU B 150 -16.23 -19.70 -32.17
C LEU B 150 -15.60 -20.47 -31.03
N VAL B 151 -14.36 -20.88 -31.16
CA VAL B 151 -13.75 -21.75 -30.22
C VAL B 151 -12.44 -21.08 -29.79
N TYR B 152 -12.29 -20.88 -28.48
CA TYR B 152 -11.08 -20.32 -27.85
C TYR B 152 -10.21 -21.42 -27.26
N ILE B 153 -8.94 -21.44 -27.62
CA ILE B 153 -7.93 -22.26 -26.98
C ILE B 153 -7.02 -21.36 -26.15
N THR B 154 -7.15 -21.31 -24.83
CA THR B 154 -6.37 -20.41 -24.01
C THR B 154 -5.79 -21.28 -22.92
N PRO B 155 -4.76 -20.82 -22.22
CA PRO B 155 -4.08 -21.60 -21.21
C PRO B 155 -4.91 -21.91 -19.98
N ASP B 156 -5.96 -21.15 -19.72
CA ASP B 156 -6.84 -21.38 -18.61
C ASP B 156 -8.16 -22.04 -18.98
N ARG B 157 -8.53 -22.10 -20.24
CA ARG B 157 -9.82 -22.65 -20.56
C ARG B 157 -9.94 -22.84 -22.02
N ILE B 158 -10.61 -23.94 -22.40
CA ILE B 158 -11.10 -24.20 -23.77
C ILE B 158 -12.59 -23.96 -23.77
N ALA B 159 -13.09 -23.00 -24.51
CA ALA B 159 -14.48 -22.51 -24.44
C ALA B 159 -15.01 -22.39 -25.89
N GLU B 160 -16.22 -22.85 -26.18
CA GLU B 160 -16.74 -23.00 -27.50
C GLU B 160 -18.11 -22.40 -27.50
N TYR B 161 -18.38 -21.55 -28.45
CA TYR B 161 -19.63 -20.87 -28.51
C TYR B 161 -20.26 -21.13 -29.88
N GLU B 162 -21.60 -21.22 -29.89
CA GLU B 162 -22.39 -21.40 -31.11
C GLU B 162 -23.05 -20.10 -31.50
N ILE B 163 -22.69 -19.57 -32.66
CA ILE B 163 -23.19 -18.31 -33.18
C ILE B 163 -23.89 -18.68 -34.51
N ASN B 164 -25.20 -18.57 -34.58
CA ASN B 164 -25.92 -19.01 -35.72
C ASN B 164 -26.67 -17.88 -36.40
N GLU B 165 -26.68 -16.71 -35.80
CA GLU B 165 -27.35 -15.57 -36.35
C GLU B 165 -26.35 -14.69 -37.12
N PRO B 166 -26.63 -14.40 -38.41
CA PRO B 166 -25.76 -13.49 -39.22
C PRO B 166 -26.06 -12.03 -38.98
N LEU B 167 -25.08 -11.14 -39.14
CA LEU B 167 -25.42 -9.69 -39.10
C LEU B 167 -26.17 -9.42 -40.39
N ASP B 168 -27.14 -8.53 -40.37
CA ASP B 168 -27.81 -8.22 -41.62
C ASP B 168 -26.95 -7.25 -42.45
N GLU B 169 -27.16 -7.25 -43.76
CA GLU B 169 -26.36 -6.44 -44.67
C GLU B 169 -26.36 -4.92 -44.32
N ALA B 170 -27.46 -4.35 -43.83
CA ALA B 170 -27.48 -2.89 -43.55
C ALA B 170 -26.47 -2.53 -42.49
N THR B 171 -26.25 -3.44 -41.54
CA THR B 171 -25.30 -3.14 -40.50
C THR B 171 -23.86 -3.42 -40.99
N ILE B 172 -23.67 -4.36 -41.87
CA ILE B 172 -22.38 -4.52 -42.49
C ILE B 172 -22.07 -3.26 -43.32
N VAL B 173 -23.07 -2.74 -44.00
CA VAL B 173 -22.86 -1.57 -44.79
C VAL B 173 -22.42 -0.43 -43.85
N ARG B 174 -23.06 -0.30 -42.68
CA ARG B 174 -22.74 0.79 -41.75
C ARG B 174 -21.37 0.61 -41.13
N LEU B 175 -20.93 -0.63 -41.00
CA LEU B 175 -19.62 -0.89 -40.45
C LEU B 175 -18.62 -0.46 -41.48
N ALA B 176 -18.97 -0.73 -42.72
CA ALA B 176 -18.14 -0.41 -43.85
C ALA B 176 -17.95 1.10 -44.03
N GLU B 177 -19.05 1.83 -43.95
CA GLU B 177 -19.05 3.31 -43.94
C GLU B 177 -18.06 3.87 -42.93
N ASP B 178 -18.12 3.37 -41.70
CA ASP B 178 -17.12 3.74 -40.68
C ASP B 178 -15.74 3.49 -41.19
N THR B 179 -15.55 2.34 -41.79
CA THR B 179 -14.20 2.01 -42.24
C THR B 179 -13.65 2.98 -43.24
N ILE B 180 -14.48 3.30 -44.23
CA ILE B 180 -14.09 4.10 -45.38
C ILE B 180 -13.90 5.52 -44.97
N MSE B 181 -14.88 6.07 -44.29
CA MSE B 181 -14.87 7.44 -43.86
C MSE B 181 -14.22 7.70 -42.48
O MSE B 181 -14.43 8.77 -41.93
CB MSE B 181 -16.33 7.91 -43.76
CG MSE B 181 -17.20 7.64 -44.95
SE MSE B 181 -16.75 8.87 -46.36
CE MSE B 181 -15.00 8.28 -47.02
N LEU B 182 -13.47 6.75 -41.91
CA LEU B 182 -12.81 6.96 -40.61
C LEU B 182 -13.72 7.50 -39.50
N GLN B 183 -14.88 6.92 -39.28
CA GLN B 183 -15.79 7.60 -38.39
C GLN B 183 -15.49 7.51 -36.89
N ASN B 184 -15.40 6.34 -36.28
CA ASN B 184 -15.26 6.35 -34.82
C ASN B 184 -14.03 5.55 -34.48
N SER B 185 -12.99 6.27 -34.11
CA SER B 185 -11.70 5.71 -33.89
C SER B 185 -11.29 6.05 -32.46
N PRO B 186 -10.88 5.05 -31.68
CA PRO B 186 -10.84 3.63 -32.09
C PRO B 186 -12.23 3.03 -31.99
N ARG B 187 -12.41 1.85 -32.56
CA ARG B 187 -13.67 1.12 -32.42
C ARG B 187 -13.92 0.67 -30.96
N PHE B 188 -12.88 0.18 -30.31
CA PHE B 188 -12.97 -0.27 -28.96
C PHE B 188 -11.82 0.37 -28.23
N ASN B 189 -12.09 0.73 -26.99
CA ASN B 189 -11.18 1.50 -26.23
C ASN B 189 -9.90 0.78 -25.86
N TRP B 190 -9.93 -0.55 -25.94
CA TRP B 190 -8.76 -1.31 -25.56
C TRP B 190 -7.75 -1.28 -26.72
N GLU B 191 -8.16 -0.89 -27.94
CA GLU B 191 -7.25 -1.12 -29.08
C GLU B 191 -5.97 -0.30 -29.03
N CYS B 192 -6.06 0.92 -28.53
CA CYS B 192 -4.90 1.81 -28.70
C CYS B 192 -3.65 1.26 -28.02
N LYS B 193 -3.84 0.65 -26.86
CA LYS B 193 -2.76 0.17 -26.10
C LYS B 193 -1.85 -0.80 -26.83
N TYR B 194 -2.35 -1.58 -27.76
CA TYR B 194 -1.51 -2.53 -28.49
C TYR B 194 -1.19 -2.11 -29.91
N CYS B 195 -1.72 -0.97 -30.34
CA CYS B 195 -1.54 -0.52 -31.72
C CYS B 195 -0.13 -0.01 -31.97
N ILE B 196 0.49 -0.50 -33.03
CA ILE B 196 1.84 -0.09 -33.36
C ILE B 196 1.84 1.35 -33.91
N PHE B 197 0.67 1.93 -34.19
CA PHE B 197 0.58 3.24 -34.83
C PHE B 197 0.29 4.32 -33.81
N SER B 198 0.07 3.91 -32.57
CA SER B 198 -0.26 4.88 -31.54
C SER B 198 0.76 5.95 -31.44
N VAL B 199 1.98 5.64 -31.82
CA VAL B 199 3.05 6.59 -31.74
C VAL B 199 2.94 7.72 -32.72
N ILE B 200 2.10 7.62 -33.77
CA ILE B 200 1.94 8.74 -34.68
C ILE B 200 0.49 9.14 -34.80
N CYS B 201 -0.40 8.58 -33.97
CA CYS B 201 -1.83 8.73 -34.23
C CYS B 201 -2.46 9.78 -33.32
N PRO B 202 -3.11 10.78 -33.87
CA PRO B 202 -3.74 11.78 -33.04
C PRO B 202 -4.94 11.33 -32.31
N ALA B 203 -5.57 10.23 -32.71
CA ALA B 203 -6.80 9.84 -32.02
C ALA B 203 -6.52 8.88 -30.89
N LYS B 204 -5.28 8.45 -30.71
CA LYS B 204 -4.94 7.60 -29.52
C LYS B 204 -5.55 8.00 -28.18
N LEU B 205 -6.24 7.10 -27.52
CA LEU B 205 -6.79 7.35 -26.19
C LEU B 205 -5.67 7.38 -25.20
N THR B 206 -5.73 8.35 -24.29
CA THR B 206 -4.76 8.41 -23.20
C THR B 206 -5.47 8.54 -21.84
N TYR C 1 -23.40 -30.04 -29.93
CA TYR C 1 -23.26 -30.83 -28.66
C TYR C 1 -23.37 -29.91 -27.40
N PHE C 2 -23.74 -30.46 -26.24
CA PHE C 2 -23.86 -29.61 -25.03
C PHE C 2 -22.49 -29.05 -24.57
N GLN C 3 -21.40 -29.81 -24.72
CA GLN C 3 -20.05 -29.31 -24.54
C GLN C 3 -19.52 -28.47 -25.72
N GLY C 4 -20.15 -28.61 -26.90
CA GLY C 4 -19.58 -28.08 -28.13
C GLY C 4 -18.95 -29.24 -28.88
N MSE C 5 -19.22 -29.33 -30.18
CA MSE C 5 -18.72 -30.38 -31.06
C MSE C 5 -17.18 -30.47 -31.11
O MSE C 5 -16.62 -31.56 -31.09
CB MSE C 5 -19.30 -30.09 -32.47
CG MSE C 5 -18.76 -30.92 -33.67
SE MSE C 5 -19.38 -30.24 -35.43
CE MSE C 5 -21.04 -29.48 -34.83
N ILE C 6 -16.49 -29.35 -31.19
CA ILE C 6 -15.02 -29.37 -31.34
C ILE C 6 -14.42 -29.75 -30.02
N THR C 7 -14.92 -29.13 -28.95
CA THR C 7 -14.44 -29.42 -27.57
C THR C 7 -14.54 -30.91 -27.25
N GLU C 8 -15.74 -31.42 -27.40
CA GLU C 8 -16.03 -32.86 -27.22
C GLU C 8 -15.03 -33.76 -27.96
N PHE C 9 -14.64 -33.38 -29.18
CA PHE C 9 -13.81 -34.24 -29.98
C PHE C 9 -12.39 -34.23 -29.49
N LEU C 10 -11.87 -33.03 -29.20
CA LEU C 10 -10.48 -32.92 -28.70
C LEU C 10 -10.36 -33.62 -27.33
N LEU C 11 -11.34 -33.41 -26.49
CA LEU C 11 -11.27 -34.05 -25.16
C LEU C 11 -11.32 -35.58 -25.32
N LYS C 12 -12.13 -36.06 -26.26
CA LYS C 12 -12.27 -37.49 -26.48
C LYS C 12 -10.99 -38.09 -27.04
N LYS C 13 -10.36 -37.45 -28.00
CA LYS C 13 -9.09 -37.94 -28.54
C LYS C 13 -7.98 -37.85 -27.47
N LYS C 14 -8.06 -36.85 -26.58
CA LYS C 14 -6.98 -36.70 -25.61
C LYS C 14 -7.06 -37.75 -24.51
N LEU C 15 -8.27 -38.04 -24.06
CA LEU C 15 -8.45 -39.18 -23.16
C LEU C 15 -7.96 -40.53 -23.74
N GLU C 16 -8.29 -40.82 -25.00
CA GLU C 16 -7.86 -42.06 -25.65
C GLU C 16 -6.35 -42.07 -25.72
N GLU C 17 -5.72 -41.00 -26.18
CA GLU C 17 -4.23 -40.90 -26.13
C GLU C 17 -3.60 -41.16 -24.73
N HIS C 18 -4.18 -40.55 -23.69
CA HIS C 18 -3.69 -40.74 -22.31
C HIS C 18 -3.87 -42.18 -21.87
N LEU C 19 -5.05 -42.75 -22.13
CA LEU C 19 -5.29 -44.16 -21.84
C LEU C 19 -4.39 -45.06 -22.68
N SER C 20 -3.94 -44.58 -23.83
CA SER C 20 -3.17 -45.37 -24.77
C SER C 20 -1.97 -46.04 -24.12
N HIS C 21 -1.18 -45.28 -23.39
CA HIS C 21 0.10 -45.77 -22.88
C HIS C 21 0.01 -46.45 -21.51
N VAL C 22 -0.06 -47.78 -21.50
CA VAL C 22 0.19 -48.53 -20.27
C VAL C 22 1.70 -48.61 -20.14
N LYS C 23 2.20 -48.36 -18.94
CA LYS C 23 3.64 -48.32 -18.73
C LYS C 23 4.08 -49.72 -18.25
N GLU C 24 5.08 -50.30 -18.91
CA GLU C 24 5.63 -51.61 -18.51
C GLU C 24 6.20 -51.50 -17.08
N GLU C 25 6.58 -52.61 -16.46
CA GLU C 25 6.86 -52.57 -15.01
C GLU C 25 8.16 -51.87 -14.69
N ASN C 26 9.15 -52.05 -15.53
CA ASN C 26 10.50 -51.55 -15.28
C ASN C 26 10.93 -50.48 -16.30
N THR C 27 9.94 -49.82 -16.91
CA THR C 27 10.22 -48.77 -17.88
C THR C 27 10.09 -47.38 -17.20
N ILE C 28 11.14 -46.57 -17.37
CA ILE C 28 11.14 -45.20 -16.89
C ILE C 28 11.21 -44.22 -18.07
N TYR C 29 10.17 -43.42 -18.22
CA TYR C 29 10.13 -42.41 -19.26
C TYR C 29 11.14 -41.33 -19.01
N VAL C 30 11.73 -40.77 -20.05
CA VAL C 30 12.63 -39.62 -19.92
C VAL C 30 12.03 -38.47 -19.07
N THR C 31 10.78 -38.14 -19.35
CA THR C 31 10.10 -37.08 -18.69
C THR C 31 9.92 -37.32 -17.24
N ASP C 32 9.80 -38.60 -16.82
CA ASP C 32 9.77 -38.92 -15.38
C ASP C 32 11.07 -38.63 -14.63
N LEU C 33 12.20 -38.82 -15.29
CA LEU C 33 13.52 -38.55 -14.73
C LEU C 33 13.77 -37.12 -14.26
N VAL C 34 13.01 -36.17 -14.77
CA VAL C 34 13.18 -34.78 -14.42
C VAL C 34 11.92 -34.27 -13.77
N ARG C 35 11.14 -35.15 -13.17
CA ARG C 35 9.99 -34.75 -12.31
C ARG C 35 10.01 -35.33 -10.90
N CYS C 36 9.15 -34.82 -10.04
CA CYS C 36 9.06 -35.35 -8.70
C CYS C 36 8.83 -36.89 -8.70
N PRO C 37 9.70 -37.65 -7.98
CA PRO C 37 9.50 -39.09 -7.86
C PRO C 37 8.16 -39.52 -7.26
N ARG C 38 7.68 -38.86 -6.24
CA ARG C 38 6.37 -39.28 -5.75
C ARG C 38 5.26 -39.12 -6.75
N ARG C 39 5.39 -38.06 -7.55
CA ARG C 39 4.41 -37.71 -8.58
C ARG C 39 4.38 -38.80 -9.62
N VAL C 40 5.55 -39.26 -10.01
CA VAL C 40 5.63 -40.33 -11.01
C VAL C 40 4.87 -41.58 -10.49
N ARG C 41 5.14 -41.90 -9.23
CA ARG C 41 4.64 -43.10 -8.61
C ARG C 41 3.15 -42.97 -8.34
N TYR C 42 2.68 -41.75 -8.11
CA TYR C 42 1.25 -41.52 -7.89
C TYR C 42 0.50 -41.73 -9.21
N GLU C 43 1.18 -41.35 -10.29
CA GLU C 43 0.60 -41.48 -11.61
C GLU C 43 0.30 -42.95 -11.87
N SER C 44 1.14 -43.81 -11.34
CA SER C 44 0.93 -45.24 -11.48
C SER C 44 -0.02 -45.77 -10.40
N GLU C 45 0.09 -45.28 -9.18
CA GLU C 45 -0.76 -45.78 -8.10
C GLU C 45 -2.15 -45.19 -8.07
N TYR C 46 -2.38 -44.04 -8.68
CA TYR C 46 -3.69 -43.40 -8.61
C TYR C 46 -4.14 -42.91 -9.98
N LYS C 47 -4.16 -43.85 -10.92
CA LYS C 47 -4.48 -43.61 -12.32
C LYS C 47 -5.80 -42.93 -12.52
N GLU C 48 -6.76 -43.18 -11.66
CA GLU C 48 -8.08 -42.57 -11.86
C GLU C 48 -8.01 -41.05 -11.67
N LEU C 49 -7.28 -40.66 -10.63
CA LEU C 49 -6.97 -39.27 -10.34
C LEU C 49 -6.01 -38.69 -11.38
N ALA C 50 -5.00 -39.46 -11.78
CA ALA C 50 -4.09 -39.11 -12.86
C ALA C 50 -4.80 -38.69 -14.16
N ILE C 51 -5.94 -39.32 -14.45
CA ILE C 51 -6.70 -38.97 -15.63
C ILE C 51 -7.11 -37.48 -15.70
N SER C 52 -7.20 -36.78 -14.58
CA SER C 52 -7.68 -35.40 -14.67
C SER C 52 -6.67 -34.48 -15.37
N GLN C 53 -5.45 -34.94 -15.59
CA GLN C 53 -4.44 -34.15 -16.28
C GLN C 53 -4.74 -33.98 -17.76
N VAL C 54 -5.66 -34.79 -18.27
CA VAL C 54 -6.16 -34.75 -19.65
C VAL C 54 -6.92 -33.47 -19.89
N TYR C 55 -7.49 -32.91 -18.84
CA TYR C 55 -8.39 -31.78 -19.01
C TYR C 55 -7.73 -30.45 -18.65
N ALA C 56 -6.41 -30.46 -18.63
CA ALA C 56 -5.59 -29.27 -18.37
C ALA C 56 -5.51 -28.44 -19.67
N PRO C 57 -6.10 -27.26 -19.70
CA PRO C 57 -6.14 -26.51 -20.95
C PRO C 57 -4.78 -26.17 -21.51
N SER C 58 -3.78 -25.85 -20.69
CA SER C 58 -2.42 -25.55 -21.23
CA SER C 58 -2.44 -25.55 -21.23
C SER C 58 -1.83 -26.77 -21.88
N ALA C 59 -2.24 -27.95 -21.43
CA ALA C 59 -1.76 -29.22 -22.07
C ALA C 59 -2.37 -29.35 -23.45
N ILE C 60 -3.65 -29.02 -23.56
CA ILE C 60 -4.33 -29.15 -24.81
C ILE C 60 -3.72 -28.14 -25.78
N LEU C 61 -3.58 -26.93 -25.33
CA LEU C 61 -2.87 -25.89 -26.11
C LEU C 61 -1.51 -26.43 -26.59
N GLY C 62 -0.74 -26.93 -25.66
CA GLY C 62 0.59 -27.41 -26.02
C GLY C 62 0.58 -28.49 -27.07
N ASP C 63 -0.40 -29.40 -27.01
CA ASP C 63 -0.46 -30.48 -27.98
C ASP C 63 -0.84 -30.00 -29.38
N ILE C 64 -1.84 -29.15 -29.48
CA ILE C 64 -2.26 -28.58 -30.74
C ILE C 64 -1.07 -27.87 -31.39
N LEU C 65 -0.33 -27.19 -30.56
CA LEU C 65 0.81 -26.46 -31.01
C LEU C 65 1.95 -27.35 -31.49
N HIS C 66 2.28 -28.40 -30.75
CA HIS C 66 3.24 -29.39 -31.27
C HIS C 66 2.75 -29.95 -32.58
N LEU C 67 1.44 -30.13 -32.73
CA LEU C 67 0.88 -30.68 -33.98
C LEU C 67 1.14 -29.63 -35.08
N GLY C 68 0.71 -28.38 -34.85
CA GLY C 68 0.98 -27.26 -35.76
C GLY C 68 2.43 -27.27 -36.19
N LEU C 69 3.34 -27.40 -35.26
CA LEU C 69 4.70 -26.99 -35.53
C LEU C 69 5.43 -28.15 -36.08
N GLU C 70 5.04 -29.32 -35.62
CA GLU C 70 5.56 -30.58 -36.17
C GLU C 70 5.20 -30.77 -37.66
N SER C 71 4.05 -30.33 -38.10
CA SER C 71 3.77 -30.39 -39.54
C SER C 71 4.86 -29.73 -40.40
N VAL C 72 5.23 -28.49 -40.03
CA VAL C 72 6.30 -27.72 -40.72
C VAL C 72 7.67 -28.38 -40.64
N LEU C 73 7.98 -29.05 -39.56
CA LEU C 73 9.26 -29.79 -39.45
C LEU C 73 9.36 -31.01 -40.36
N LYS C 74 8.23 -31.65 -40.59
CA LYS C 74 8.18 -32.76 -41.51
C LYS C 74 8.44 -32.21 -42.90
N GLY C 75 7.61 -31.21 -43.25
CA GLY C 75 7.55 -30.71 -44.61
C GLY C 75 8.60 -29.73 -45.14
N ASN C 76 9.66 -29.41 -44.38
CA ASN C 76 10.74 -28.44 -44.83
CA ASN C 76 10.66 -28.48 -44.84
C ASN C 76 12.04 -28.94 -44.31
N PHE C 77 12.05 -29.58 -43.13
CA PHE C 77 13.26 -30.16 -42.58
C PHE C 77 13.33 -31.66 -42.74
N ASN C 78 12.31 -32.27 -43.36
CA ASN C 78 12.35 -33.70 -43.61
C ASN C 78 12.76 -34.33 -42.28
N ALA C 79 11.89 -34.14 -41.28
CA ALA C 79 12.13 -34.67 -39.96
C ALA C 79 11.13 -35.75 -39.65
N GLU C 80 11.53 -36.60 -38.73
CA GLU C 80 10.63 -37.58 -38.16
C GLU C 80 10.03 -36.93 -36.91
N THR C 81 8.72 -37.01 -36.75
CA THR C 81 8.06 -36.49 -35.55
C THR C 81 7.63 -37.61 -34.61
N GLU C 82 7.48 -37.29 -33.33
CA GLU C 82 6.90 -38.19 -32.31
C GLU C 82 7.60 -39.56 -32.35
N VAL C 83 8.93 -39.51 -32.29
CA VAL C 83 9.82 -40.65 -32.51
C VAL C 83 10.20 -41.37 -31.22
N GLU C 84 9.81 -42.63 -31.07
CA GLU C 84 10.06 -43.41 -29.83
C GLU C 84 11.31 -44.32 -29.85
N THR C 85 11.91 -44.52 -28.69
CA THR C 85 12.93 -45.50 -28.56
C THR C 85 13.14 -45.85 -27.09
N LEU C 86 13.90 -46.94 -26.88
CA LEU C 86 14.26 -47.45 -25.56
C LEU C 86 15.75 -47.55 -25.44
N ARG C 87 16.27 -47.51 -24.24
CA ARG C 87 17.65 -47.84 -24.07
C ARG C 87 17.82 -48.22 -22.63
N GLU C 88 18.63 -49.25 -22.41
CA GLU C 88 18.80 -49.87 -21.13
C GLU C 88 19.98 -49.33 -20.41
N ILE C 89 19.82 -49.37 -19.09
CA ILE C 89 20.80 -49.03 -18.07
C ILE C 89 20.63 -50.06 -16.96
N ASN C 90 21.64 -50.19 -16.10
CA ASN C 90 21.51 -51.06 -14.94
C ASN C 90 21.52 -50.26 -13.63
N VAL C 91 20.57 -50.53 -12.74
CA VAL C 91 20.40 -49.72 -11.54
C VAL C 91 20.35 -50.58 -10.26
N GLY C 92 21.41 -50.42 -9.47
CA GLY C 92 21.62 -51.25 -8.29
C GLY C 92 21.66 -52.72 -8.68
N GLY C 93 22.01 -53.00 -9.94
CA GLY C 93 21.94 -54.35 -10.51
C GLY C 93 20.84 -54.56 -11.56
N LYS C 94 19.60 -54.19 -11.22
CA LYS C 94 18.45 -54.48 -12.10
C LYS C 94 18.50 -53.71 -13.43
N VAL C 95 18.07 -54.36 -14.50
CA VAL C 95 17.98 -53.70 -15.80
C VAL C 95 16.66 -52.96 -16.01
N TYR C 96 16.75 -51.62 -16.11
CA TYR C 96 15.58 -50.77 -16.38
C TYR C 96 15.63 -50.23 -17.80
N LYS C 97 14.45 -50.03 -18.37
CA LYS C 97 14.35 -49.48 -19.71
C LYS C 97 14.03 -47.98 -19.63
N ILE C 98 14.78 -47.16 -20.32
CA ILE C 98 14.45 -45.75 -20.40
C ILE C 98 13.83 -45.40 -21.71
N LYS C 99 12.56 -45.04 -21.66
CA LYS C 99 11.70 -44.83 -22.84
C LYS C 99 11.45 -43.34 -23.08
N GLY C 100 11.73 -42.89 -24.29
CA GLY C 100 11.51 -41.49 -24.65
C GLY C 100 10.86 -41.31 -25.99
N ARG C 101 10.18 -40.20 -26.17
CA ARG C 101 9.56 -39.87 -27.44
C ARG C 101 9.98 -38.47 -27.77
N ALA C 102 10.76 -38.27 -28.86
CA ALA C 102 11.23 -36.94 -29.24
C ALA C 102 10.19 -36.28 -30.11
N ASP C 103 10.03 -34.95 -29.93
CA ASP C 103 9.08 -34.16 -30.73
C ASP C 103 9.43 -34.23 -32.23
N ALA C 104 10.72 -34.22 -32.54
CA ALA C 104 11.18 -34.32 -33.89
C ALA C 104 12.64 -34.74 -33.91
N ILE C 105 13.02 -35.52 -34.93
CA ILE C 105 14.41 -35.75 -35.15
C ILE C 105 14.78 -35.52 -36.59
N ILE C 106 15.97 -35.01 -36.80
CA ILE C 106 16.47 -34.72 -38.13
C ILE C 106 17.73 -35.47 -38.43
N ARG C 107 17.74 -36.15 -39.59
CA ARG C 107 18.85 -37.04 -40.02
C ARG C 107 19.46 -36.65 -41.39
N LYS C 112 25.08 -36.16 -39.57
CA LYS C 112 24.71 -36.41 -38.17
C LYS C 112 23.23 -36.07 -37.93
N SER C 113 22.75 -36.31 -36.70
CA SER C 113 21.32 -36.13 -36.40
C SER C 113 20.98 -35.10 -35.28
N ILE C 114 19.85 -34.39 -35.45
CA ILE C 114 19.40 -33.34 -34.53
C ILE C 114 18.09 -33.71 -33.84
N VAL C 115 18.08 -33.67 -32.51
CA VAL C 115 16.82 -33.81 -31.75
C VAL C 115 16.25 -32.43 -31.41
N ILE C 116 14.96 -32.30 -31.61
CA ILE C 116 14.27 -31.06 -31.42
C ILE C 116 13.18 -31.18 -30.35
N GLU C 117 13.22 -30.31 -29.37
CA GLU C 117 12.23 -30.32 -28.32
C GLU C 117 11.56 -28.98 -28.32
N ILE C 118 10.23 -29.02 -28.43
CA ILE C 118 9.41 -27.84 -28.53
C ILE C 118 8.69 -27.65 -27.21
N LYS C 119 8.66 -26.42 -26.75
CA LYS C 119 8.03 -26.13 -25.48
C LYS C 119 7.17 -24.92 -25.66
N THR C 120 6.14 -24.82 -24.84
CA THR C 120 5.35 -23.61 -24.76
C THR C 120 4.92 -23.12 -23.38
N SER C 121 5.77 -22.47 -22.61
CA SER C 121 5.34 -21.77 -21.39
C SER C 121 4.35 -20.68 -21.65
N ARG C 122 3.65 -20.20 -20.63
CA ARG C 122 2.96 -18.90 -20.81
C ARG C 122 3.81 -17.70 -20.46
N SER C 123 5.03 -17.94 -20.02
CA SER C 123 5.90 -16.87 -19.59
C SER C 123 7.23 -17.13 -20.26
N ASP C 124 8.00 -16.08 -20.57
CA ASP C 124 9.34 -16.27 -21.07
C ASP C 124 10.43 -15.99 -20.05
N LYS C 125 10.09 -15.90 -18.76
CA LYS C 125 11.15 -15.77 -17.72
C LYS C 125 12.10 -16.99 -17.63
N GLY C 126 13.41 -16.72 -17.69
CA GLY C 126 14.42 -17.69 -17.32
C GLY C 126 14.77 -18.69 -18.39
N LEU C 127 14.39 -18.42 -19.63
CA LEU C 127 14.61 -19.42 -20.65
C LEU C 127 16.11 -19.57 -20.88
N PRO C 128 16.58 -20.81 -21.01
CA PRO C 128 15.88 -22.09 -20.96
C PRO C 128 15.85 -22.68 -19.56
N LEU C 129 14.69 -23.28 -19.21
CA LEU C 129 14.45 -23.85 -17.91
C LEU C 129 15.28 -25.13 -17.73
N ILE C 130 15.88 -25.30 -16.55
CA ILE C 130 16.92 -26.30 -16.39
C ILE C 130 16.29 -27.67 -16.69
N HIS C 131 15.06 -27.88 -16.25
CA HIS C 131 14.44 -29.17 -16.46
C HIS C 131 14.13 -29.47 -17.93
N HIS C 132 13.89 -28.45 -18.73
CA HIS C 132 13.69 -28.64 -20.15
C HIS C 132 15.01 -28.95 -20.80
N LYS C 133 16.08 -28.29 -20.36
CA LYS C 133 17.40 -28.62 -20.88
C LYS C 133 17.84 -30.06 -20.52
N MSE C 134 17.60 -30.50 -19.29
CA MSE C 134 18.06 -31.81 -18.88
C MSE C 134 17.37 -32.86 -19.80
O MSE C 134 18.04 -33.66 -20.46
CB MSE C 134 17.77 -32.07 -17.41
CG MSE C 134 18.71 -31.36 -16.40
SE MSE C 134 18.16 -31.50 -14.66
CE MSE C 134 18.24 -33.31 -14.61
N GLN C 135 16.04 -32.79 -19.85
CA GLN C 135 15.26 -33.64 -20.72
C GLN C 135 15.92 -33.80 -22.07
N LEU C 136 16.10 -32.69 -22.78
CA LEU C 136 16.77 -32.71 -24.08
C LEU C 136 18.15 -33.35 -24.02
N GLN C 137 18.90 -33.07 -22.97
CA GLN C 137 20.22 -33.66 -22.78
C GLN C 137 20.10 -35.18 -22.71
N ILE C 138 19.09 -35.65 -22.00
CA ILE C 138 18.86 -37.10 -21.91
C ILE C 138 18.45 -37.68 -23.26
N TYR C 139 17.58 -37.03 -24.02
CA TYR C 139 17.24 -37.53 -25.37
C TYR C 139 18.46 -37.61 -26.28
N LEU C 140 19.43 -36.71 -26.08
CA LEU C 140 20.65 -36.80 -26.85
C LEU C 140 21.32 -38.15 -26.56
N TRP C 141 21.51 -38.46 -25.28
CA TRP C 141 21.97 -39.79 -24.88
C TRP C 141 21.08 -40.86 -25.44
N LEU C 142 19.78 -40.77 -25.19
CA LEU C 142 18.85 -41.81 -25.65
C LEU C 142 19.12 -42.06 -27.09
N PHE C 143 18.88 -41.10 -27.97
CA PHE C 143 18.94 -41.35 -29.41
C PHE C 143 20.36 -41.33 -29.97
N SER C 144 21.36 -41.26 -29.09
CA SER C 144 22.74 -41.15 -29.51
C SER C 144 22.87 -40.11 -30.60
N ALA C 145 22.47 -38.88 -30.28
CA ALA C 145 22.55 -37.76 -31.23
C ALA C 145 23.55 -36.72 -30.75
N GLU C 146 24.11 -36.01 -31.73
CA GLU C 146 25.22 -35.07 -31.50
C GLU C 146 24.70 -33.64 -31.19
N LYS C 147 23.56 -33.28 -31.76
CA LYS C 147 23.04 -31.91 -31.65
C LYS C 147 21.61 -31.93 -31.10
N GLY C 148 21.28 -30.92 -30.28
CA GLY C 148 19.91 -30.65 -29.78
C GLY C 148 19.41 -29.18 -29.83
N ILE C 149 18.18 -28.97 -30.29
CA ILE C 149 17.55 -27.65 -30.32
C ILE C 149 16.40 -27.68 -29.32
N LEU C 150 16.32 -26.69 -28.43
CA LEU C 150 15.18 -26.54 -27.52
C LEU C 150 14.50 -25.26 -27.97
N VAL C 151 13.25 -25.32 -28.42
CA VAL C 151 12.61 -24.14 -28.97
C VAL C 151 11.37 -23.86 -28.19
N TYR C 152 11.27 -22.62 -27.72
CA TYR C 152 10.14 -22.11 -26.92
C TYR C 152 9.28 -21.20 -27.77
N ILE C 153 7.96 -21.46 -27.75
CA ILE C 153 6.93 -20.63 -28.39
C ILE C 153 6.06 -20.10 -27.28
N THR C 154 6.29 -18.87 -26.85
CA THR C 154 5.53 -18.26 -25.78
C THR C 154 4.92 -16.99 -26.30
N PRO C 155 3.90 -16.47 -25.62
CA PRO C 155 3.20 -15.24 -26.06
C PRO C 155 4.04 -13.97 -26.05
N ASP C 156 5.16 -14.01 -25.35
CA ASP C 156 6.01 -12.86 -25.16
C ASP C 156 7.27 -13.03 -25.96
N ARG C 157 7.54 -14.21 -26.42
CA ARG C 157 8.77 -14.41 -27.11
C ARG C 157 9.00 -15.79 -27.67
N ILE C 158 9.67 -15.83 -28.78
CA ILE C 158 10.08 -17.08 -29.39
C ILE C 158 11.60 -17.17 -29.19
N ALA C 159 12.12 -18.28 -28.70
CA ALA C 159 13.54 -18.34 -28.43
C ALA C 159 13.95 -19.75 -28.65
N GLU C 160 15.16 -19.94 -29.19
CA GLU C 160 15.68 -21.23 -29.58
C GLU C 160 17.07 -21.42 -29.03
N TYR C 161 17.42 -22.60 -28.56
CA TYR C 161 18.68 -22.78 -27.85
C TYR C 161 19.35 -24.04 -28.36
N GLU C 162 20.65 -23.97 -28.65
CA GLU C 162 21.39 -25.15 -29.05
C GLU C 162 21.86 -25.85 -27.78
N ILE C 163 21.50 -27.11 -27.65
CA ILE C 163 21.98 -27.90 -26.55
C ILE C 163 22.67 -29.09 -27.21
N ASN C 164 23.98 -29.21 -27.02
CA ASN C 164 24.73 -30.27 -27.69
C ASN C 164 25.44 -31.31 -26.80
N GLU C 165 25.59 -31.02 -25.51
CA GLU C 165 26.17 -31.94 -24.53
C GLU C 165 25.15 -32.97 -24.02
N PRO C 166 25.38 -34.27 -24.29
CA PRO C 166 24.55 -35.35 -23.72
C PRO C 166 24.79 -35.51 -22.22
N LEU C 167 23.79 -35.96 -21.46
CA LEU C 167 24.03 -36.29 -20.05
C LEU C 167 24.79 -37.61 -19.92
N ASP C 168 25.79 -37.66 -19.03
CA ASP C 168 26.58 -38.87 -18.75
C ASP C 168 25.74 -39.95 -18.02
N GLU C 169 25.84 -41.20 -18.51
CA GLU C 169 25.04 -42.34 -18.05
C GLU C 169 25.07 -42.49 -16.55
N ALA C 170 26.20 -42.12 -15.97
CA ALA C 170 26.37 -42.06 -14.54
C ALA C 170 25.30 -41.21 -13.88
N THR C 171 25.06 -40.00 -14.38
CA THR C 171 24.00 -39.15 -13.77
C THR C 171 22.64 -39.61 -14.19
N ILE C 172 22.52 -40.13 -15.41
CA ILE C 172 21.23 -40.70 -15.78
C ILE C 172 20.80 -41.78 -14.80
N VAL C 173 21.74 -42.67 -14.50
CA VAL C 173 21.58 -43.73 -13.51
C VAL C 173 21.18 -43.20 -12.17
N ARG C 174 21.87 -42.18 -11.68
CA ARG C 174 21.50 -41.63 -10.37
C ARG C 174 20.17 -40.86 -10.38
N LEU C 175 19.76 -40.31 -11.52
CA LEU C 175 18.43 -39.70 -11.60
C LEU C 175 17.39 -40.82 -11.48
N ALA C 176 17.73 -41.94 -12.12
CA ALA C 176 16.91 -43.16 -12.11
C ALA C 176 16.66 -43.76 -10.70
N GLU C 177 17.71 -43.97 -9.91
CA GLU C 177 17.49 -44.57 -8.58
C GLU C 177 16.78 -43.61 -7.67
N ASP C 178 16.86 -42.33 -8.00
CA ASP C 178 16.12 -41.34 -7.24
C ASP C 178 14.61 -41.50 -7.53
N THR C 179 14.28 -41.96 -8.73
CA THR C 179 12.89 -42.14 -9.14
C THR C 179 12.29 -43.42 -8.56
N ILE C 180 13.12 -44.48 -8.59
CA ILE C 180 12.76 -45.80 -8.11
C ILE C 180 12.68 -45.77 -6.58
N MSE C 181 13.66 -45.14 -5.95
CA MSE C 181 13.73 -45.10 -4.49
C MSE C 181 13.04 -43.88 -3.85
O MSE C 181 13.26 -43.59 -2.70
CB MSE C 181 15.18 -45.19 -4.02
CG MSE C 181 15.97 -46.41 -4.53
SE MSE C 181 15.39 -48.15 -3.78
CE MSE C 181 13.65 -48.57 -4.63
N LEU C 182 12.21 -43.15 -4.59
CA LEU C 182 11.61 -41.93 -4.04
C LEU C 182 12.54 -41.11 -3.16
N GLN C 183 13.78 -40.93 -3.56
CA GLN C 183 14.75 -40.27 -2.68
C GLN C 183 14.53 -38.75 -2.41
N ASN C 184 14.34 -37.92 -3.43
CA ASN C 184 14.19 -36.48 -3.18
C ASN C 184 12.96 -35.85 -3.85
N SER C 185 11.95 -35.55 -3.05
CA SER C 185 10.73 -35.03 -3.57
C SER C 185 10.25 -33.81 -2.83
N PRO C 186 9.83 -32.77 -3.57
CA PRO C 186 9.79 -32.69 -5.03
C PRO C 186 11.15 -32.59 -5.64
N ARG C 187 11.24 -32.83 -6.92
CA ARG C 187 12.48 -32.54 -7.59
C ARG C 187 12.77 -31.04 -7.68
N PHE C 188 11.77 -30.19 -7.93
CA PHE C 188 12.02 -28.74 -7.91
C PHE C 188 10.94 -28.12 -7.08
N ASN C 189 11.27 -27.01 -6.48
CA ASN C 189 10.38 -26.45 -5.50
C ASN C 189 9.06 -25.99 -6.07
N TRP C 190 9.01 -25.71 -7.36
CA TRP C 190 7.78 -25.19 -7.95
C TRP C 190 6.74 -26.30 -8.20
N GLU C 191 7.14 -27.59 -8.17
CA GLU C 191 6.24 -28.66 -8.65
C GLU C 191 4.92 -28.80 -7.88
N CYS C 192 5.00 -28.64 -6.55
CA CYS C 192 3.81 -28.90 -5.69
C CYS C 192 2.66 -27.97 -5.99
N LYS C 193 2.98 -26.81 -6.53
CA LYS C 193 1.97 -25.78 -6.71
C LYS C 193 0.93 -26.24 -7.71
N TYR C 194 1.36 -27.01 -8.70
CA TYR C 194 0.49 -27.39 -9.80
C TYR C 194 0.11 -28.84 -9.77
N CYS C 195 0.59 -29.55 -8.76
CA CYS C 195 0.49 -31.00 -8.71
C CYS C 195 -0.85 -31.43 -8.20
N ILE C 196 -1.52 -32.26 -8.96
CA ILE C 196 -2.85 -32.68 -8.59
C ILE C 196 -2.85 -33.63 -7.39
N PHE C 197 -1.70 -34.22 -7.06
CA PHE C 197 -1.58 -35.12 -5.92
C PHE C 197 -1.23 -34.47 -4.59
N SER C 198 -1.15 -33.15 -4.58
CA SER C 198 -0.80 -32.41 -3.39
C SER C 198 -1.91 -32.53 -2.37
N VAL C 199 -3.10 -32.86 -2.78
CA VAL C 199 -4.18 -33.06 -1.81
C VAL C 199 -3.99 -34.31 -0.89
N ILE C 200 -3.02 -35.15 -1.20
CA ILE C 200 -2.89 -36.35 -0.41
C ILE C 200 -1.45 -36.63 -0.13
N CYS C 201 -0.56 -35.78 -0.61
CA CYS C 201 0.83 -36.12 -0.58
C CYS C 201 1.47 -35.56 0.69
N PRO C 202 2.18 -36.40 1.44
CA PRO C 202 2.87 -35.95 2.61
C PRO C 202 4.13 -35.10 2.38
N ALA C 203 4.68 -35.07 1.19
CA ALA C 203 5.98 -34.47 0.98
C ALA C 203 5.83 -33.04 0.52
N LYS C 204 4.58 -32.63 0.27
CA LYS C 204 4.20 -31.34 -0.32
C LYS C 204 4.84 -30.15 0.37
N LEU C 205 5.54 -29.30 -0.41
CA LEU C 205 6.15 -28.07 0.12
C LEU C 205 5.05 -27.09 0.45
N THR C 206 5.04 -26.50 1.64
CA THR C 206 3.99 -25.51 1.97
C THR C 206 4.52 -24.14 2.38
N TYR D 1 35.89 26.22 -19.74
CA TYR D 1 34.60 27.01 -19.72
C TYR D 1 33.70 26.52 -18.57
N PHE D 2 33.70 27.22 -17.43
CA PHE D 2 33.15 26.64 -16.19
C PHE D 2 31.70 26.15 -16.36
N GLN D 3 30.84 26.96 -16.99
CA GLN D 3 29.50 26.52 -17.30
C GLN D 3 29.46 25.55 -18.51
N GLY D 4 30.36 25.80 -19.47
CA GLY D 4 30.44 25.02 -20.68
C GLY D 4 30.15 25.95 -21.83
N MSE D 5 30.90 25.76 -22.91
CA MSE D 5 30.86 26.61 -24.13
C MSE D 5 29.45 26.69 -24.75
O MSE D 5 28.92 27.78 -25.03
CB MSE D 5 31.86 26.05 -25.14
CG MSE D 5 32.35 27.02 -26.21
SE MSE D 5 33.26 26.09 -27.71
CE MSE D 5 34.23 24.72 -26.73
N ILE D 6 28.85 25.54 -24.98
CA ILE D 6 27.57 25.54 -25.69
C ILE D 6 26.46 26.10 -24.79
N THR D 7 26.41 25.61 -23.57
CA THR D 7 25.44 26.06 -22.57
C THR D 7 25.47 27.56 -22.40
N GLU D 8 26.66 28.08 -22.16
CA GLU D 8 26.90 29.52 -22.09
C GLU D 8 26.30 30.29 -23.28
N PHE D 9 26.54 29.81 -24.49
CA PHE D 9 26.02 30.54 -25.65
C PHE D 9 24.51 30.50 -25.70
N LEU D 10 23.88 29.33 -25.49
CA LEU D 10 22.40 29.26 -25.55
C LEU D 10 21.74 30.14 -24.47
N LEU D 11 22.29 30.09 -23.27
CA LEU D 11 21.73 30.91 -22.20
C LEU D 11 21.85 32.41 -22.52
N LYS D 12 23.00 32.80 -23.06
CA LYS D 12 23.21 34.19 -23.42
C LYS D 12 22.22 34.62 -24.49
N LYS D 13 22.07 33.80 -25.53
CA LYS D 13 21.14 34.18 -26.59
C LYS D 13 19.72 34.20 -26.06
N LYS D 14 19.34 33.26 -25.20
CA LYS D 14 17.96 33.27 -24.72
C LYS D 14 17.59 34.48 -23.80
N LEU D 15 18.53 34.87 -22.94
CA LEU D 15 18.33 36.08 -22.11
C LEU D 15 18.15 37.33 -23.02
N GLU D 16 19.05 37.48 -24.01
CA GLU D 16 18.88 38.53 -25.05
C GLU D 16 17.50 38.55 -25.74
N GLU D 17 17.11 37.47 -26.36
CA GLU D 17 15.74 37.36 -26.89
C GLU D 17 14.68 37.82 -25.87
N HIS D 18 14.71 37.29 -24.66
CA HIS D 18 13.71 37.64 -23.66
C HIS D 18 13.71 39.15 -23.34
N LEU D 19 14.91 39.71 -23.19
CA LEU D 19 15.08 41.13 -22.89
C LEU D 19 14.80 42.04 -24.10
N SER D 20 14.80 41.49 -25.32
CA SER D 20 14.52 42.29 -26.51
C SER D 20 13.05 42.71 -26.58
N HIS D 21 12.16 41.99 -25.90
CA HIS D 21 10.73 42.16 -26.12
C HIS D 21 10.07 42.96 -25.03
N VAL D 22 10.24 44.28 -25.06
CA VAL D 22 9.56 45.16 -24.11
C VAL D 22 8.13 45.44 -24.60
N LYS D 23 7.15 45.35 -23.71
CA LYS D 23 5.73 45.31 -24.06
C LYS D 23 5.04 46.65 -23.80
N GLU D 24 4.28 47.15 -24.78
CA GLU D 24 3.66 48.49 -24.64
C GLU D 24 2.38 48.44 -23.86
N GLU D 25 2.01 49.58 -23.29
CA GLU D 25 1.01 49.64 -22.22
C GLU D 25 -0.38 49.21 -22.70
N ASN D 26 -0.63 49.33 -24.00
CA ASN D 26 -1.91 48.90 -24.57
C ASN D 26 -1.82 47.68 -25.51
N THR D 27 -0.71 46.95 -25.52
CA THR D 27 -0.69 45.67 -26.26
C THR D 27 -1.01 44.46 -25.37
N ILE D 28 -1.59 43.45 -26.02
CA ILE D 28 -1.86 42.18 -25.40
C ILE D 28 -1.39 41.13 -26.35
N TYR D 29 -0.44 40.30 -25.92
CA TYR D 29 -0.05 39.18 -26.76
C TYR D 29 -1.17 38.13 -26.75
N VAL D 30 -1.23 37.37 -27.83
CA VAL D 30 -2.16 36.25 -27.92
C VAL D 30 -1.92 35.26 -26.76
N THR D 31 -0.66 34.95 -26.54
CA THR D 31 -0.20 34.13 -25.49
C THR D 31 -0.68 34.58 -24.13
N ASP D 32 -0.70 35.88 -23.89
CA ASP D 32 -1.41 36.35 -22.71
C ASP D 32 -2.89 35.99 -22.62
N LEU D 33 -3.62 35.89 -23.72
CA LEU D 33 -5.07 35.69 -23.63
C LEU D 33 -5.44 34.31 -23.09
N VAL D 34 -4.50 33.38 -23.13
CA VAL D 34 -4.80 32.01 -22.75
C VAL D 34 -4.06 31.63 -21.48
N ARG D 35 -3.66 32.66 -20.73
CA ARG D 35 -2.99 32.51 -19.47
C ARG D 35 -3.63 33.32 -18.37
N CYS D 36 -3.16 33.05 -17.16
CA CYS D 36 -3.68 33.69 -15.95
C CYS D 36 -3.44 35.19 -16.05
N PRO D 37 -4.48 35.97 -15.82
CA PRO D 37 -4.26 37.39 -15.87
C PRO D 37 -3.26 37.90 -14.85
N ARG D 38 -3.36 37.44 -13.60
CA ARG D 38 -2.44 37.90 -12.58
C ARG D 38 -1.02 37.60 -12.99
N ARG D 39 -0.79 36.48 -13.64
CA ARG D 39 0.58 36.10 -13.99
C ARG D 39 1.13 37.01 -15.09
N VAL D 40 0.23 37.40 -15.98
CA VAL D 40 0.62 38.27 -17.10
C VAL D 40 1.03 39.62 -16.51
N ARG D 41 0.21 40.15 -15.61
CA ARG D 41 0.62 41.39 -14.97
C ARG D 41 1.88 41.22 -14.14
N TYR D 42 2.09 40.05 -13.54
CA TYR D 42 3.31 39.86 -12.76
C TYR D 42 4.49 39.95 -13.64
N GLU D 43 4.37 39.45 -14.86
CA GLU D 43 5.48 39.57 -15.83
C GLU D 43 5.86 41.01 -16.22
N SER D 44 4.96 41.99 -16.07
CA SER D 44 5.28 43.43 -16.21
C SER D 44 5.79 44.07 -14.94
N GLU D 45 5.12 43.78 -13.81
CA GLU D 45 5.46 44.39 -12.54
C GLU D 45 6.65 43.78 -11.84
N TYR D 46 7.11 42.58 -12.21
CA TYR D 46 8.27 41.92 -11.50
C TYR D 46 9.18 41.27 -12.50
N LYS D 47 9.67 42.12 -13.38
CA LYS D 47 10.38 41.70 -14.53
C LYS D 47 11.68 41.05 -14.12
N GLU D 48 12.22 41.45 -12.98
CA GLU D 48 13.49 40.87 -12.61
C GLU D 48 13.28 39.37 -12.27
N LEU D 49 12.16 39.08 -11.63
CA LEU D 49 11.81 37.71 -11.27
C LEU D 49 11.39 36.98 -12.58
N ALA D 50 10.55 37.63 -13.39
CA ALA D 50 10.16 37.05 -14.69
C ALA D 50 11.35 36.45 -15.45
N ILE D 51 12.51 37.10 -15.44
CA ILE D 51 13.69 36.67 -16.17
C ILE D 51 14.14 35.23 -15.86
N SER D 52 13.80 34.71 -14.67
CA SER D 52 14.20 33.34 -14.32
C SER D 52 13.53 32.33 -15.25
N GLN D 53 12.40 32.70 -15.83
CA GLN D 53 11.74 31.79 -16.74
C GLN D 53 12.57 31.53 -18.02
N VAL D 54 13.52 32.40 -18.35
CA VAL D 54 14.57 32.13 -19.35
C VAL D 54 15.34 30.84 -19.16
N TYR D 55 15.48 30.41 -17.93
CA TYR D 55 16.42 29.34 -17.65
C TYR D 55 15.68 28.03 -17.45
N ALA D 56 14.39 28.01 -17.78
CA ALA D 56 13.61 26.82 -17.78
C ALA D 56 14.10 25.88 -18.92
N PRO D 57 14.68 24.73 -18.59
CA PRO D 57 15.29 23.81 -19.59
C PRO D 57 14.29 23.27 -20.60
N SER D 58 13.01 23.08 -20.23
CA SER D 58 11.93 22.74 -21.20
C SER D 58 11.71 23.82 -22.21
N ALA D 59 11.95 25.07 -21.81
CA ALA D 59 11.77 26.15 -22.77
C ALA D 59 12.97 26.15 -23.70
N ILE D 60 14.14 25.76 -23.25
CA ILE D 60 15.31 25.82 -24.14
C ILE D 60 15.17 24.65 -25.12
N LEU D 61 14.73 23.51 -24.56
CA LEU D 61 14.40 22.33 -25.34
C LEU D 61 13.33 22.72 -26.35
N GLY D 62 12.27 23.34 -25.87
CA GLY D 62 11.19 23.81 -26.72
C GLY D 62 11.65 24.69 -27.84
N ASP D 63 12.53 25.67 -27.59
CA ASP D 63 12.97 26.56 -28.66
C ASP D 63 13.89 25.96 -29.74
N ILE D 64 14.76 25.05 -29.35
CA ILE D 64 15.57 24.27 -30.25
C ILE D 64 14.71 23.41 -31.19
N LEU D 65 13.66 22.77 -30.68
CA LEU D 65 12.72 22.02 -31.51
C LEU D 65 12.08 22.89 -32.56
N HIS D 66 11.56 24.04 -32.14
CA HIS D 66 10.98 25.00 -33.06
C HIS D 66 12.00 25.38 -34.05
N LEU D 67 13.20 25.73 -33.60
CA LEU D 67 14.23 26.04 -34.61
C LEU D 67 14.32 24.90 -35.62
N GLY D 68 14.55 23.69 -35.18
CA GLY D 68 14.84 22.64 -36.12
C GLY D 68 13.69 22.26 -37.03
N LEU D 69 12.47 22.45 -36.58
CA LEU D 69 11.32 21.90 -37.27
C LEU D 69 10.91 23.00 -38.19
N GLU D 70 10.77 24.19 -37.65
CA GLU D 70 10.74 25.37 -38.51
C GLU D 70 11.72 25.33 -39.70
N SER D 71 13.00 24.99 -39.55
CA SER D 71 13.83 24.97 -40.80
C SER D 71 13.33 23.97 -41.90
N VAL D 72 12.68 22.87 -41.47
CA VAL D 72 12.03 21.95 -42.40
C VAL D 72 10.89 22.65 -43.14
N LEU D 73 10.18 23.45 -42.39
CA LEU D 73 9.02 24.12 -42.90
C LEU D 73 9.30 25.21 -43.95
N LYS D 74 10.46 25.83 -43.83
CA LYS D 74 10.84 26.90 -44.71
C LYS D 74 11.27 26.23 -46.00
N GLY D 75 11.95 25.08 -45.91
CA GLY D 75 12.34 24.31 -47.13
C GLY D 75 11.16 23.73 -47.92
N ASN D 76 10.58 22.68 -47.39
CA ASN D 76 9.63 21.91 -48.15
C ASN D 76 8.26 22.48 -48.31
N PHE D 77 7.82 23.33 -47.41
CA PHE D 77 6.50 23.90 -47.52
C PHE D 77 6.52 25.41 -47.80
N ASN D 78 7.68 26.01 -48.00
CA ASN D 78 7.69 27.45 -48.26
C ASN D 78 6.88 28.27 -47.23
N ALA D 79 7.05 27.91 -45.96
CA ALA D 79 6.48 28.72 -44.90
C ALA D 79 7.37 29.90 -44.54
N GLU D 80 6.78 30.96 -44.04
CA GLU D 80 7.50 31.95 -43.28
C GLU D 80 7.49 31.44 -41.82
N THR D 81 8.51 31.77 -41.04
CA THR D 81 8.61 31.30 -39.68
C THR D 81 8.76 32.49 -38.76
N GLU D 82 8.22 32.39 -37.53
CA GLU D 82 8.26 33.40 -36.51
C GLU D 82 7.68 34.70 -37.00
N VAL D 83 6.46 34.58 -37.47
CA VAL D 83 5.82 35.62 -38.21
C VAL D 83 5.00 36.48 -37.29
N GLU D 84 5.39 37.73 -37.24
CA GLU D 84 4.84 38.66 -36.27
C GLU D 84 3.78 39.50 -36.93
N THR D 85 2.69 39.76 -36.26
CA THR D 85 1.60 40.55 -36.85
C THR D 85 0.67 41.09 -35.80
N LEU D 86 -0.24 41.94 -36.20
CA LEU D 86 -0.91 42.77 -35.22
C LEU D 86 -2.30 43.05 -35.69
N ARG D 87 -3.23 43.15 -34.75
CA ARG D 87 -4.63 43.31 -35.10
C ARG D 87 -5.28 44.01 -33.93
N GLU D 88 -6.27 44.85 -34.20
CA GLU D 88 -6.76 45.69 -33.11
C GLU D 88 -8.14 45.30 -32.65
N ILE D 89 -8.42 45.64 -31.39
CA ILE D 89 -9.60 45.22 -30.71
C ILE D 89 -10.08 46.33 -29.81
N ASN D 90 -11.41 46.49 -29.69
CA ASN D 90 -12.03 47.47 -28.76
C ASN D 90 -12.49 46.84 -27.44
N VAL D 91 -11.99 47.38 -26.32
CA VAL D 91 -12.33 46.87 -25.01
C VAL D 91 -12.71 47.98 -24.03
N GLY D 92 -14.00 48.28 -23.95
CA GLY D 92 -14.47 49.37 -23.07
C GLY D 92 -14.08 50.73 -23.65
N GLY D 93 -14.30 50.84 -24.97
CA GLY D 93 -13.93 52.04 -25.70
C GLY D 93 -12.45 52.38 -25.76
N LYS D 94 -11.59 51.62 -25.06
CA LYS D 94 -10.14 51.74 -25.20
C LYS D 94 -9.76 50.84 -26.37
N VAL D 95 -8.81 51.27 -27.18
CA VAL D 95 -8.36 50.45 -28.31
C VAL D 95 -7.12 49.69 -27.89
N TYR D 96 -7.08 48.40 -28.27
CA TYR D 96 -5.97 47.56 -27.89
C TYR D 96 -5.40 46.87 -29.09
N LYS D 97 -4.09 46.79 -29.11
CA LYS D 97 -3.39 46.08 -30.15
C LYS D 97 -3.09 44.64 -29.67
N ILE D 98 -3.73 43.67 -30.29
CA ILE D 98 -3.40 42.30 -30.05
C ILE D 98 -2.25 41.87 -30.95
N LYS D 99 -1.21 41.35 -30.34
CA LYS D 99 0.01 41.05 -31.03
C LYS D 99 0.37 39.58 -30.92
N GLY D 100 0.80 38.94 -32.00
CA GLY D 100 1.21 37.57 -31.96
C GLY D 100 2.25 37.22 -32.97
N ARG D 101 2.81 36.05 -32.79
CA ARG D 101 3.91 35.54 -33.59
C ARG D 101 3.69 34.04 -33.74
N ALA D 102 3.36 33.65 -34.98
CA ALA D 102 3.00 32.33 -35.29
C ALA D 102 4.30 31.59 -35.57
N ASP D 103 4.39 30.37 -35.15
CA ASP D 103 5.59 29.60 -35.37
C ASP D 103 5.83 29.47 -36.88
N ALA D 104 4.76 29.28 -37.65
CA ALA D 104 4.97 29.22 -39.14
C ALA D 104 3.72 29.56 -39.85
N ILE D 105 3.85 30.13 -41.05
CA ILE D 105 2.69 30.37 -41.90
C ILE D 105 2.90 29.94 -43.34
N ILE D 106 1.89 29.25 -43.84
CA ILE D 106 1.83 28.98 -45.27
C ILE D 106 0.78 29.95 -45.86
N ARG D 107 1.28 30.97 -46.59
CA ARG D 107 0.44 32.05 -47.13
C ARG D 107 -0.59 31.61 -48.21
N ASN D 108 -0.16 30.71 -49.10
CA ASN D 108 -1.01 30.29 -50.24
C ASN D 108 -0.74 28.85 -50.58
N ASP D 109 -1.56 28.00 -49.99
CA ASP D 109 -1.65 26.59 -50.32
C ASP D 109 -3.06 26.36 -50.93
N ASN D 110 -3.12 26.31 -52.27
CA ASN D 110 -4.40 26.21 -53.00
C ASN D 110 -5.47 27.24 -52.60
N GLY D 111 -5.07 28.48 -52.46
CA GLY D 111 -6.00 29.53 -52.05
C GLY D 111 -6.31 29.54 -50.55
N LYS D 112 -5.37 29.07 -49.74
CA LYS D 112 -5.53 29.08 -48.29
C LYS D 112 -4.20 29.43 -47.56
N SER D 113 -4.33 30.24 -46.51
CA SER D 113 -3.25 30.42 -45.54
C SER D 113 -3.40 29.36 -44.46
N ILE D 114 -2.29 28.83 -44.00
CA ILE D 114 -2.30 27.90 -42.91
C ILE D 114 -1.41 28.42 -41.78
N VAL D 115 -1.96 28.68 -40.60
CA VAL D 115 -1.11 28.99 -39.43
C VAL D 115 -0.70 27.67 -38.77
N ILE D 116 0.58 27.48 -38.50
CA ILE D 116 1.03 26.24 -37.87
C ILE D 116 1.60 26.52 -36.50
N GLU D 117 1.17 25.82 -35.48
CA GLU D 117 1.69 26.02 -34.10
C GLU D 117 2.28 24.69 -33.65
N ILE D 118 3.51 24.74 -33.21
CA ILE D 118 4.23 23.56 -32.87
C ILE D 118 4.35 23.51 -31.36
N LYS D 119 4.21 22.32 -30.78
CA LYS D 119 4.21 22.18 -29.34
C LYS D 119 5.00 20.98 -28.94
N THR D 120 5.61 21.06 -27.77
CA THR D 120 6.37 19.92 -27.27
C THR D 120 6.04 19.76 -25.82
N SER D 121 6.04 18.57 -25.32
CA SER D 121 5.85 18.36 -23.88
C SER D 121 6.43 17.05 -23.64
N ARG D 122 6.54 16.72 -22.36
CA ARG D 122 7.13 15.42 -22.01
C ARG D 122 6.15 14.27 -22.06
N SER D 123 4.85 14.57 -22.08
CA SER D 123 3.82 13.53 -22.22
C SER D 123 2.77 13.87 -23.31
N ASP D 124 2.11 12.84 -23.82
CA ASP D 124 1.10 12.96 -24.85
C ASP D 124 -0.25 12.83 -24.24
N LYS D 125 -0.35 13.12 -22.98
CA LYS D 125 -1.62 13.00 -22.33
C LYS D 125 -2.62 14.05 -22.74
N GLY D 126 -3.82 13.64 -23.08
CA GLY D 126 -4.90 14.62 -23.29
C GLY D 126 -4.80 15.49 -24.56
N LEU D 127 -3.92 15.13 -25.52
CA LEU D 127 -3.77 15.96 -26.75
C LEU D 127 -5.02 15.98 -27.58
N PRO D 128 -5.45 17.17 -28.04
CA PRO D 128 -4.77 18.45 -27.84
C PRO D 128 -5.30 19.19 -26.65
N LEU D 129 -4.42 19.91 -26.00
CA LEU D 129 -4.78 20.70 -24.80
C LEU D 129 -5.54 21.99 -25.16
N ILE D 130 -6.51 22.33 -24.34
CA ILE D 130 -7.50 23.30 -24.79
C ILE D 130 -6.85 24.69 -24.94
N HIS D 131 -5.85 25.00 -24.14
CA HIS D 131 -5.22 26.28 -24.18
C HIS D 131 -4.33 26.35 -25.39
N HIS D 132 -3.81 25.22 -25.85
CA HIS D 132 -3.09 25.21 -27.12
C HIS D 132 -4.02 25.42 -28.31
N LYS D 133 -5.18 24.83 -28.26
CA LYS D 133 -6.08 24.95 -29.38
C LYS D 133 -6.58 26.37 -29.37
N MSE D 134 -6.95 26.92 -28.21
CA MSE D 134 -7.43 28.32 -28.18
C MSE D 134 -6.41 29.27 -28.80
O MSE D 134 -6.78 30.18 -29.50
CB MSE D 134 -7.71 28.75 -26.75
CG MSE D 134 -9.07 28.32 -26.30
SE MSE D 134 -9.40 28.69 -24.44
CE MSE D 134 -9.26 30.61 -24.70
N GLN D 135 -5.13 29.04 -28.54
CA GLN D 135 -4.08 29.92 -28.98
C GLN D 135 -4.09 29.89 -30.50
N LEU D 136 -4.26 28.72 -31.08
CA LEU D 136 -4.19 28.57 -32.52
C LEU D 136 -5.41 29.21 -33.12
N GLN D 137 -6.51 29.13 -32.43
CA GLN D 137 -7.72 29.72 -32.95
C GLN D 137 -7.72 31.26 -32.91
N ILE D 138 -6.98 31.82 -31.97
CA ILE D 138 -6.85 33.24 -31.91
C ILE D 138 -5.91 33.66 -33.06
N TYR D 139 -4.77 32.98 -33.27
CA TYR D 139 -3.94 33.29 -34.40
C TYR D 139 -4.80 33.29 -35.66
N LEU D 140 -5.67 32.29 -35.81
CA LEU D 140 -6.47 32.23 -37.04
C LEU D 140 -7.20 33.57 -37.26
N TRP D 141 -7.80 34.12 -36.21
CA TRP D 141 -8.39 35.44 -36.29
C TRP D 141 -7.31 36.50 -36.61
N LEU D 142 -6.18 36.41 -35.92
CA LEU D 142 -5.13 37.44 -36.05
C LEU D 142 -4.62 37.65 -37.47
N PHE D 143 -4.32 36.53 -38.12
CA PHE D 143 -3.90 36.48 -39.49
C PHE D 143 -5.05 36.41 -40.46
N SER D 144 -6.29 36.32 -39.95
CA SER D 144 -7.47 35.99 -40.79
C SER D 144 -7.18 34.83 -41.73
N ALA D 145 -6.63 33.77 -41.21
CA ALA D 145 -6.33 32.58 -41.96
C ALA D 145 -7.49 31.58 -41.87
N GLU D 146 -7.53 30.65 -42.82
CA GLU D 146 -8.68 29.73 -42.91
C GLU D 146 -8.37 28.36 -42.26
N LYS D 147 -7.08 27.98 -42.27
CA LYS D 147 -6.62 26.71 -41.76
C LYS D 147 -5.54 26.85 -40.67
N GLY D 148 -5.63 25.94 -39.71
CA GLY D 148 -4.68 25.85 -38.60
C GLY D 148 -4.23 24.45 -38.37
N ILE D 149 -2.95 24.26 -38.11
CA ILE D 149 -2.42 22.95 -37.73
C ILE D 149 -1.69 23.14 -36.39
N LEU D 150 -2.00 22.29 -35.41
CA LEU D 150 -1.36 22.19 -34.14
C LEU D 150 -0.66 20.86 -34.15
N VAL D 151 0.65 20.82 -34.06
CA VAL D 151 1.39 19.59 -34.14
C VAL D 151 2.22 19.44 -32.85
N TYR D 152 2.14 18.24 -32.25
CA TYR D 152 2.82 17.94 -31.00
C TYR D 152 3.95 17.00 -31.28
N ILE D 153 5.13 17.33 -30.85
CA ILE D 153 6.28 16.45 -30.93
C ILE D 153 6.60 16.09 -29.48
N THR D 154 6.31 14.87 -29.05
CA THR D 154 6.53 14.48 -27.68
C THR D 154 7.26 13.19 -27.70
N PRO D 155 7.80 12.76 -26.58
CA PRO D 155 8.67 11.56 -26.65
C PRO D 155 7.92 10.23 -26.80
N ASP D 156 6.61 10.31 -26.59
CA ASP D 156 5.68 9.23 -26.66
C ASP D 156 4.89 9.17 -27.94
N ARG D 157 4.85 10.26 -28.69
CA ARG D 157 3.95 10.45 -29.77
C ARG D 157 4.11 11.73 -30.55
N ILE D 158 4.06 11.63 -31.84
CA ILE D 158 3.88 12.76 -32.69
C ILE D 158 2.43 12.79 -33.09
N ALA D 159 1.79 13.93 -33.09
CA ALA D 159 0.31 13.99 -33.25
C ALA D 159 -0.10 15.32 -33.81
N GLU D 160 -0.91 15.36 -34.85
CA GLU D 160 -1.20 16.57 -35.58
C GLU D 160 -2.71 16.77 -35.66
N TYR D 161 -3.15 17.97 -35.46
CA TYR D 161 -4.56 18.29 -35.40
C TYR D 161 -4.88 19.45 -36.32
N GLU D 162 -5.96 19.30 -37.02
CA GLU D 162 -6.40 20.30 -37.93
C GLU D 162 -7.46 21.10 -37.17
N ILE D 163 -7.18 22.39 -36.95
CA ILE D 163 -8.08 23.32 -36.26
C ILE D 163 -8.36 24.46 -37.25
N ASN D 164 -9.61 24.58 -37.68
CA ASN D 164 -9.96 25.50 -38.73
C ASN D 164 -10.94 26.60 -38.33
N GLU D 165 -11.55 26.51 -37.15
CA GLU D 165 -12.41 27.57 -36.69
C GLU D 165 -11.70 28.60 -35.82
N PRO D 166 -11.68 29.84 -36.28
CA PRO D 166 -11.16 30.94 -35.47
C PRO D 166 -12.12 31.35 -34.40
N LEU D 167 -11.61 31.90 -33.28
CA LEU D 167 -12.49 32.39 -32.21
C LEU D 167 -13.18 33.64 -32.72
N ASP D 168 -14.47 33.81 -32.39
CA ASP D 168 -15.15 35.07 -32.70
C ASP D 168 -14.38 36.22 -32.05
N GLU D 169 -14.56 37.42 -32.58
CA GLU D 169 -13.97 38.62 -32.03
C GLU D 169 -14.52 38.92 -30.64
N ALA D 170 -15.80 38.66 -30.42
CA ALA D 170 -16.41 38.87 -29.10
C ALA D 170 -15.78 38.00 -28.00
N THR D 171 -15.46 36.76 -28.31
CA THR D 171 -14.80 35.89 -27.35
C THR D 171 -13.42 36.43 -26.99
N ILE D 172 -12.72 36.96 -27.99
CA ILE D 172 -11.39 37.50 -27.80
C ILE D 172 -11.47 38.74 -26.97
N VAL D 173 -12.53 39.53 -27.13
CA VAL D 173 -12.70 40.71 -26.34
C VAL D 173 -12.94 40.27 -24.90
N ARG D 174 -13.75 39.22 -24.70
CA ARG D 174 -13.98 38.69 -23.32
C ARG D 174 -12.65 38.22 -22.68
N LEU D 175 -11.81 37.50 -23.44
CA LEU D 175 -10.51 37.09 -22.94
C LEU D 175 -9.67 38.30 -22.58
N ALA D 176 -9.71 39.30 -23.45
CA ALA D 176 -8.95 40.52 -23.26
C ALA D 176 -9.39 41.25 -22.00
N GLU D 177 -10.71 41.37 -21.79
CA GLU D 177 -11.24 42.07 -20.61
C GLU D 177 -10.71 41.47 -19.31
N ASP D 178 -10.69 40.13 -19.24
CA ASP D 178 -10.20 39.44 -18.05
C ASP D 178 -8.75 39.68 -17.88
N THR D 179 -8.04 39.80 -18.99
CA THR D 179 -6.62 40.02 -18.86
C THR D 179 -6.37 41.35 -18.21
N ILE D 180 -7.15 42.32 -18.64
CA ILE D 180 -6.98 43.68 -18.20
C ILE D 180 -7.54 43.86 -16.77
N MSE D 181 -8.79 43.50 -16.56
CA MSE D 181 -9.43 43.67 -15.27
C MSE D 181 -8.99 42.62 -14.19
O MSE D 181 -9.46 42.70 -13.07
CB MSE D 181 -10.98 43.61 -15.42
CG MSE D 181 -11.62 44.61 -16.41
SE MSE D 181 -11.46 46.38 -15.99
CE MSE D 181 -9.70 46.74 -16.02
N LEU D 182 -8.09 41.68 -14.49
CA LEU D 182 -7.68 40.59 -13.56
C LEU D 182 -8.88 39.79 -13.01
N GLN D 183 -9.79 39.40 -13.87
CA GLN D 183 -11.04 38.82 -13.48
C GLN D 183 -11.00 37.41 -12.87
N ASN D 184 -10.55 36.43 -13.62
CA ASN D 184 -10.58 35.01 -13.18
C ASN D 184 -9.22 34.36 -13.21
N SER D 185 -8.55 34.42 -12.07
CA SER D 185 -7.25 33.84 -11.96
C SER D 185 -7.24 32.65 -10.99
N PRO D 186 -6.67 31.55 -11.40
CA PRO D 186 -5.95 31.39 -12.64
C PRO D 186 -6.91 31.13 -13.76
N ARG D 187 -6.44 31.10 -14.98
CA ARG D 187 -7.33 30.84 -16.07
C ARG D 187 -7.61 29.35 -16.07
N PHE D 188 -6.53 28.57 -15.94
CA PHE D 188 -6.67 27.11 -15.74
C PHE D 188 -6.07 26.67 -14.41
N ASN D 189 -6.66 25.64 -13.83
CA ASN D 189 -6.28 25.17 -12.51
C ASN D 189 -4.84 24.68 -12.34
N TRP D 190 -4.28 24.09 -13.37
CA TRP D 190 -2.93 23.52 -13.29
C TRP D 190 -1.82 24.62 -13.29
N GLU D 191 -2.22 25.85 -13.58
CA GLU D 191 -1.23 26.97 -13.70
C GLU D 191 -0.38 27.24 -12.50
N CYS D 192 -1.01 27.38 -11.34
CA CYS D 192 -0.30 27.87 -10.14
C CYS D 192 0.86 26.92 -9.80
N LYS D 193 0.65 25.63 -10.04
CA LYS D 193 1.66 24.62 -9.68
C LYS D 193 3.03 24.90 -10.36
N TYR D 194 2.98 25.51 -11.54
CA TYR D 194 4.18 25.70 -12.29
C TYR D 194 4.60 27.17 -12.27
N CYS D 195 3.76 28.03 -11.69
CA CYS D 195 3.87 29.47 -11.76
C CYS D 195 4.95 30.01 -10.80
N ILE D 196 5.91 30.75 -11.36
CA ILE D 196 7.05 31.19 -10.56
C ILE D 196 6.62 32.31 -9.65
N PHE D 197 5.41 32.83 -9.79
CA PHE D 197 4.92 33.89 -8.91
C PHE D 197 4.02 33.42 -7.75
N SER D 198 3.88 32.11 -7.64
CA SER D 198 3.02 31.53 -6.60
C SER D 198 3.53 31.90 -5.24
N VAL D 199 4.84 32.09 -5.09
CA VAL D 199 5.43 32.52 -3.88
C VAL D 199 4.97 33.87 -3.35
N ILE D 200 4.32 34.70 -4.17
CA ILE D 200 3.86 36.02 -3.70
C ILE D 200 2.45 36.30 -4.08
N CYS D 201 1.76 35.35 -4.68
CA CYS D 201 0.47 35.62 -5.20
C CYS D 201 -0.60 35.12 -4.28
N PRO D 202 -1.55 35.97 -3.94
CA PRO D 202 -2.65 35.61 -3.09
C PRO D 202 -3.73 34.75 -3.67
N ALA D 203 -3.74 34.57 -4.98
CA ALA D 203 -4.83 33.83 -5.63
C ALA D 203 -4.46 32.39 -5.95
N LYS D 204 -3.17 32.05 -5.78
CA LYS D 204 -2.63 30.70 -5.94
C LYS D 204 -3.53 29.66 -5.36
N LEU D 205 -3.80 28.62 -6.11
CA LEU D 205 -4.59 27.50 -5.63
C LEU D 205 -3.78 26.58 -4.75
N THR D 206 -4.41 26.07 -3.69
CA THR D 206 -3.75 25.20 -2.70
C THR D 206 -4.50 23.88 -2.51
N TYR E 1 4.82 -48.39 3.05
CA TYR E 1 3.56 -47.77 2.51
C TYR E 1 3.82 -46.45 1.73
N PHE E 2 3.54 -46.45 0.43
CA PHE E 2 3.78 -45.26 -0.36
C PHE E 2 2.86 -44.08 0.08
N GLN E 3 1.56 -44.29 0.00
CA GLN E 3 0.64 -43.27 0.35
C GLN E 3 0.39 -43.29 1.86
N GLY E 4 0.48 -44.45 2.49
CA GLY E 4 0.20 -44.56 3.91
C GLY E 4 -1.03 -45.41 4.17
N MSE E 5 -0.79 -46.42 5.00
CA MSE E 5 -1.79 -47.39 5.40
C MSE E 5 -3.15 -46.85 5.66
O MSE E 5 -4.11 -47.47 5.25
CB MSE E 5 -1.32 -48.13 6.66
CG MSE E 5 -2.46 -48.93 7.40
SE MSE E 5 -1.91 -49.80 9.02
CE MSE E 5 -0.20 -50.37 8.30
N ILE E 6 -3.31 -45.76 6.40
CA ILE E 6 -4.68 -45.30 6.69
C ILE E 6 -5.28 -44.51 5.53
N THR E 7 -4.44 -43.73 4.86
CA THR E 7 -5.00 -42.81 3.84
C THR E 7 -5.35 -43.66 2.65
N GLU E 8 -4.47 -44.61 2.35
CA GLU E 8 -4.71 -45.59 1.27
C GLU E 8 -6.09 -46.21 1.34
N PHE E 9 -6.49 -46.56 2.56
CA PHE E 9 -7.75 -47.16 2.80
C PHE E 9 -8.88 -46.18 2.69
N LEU E 10 -8.74 -44.96 3.18
CA LEU E 10 -9.87 -43.99 3.08
C LEU E 10 -10.18 -43.64 1.61
N LEU E 11 -9.13 -43.53 0.80
CA LEU E 11 -9.26 -43.09 -0.58
C LEU E 11 -9.86 -44.27 -1.37
N LYS E 12 -9.42 -45.49 -1.02
CA LYS E 12 -10.02 -46.70 -1.56
C LYS E 12 -11.49 -46.81 -1.24
N LYS E 13 -11.89 -46.66 0.00
CA LYS E 13 -13.33 -46.74 0.31
C LYS E 13 -14.12 -45.58 -0.36
N LYS E 14 -13.53 -44.39 -0.47
CA LYS E 14 -14.25 -43.27 -1.04
C LYS E 14 -14.39 -43.40 -2.59
N LEU E 15 -13.36 -43.96 -3.22
CA LEU E 15 -13.45 -44.22 -4.67
C LEU E 15 -14.61 -45.16 -4.95
N GLU E 16 -14.71 -46.23 -4.15
CA GLU E 16 -15.77 -47.22 -4.35
C GLU E 16 -17.16 -46.68 -4.11
N GLU E 17 -17.35 -45.89 -3.06
CA GLU E 17 -18.67 -45.29 -2.85
C GLU E 17 -19.01 -44.37 -4.01
N HIS E 18 -17.98 -43.76 -4.61
CA HIS E 18 -18.21 -42.89 -5.76
C HIS E 18 -18.70 -43.67 -6.96
N LEU E 19 -17.95 -44.71 -7.31
CA LEU E 19 -18.22 -45.60 -8.46
C LEU E 19 -19.51 -46.43 -8.35
N SER E 20 -20.11 -46.46 -7.17
CA SER E 20 -21.34 -47.22 -6.95
C SER E 20 -22.61 -46.38 -7.16
N HIS E 21 -22.48 -45.14 -7.62
CA HIS E 21 -23.66 -44.30 -7.85
C HIS E 21 -24.15 -44.40 -9.29
N VAL E 22 -24.70 -45.58 -9.58
CA VAL E 22 -25.45 -45.86 -10.80
C VAL E 22 -26.66 -44.89 -10.91
N LYS E 23 -26.54 -43.88 -11.77
CA LYS E 23 -27.61 -42.88 -11.94
C LYS E 23 -28.65 -43.33 -12.97
N GLU E 24 -29.87 -43.59 -12.50
CA GLU E 24 -31.01 -43.97 -13.34
C GLU E 24 -31.56 -42.77 -14.10
N GLU E 25 -32.13 -43.02 -15.28
CA GLU E 25 -32.60 -41.95 -16.16
C GLU E 25 -33.92 -41.36 -15.66
N ASN E 26 -34.14 -40.09 -15.99
CA ASN E 26 -35.24 -39.28 -15.44
C ASN E 26 -35.21 -39.09 -13.90
N THR E 27 -34.05 -39.37 -13.30
CA THR E 27 -33.82 -39.19 -11.87
C THR E 27 -32.95 -37.96 -11.59
N ILE E 28 -33.46 -37.04 -10.79
CA ILE E 28 -32.68 -35.86 -10.34
C ILE E 28 -32.53 -35.84 -8.80
N TYR E 29 -31.30 -35.97 -8.30
CA TYR E 29 -31.05 -35.87 -6.88
C TYR E 29 -31.20 -34.48 -6.39
N VAL E 30 -31.68 -34.32 -5.16
CA VAL E 30 -31.81 -33.01 -4.53
C VAL E 30 -30.52 -32.21 -4.59
N THR E 31 -29.38 -32.84 -4.37
CA THR E 31 -28.10 -32.14 -4.43
C THR E 31 -27.71 -31.63 -5.83
N ASP E 32 -28.20 -32.30 -6.89
CA ASP E 32 -28.12 -31.78 -8.25
C ASP E 32 -29.09 -30.61 -8.44
N LEU E 33 -30.27 -30.68 -7.89
CA LEU E 33 -31.22 -29.63 -8.07
C LEU E 33 -30.70 -28.28 -7.68
N VAL E 34 -29.85 -28.19 -6.67
CA VAL E 34 -29.49 -26.86 -6.11
C VAL E 34 -28.08 -26.36 -6.61
N ARG E 35 -27.45 -27.16 -7.46
CA ARG E 35 -26.20 -26.81 -8.09
C ARG E 35 -26.40 -26.40 -9.54
N CYS E 36 -25.33 -25.92 -10.13
CA CYS E 36 -25.30 -25.56 -11.55
C CYS E 36 -25.70 -26.73 -12.49
N PRO E 37 -26.72 -26.52 -13.32
CA PRO E 37 -27.14 -27.53 -14.27
C PRO E 37 -26.04 -28.08 -15.12
N ARG E 38 -25.18 -27.21 -15.70
CA ARG E 38 -24.14 -27.74 -16.58
C ARG E 38 -23.16 -28.60 -15.82
N ARG E 39 -22.89 -28.23 -14.58
CA ARG E 39 -22.03 -29.07 -13.76
C ARG E 39 -22.59 -30.48 -13.52
N VAL E 40 -23.89 -30.59 -13.27
CA VAL E 40 -24.54 -31.92 -13.12
C VAL E 40 -24.38 -32.74 -14.41
N ARG E 41 -24.73 -32.12 -15.53
CA ARG E 41 -24.51 -32.76 -16.83
C ARG E 41 -23.04 -33.04 -17.09
N TYR E 42 -22.13 -32.13 -16.75
CA TYR E 42 -20.69 -32.45 -16.93
C TYR E 42 -20.33 -33.70 -16.16
N GLU E 43 -20.97 -33.88 -15.02
CA GLU E 43 -20.63 -35.01 -14.15
C GLU E 43 -21.05 -36.35 -14.73
N SER E 44 -22.18 -36.34 -15.42
CA SER E 44 -22.66 -37.54 -16.09
C SER E 44 -21.92 -37.78 -17.41
N GLU E 45 -21.34 -36.74 -18.02
CA GLU E 45 -20.69 -36.85 -19.35
C GLU E 45 -19.18 -37.05 -19.27
N TYR E 46 -18.54 -36.51 -18.26
CA TYR E 46 -17.09 -36.70 -18.11
C TYR E 46 -16.77 -37.35 -16.73
N LYS E 47 -17.20 -38.60 -16.61
CA LYS E 47 -17.04 -39.31 -15.41
C LYS E 47 -15.60 -39.52 -15.05
N GLU E 48 -14.69 -39.60 -16.01
CA GLU E 48 -13.31 -39.87 -15.65
C GLU E 48 -12.74 -38.65 -14.93
N LEU E 49 -13.08 -37.48 -15.42
CA LEU E 49 -12.72 -36.27 -14.73
C LEU E 49 -13.40 -36.06 -13.38
N ALA E 50 -14.70 -36.38 -13.30
CA ALA E 50 -15.50 -36.25 -12.08
C ALA E 50 -15.02 -37.06 -10.88
N ILE E 51 -14.38 -38.19 -11.17
CA ILE E 51 -13.82 -39.04 -10.15
C ILE E 51 -12.81 -38.29 -9.29
N SER E 52 -12.18 -37.26 -9.86
CA SER E 52 -11.19 -36.48 -9.14
C SER E 52 -11.78 -35.76 -7.91
N GLN E 53 -13.10 -35.52 -7.87
CA GLN E 53 -13.78 -35.01 -6.64
C GLN E 53 -13.64 -35.98 -5.43
N VAL E 54 -13.37 -37.23 -5.71
CA VAL E 54 -13.10 -38.22 -4.68
C VAL E 54 -11.95 -37.78 -3.79
N TYR E 55 -11.00 -37.08 -4.37
CA TYR E 55 -9.77 -36.80 -3.72
C TYR E 55 -9.76 -35.40 -3.13
N ALA E 56 -10.93 -34.80 -2.96
CA ALA E 56 -11.03 -33.50 -2.35
C ALA E 56 -10.98 -33.64 -0.79
N PRO E 57 -9.93 -33.08 -0.18
CA PRO E 57 -9.80 -33.24 1.27
C PRO E 57 -10.96 -32.68 2.03
N SER E 58 -11.58 -31.63 1.55
CA SER E 58 -12.78 -31.12 2.25
C SER E 58 -13.95 -32.08 2.24
N ALA E 59 -13.98 -32.96 1.25
CA ALA E 59 -15.08 -33.93 1.11
C ALA E 59 -14.79 -35.13 2.01
N ILE E 60 -13.53 -35.53 2.07
CA ILE E 60 -13.15 -36.65 2.90
C ILE E 60 -13.44 -36.22 4.36
N LEU E 61 -12.84 -35.07 4.74
CA LEU E 61 -13.11 -34.42 6.04
C LEU E 61 -14.60 -34.30 6.31
N GLY E 62 -15.37 -33.71 5.43
CA GLY E 62 -16.81 -33.59 5.68
C GLY E 62 -17.50 -34.93 5.90
N ASP E 63 -17.02 -35.97 5.24
CA ASP E 63 -17.65 -37.26 5.35
C ASP E 63 -17.41 -37.87 6.70
N ILE E 64 -16.17 -37.77 7.14
CA ILE E 64 -15.78 -38.22 8.44
C ILE E 64 -16.58 -37.52 9.53
N LEU E 65 -16.80 -36.22 9.41
CA LEU E 65 -17.66 -35.52 10.36
C LEU E 65 -19.01 -36.09 10.37
N HIS E 66 -19.52 -36.35 9.18
CA HIS E 66 -20.86 -36.87 9.04
C HIS E 66 -20.95 -38.18 9.81
N LEU E 67 -19.97 -39.06 9.62
CA LEU E 67 -19.94 -40.34 10.28
C LEU E 67 -19.88 -40.14 11.80
N GLY E 68 -18.91 -39.30 12.22
CA GLY E 68 -18.78 -38.88 13.59
C GLY E 68 -20.12 -38.45 14.13
N LEU E 69 -20.74 -37.44 13.56
CA LEU E 69 -21.90 -36.87 14.22
C LEU E 69 -23.10 -37.77 14.03
N GLU E 70 -22.99 -38.67 13.05
CA GLU E 70 -24.10 -39.58 12.75
C GLU E 70 -24.22 -40.68 13.82
N SER E 71 -23.10 -41.22 14.28
CA SER E 71 -23.14 -42.27 15.30
C SER E 71 -23.82 -41.77 16.57
N VAL E 72 -23.73 -40.47 16.81
CA VAL E 72 -24.30 -39.82 18.00
C VAL E 72 -25.79 -39.62 17.91
N LEU E 73 -26.25 -39.24 16.72
CA LEU E 73 -27.67 -39.05 16.45
C LEU E 73 -28.49 -40.34 16.45
N LYS E 74 -27.84 -41.45 16.13
CA LYS E 74 -28.50 -42.74 16.14
C LYS E 74 -28.70 -43.16 17.59
N GLY E 75 -27.61 -43.05 18.37
CA GLY E 75 -27.56 -43.55 19.76
C GLY E 75 -28.05 -42.67 20.90
N ASN E 76 -28.78 -41.59 20.62
CA ASN E 76 -29.16 -40.60 21.63
C ASN E 76 -30.42 -39.81 21.23
N PHE E 77 -30.64 -39.61 19.92
CA PHE E 77 -31.91 -39.04 19.40
C PHE E 77 -32.79 -40.07 18.69
N ASN E 78 -32.31 -41.31 18.63
CA ASN E 78 -33.04 -42.41 18.02
C ASN E 78 -33.43 -42.13 16.58
N ALA E 79 -32.45 -41.67 15.80
CA ALA E 79 -32.68 -41.29 14.42
C ALA E 79 -32.16 -42.34 13.47
N GLU E 80 -32.71 -42.33 12.28
CA GLU E 80 -32.16 -43.10 11.21
C GLU E 80 -31.23 -42.20 10.39
N THR E 81 -30.14 -42.79 9.94
CA THR E 81 -29.14 -42.06 9.22
C THR E 81 -29.00 -42.57 7.78
N GLU E 82 -28.64 -41.65 6.88
CA GLU E 82 -28.42 -41.93 5.46
C GLU E 82 -29.71 -42.51 4.86
N VAL E 83 -30.81 -41.75 4.90
CA VAL E 83 -32.12 -42.30 4.62
C VAL E 83 -32.66 -41.89 3.25
N GLU E 84 -32.60 -42.83 2.33
CA GLU E 84 -33.01 -42.62 0.94
C GLU E 84 -34.51 -42.66 0.77
N THR E 85 -35.09 -41.66 0.10
CA THR E 85 -36.43 -41.77 -0.49
C THR E 85 -36.50 -41.12 -1.92
N LEU E 86 -37.68 -41.12 -2.54
CA LEU E 86 -37.85 -40.47 -3.85
C LEU E 86 -39.28 -40.07 -4.06
N ARG E 87 -39.50 -39.17 -4.98
CA ARG E 87 -40.83 -38.67 -5.22
C ARG E 87 -40.97 -38.17 -6.65
N GLU E 88 -42.12 -38.42 -7.25
CA GLU E 88 -42.31 -38.16 -8.65
C GLU E 88 -42.88 -36.76 -8.80
N ILE E 89 -42.45 -36.07 -9.84
CA ILE E 89 -43.10 -34.84 -10.25
C ILE E 89 -43.27 -34.81 -11.76
N ASN E 90 -44.21 -33.98 -12.20
CA ASN E 90 -44.57 -33.85 -13.61
C ASN E 90 -43.87 -32.61 -14.10
N VAL E 91 -42.83 -32.78 -14.90
CA VAL E 91 -42.05 -31.63 -15.38
C VAL E 91 -42.21 -31.37 -16.89
N GLY E 92 -42.90 -30.26 -17.17
CA GLY E 92 -43.42 -29.99 -18.51
C GLY E 92 -44.44 -31.07 -18.79
N GLY E 93 -44.12 -31.94 -19.76
CA GLY E 93 -44.89 -33.15 -20.00
C GLY E 93 -44.41 -34.28 -19.11
N LYS E 94 -43.11 -34.51 -19.10
CA LYS E 94 -42.57 -35.80 -18.66
C LYS E 94 -42.47 -36.00 -17.13
N VAL E 95 -42.45 -37.27 -16.73
CA VAL E 95 -42.42 -37.67 -15.33
C VAL E 95 -41.00 -38.02 -14.88
N TYR E 96 -40.49 -37.21 -13.95
CA TYR E 96 -39.15 -37.36 -13.39
C TYR E 96 -39.24 -37.73 -11.89
N LYS E 97 -38.28 -38.52 -11.43
CA LYS E 97 -38.12 -38.79 -9.99
C LYS E 97 -37.05 -37.90 -9.31
N ILE E 98 -37.45 -37.18 -8.25
CA ILE E 98 -36.55 -36.45 -7.35
C ILE E 98 -36.17 -37.38 -6.18
N LYS E 99 -34.90 -37.70 -6.09
CA LYS E 99 -34.34 -38.60 -5.11
C LYS E 99 -33.40 -37.82 -4.13
N GLY E 100 -33.40 -38.24 -2.85
CA GLY E 100 -32.62 -37.59 -1.82
C GLY E 100 -32.10 -38.55 -0.78
N ARG E 101 -31.06 -38.16 -0.08
CA ARG E 101 -30.62 -38.92 1.07
C ARG E 101 -30.39 -37.99 2.25
N ALA E 102 -31.35 -37.99 3.19
CA ALA E 102 -31.24 -37.14 4.38
C ALA E 102 -30.09 -37.63 5.24
N ASP E 103 -29.35 -36.70 5.85
CA ASP E 103 -28.24 -37.09 6.73
C ASP E 103 -28.81 -37.89 7.96
N ALA E 104 -29.91 -37.40 8.50
CA ALA E 104 -30.56 -38.04 9.61
C ALA E 104 -32.03 -37.61 9.69
N ILE E 105 -32.88 -38.56 10.07
CA ILE E 105 -34.26 -38.24 10.37
C ILE E 105 -34.58 -38.81 11.76
N ILE E 106 -35.01 -37.95 12.68
CA ILE E 106 -35.53 -38.40 13.95
C ILE E 106 -37.02 -38.39 13.77
N ARG E 107 -37.67 -39.47 14.20
CA ARG E 107 -39.14 -39.51 14.27
C ARG E 107 -39.62 -39.36 15.74
N ASN E 108 -40.84 -38.84 15.92
CA ASN E 108 -41.42 -38.59 17.26
C ASN E 108 -42.82 -39.23 17.45
N LYS E 112 -45.02 -36.84 13.16
CA LYS E 112 -43.96 -35.91 13.54
C LYS E 112 -42.58 -36.42 13.05
N SER E 113 -42.01 -35.73 12.06
CA SER E 113 -40.64 -36.00 11.58
C SER E 113 -39.75 -34.73 11.57
N ILE E 114 -38.46 -34.91 11.92
CA ILE E 114 -37.45 -33.87 11.78
C ILE E 114 -36.30 -34.34 10.89
N VAL E 115 -36.05 -33.59 9.82
CA VAL E 115 -34.90 -33.86 8.94
C VAL E 115 -33.69 -33.07 9.42
N ILE E 116 -32.61 -33.79 9.63
CA ILE E 116 -31.33 -33.20 9.97
C ILE E 116 -30.39 -33.17 8.76
N GLU E 117 -29.97 -31.97 8.38
CA GLU E 117 -28.84 -31.79 7.43
C GLU E 117 -27.63 -31.25 8.20
N ILE E 118 -26.53 -31.98 8.09
CA ILE E 118 -25.27 -31.56 8.67
C ILE E 118 -24.33 -30.97 7.61
N LYS E 119 -23.68 -29.87 7.97
CA LYS E 119 -22.75 -29.17 7.10
C LYS E 119 -21.49 -28.88 7.88
N THR E 120 -20.37 -29.01 7.18
CA THR E 120 -19.10 -28.47 7.61
C THR E 120 -18.82 -27.31 6.73
N SER E 121 -17.79 -26.58 7.05
CA SER E 121 -17.42 -25.48 6.25
C SER E 121 -16.16 -24.98 6.85
N ARG E 122 -15.39 -24.32 6.03
CA ARG E 122 -14.16 -23.69 6.52
C ARG E 122 -14.41 -22.37 7.26
N SER E 123 -15.56 -21.78 7.03
CA SER E 123 -15.82 -20.45 7.48
C SER E 123 -17.21 -20.40 8.10
N ASP E 124 -17.37 -19.56 9.07
CA ASP E 124 -18.66 -19.36 9.64
C ASP E 124 -19.36 -18.16 9.10
N LYS E 125 -18.91 -17.66 7.96
CA LYS E 125 -19.42 -16.38 7.48
C LYS E 125 -20.66 -16.62 6.69
N GLY E 126 -21.66 -15.79 6.89
CA GLY E 126 -22.96 -15.89 6.21
C GLY E 126 -23.98 -16.97 6.60
N LEU E 127 -23.71 -17.72 7.67
CA LEU E 127 -24.63 -18.81 8.05
C LEU E 127 -26.04 -18.31 8.35
N PRO E 128 -27.08 -19.03 7.89
CA PRO E 128 -27.07 -20.19 7.06
C PRO E 128 -26.90 -19.78 5.58
N LEU E 129 -26.17 -20.59 4.83
CA LEU E 129 -26.03 -20.39 3.37
C LEU E 129 -27.33 -20.79 2.64
N ILE E 130 -27.74 -19.97 1.68
CA ILE E 130 -29.02 -20.17 0.98
C ILE E 130 -29.11 -21.47 0.17
N HIS E 131 -28.04 -21.96 -0.45
CA HIS E 131 -28.13 -23.30 -1.07
C HIS E 131 -28.30 -24.45 -0.10
N HIS E 132 -27.65 -24.38 1.06
CA HIS E 132 -27.87 -25.36 2.13
C HIS E 132 -29.32 -25.30 2.56
N LYS E 133 -29.79 -24.11 2.84
CA LYS E 133 -31.19 -23.92 3.23
C LYS E 133 -32.14 -24.57 2.21
N MSE E 134 -31.95 -24.21 0.94
CA MSE E 134 -32.79 -24.71 -0.15
C MSE E 134 -32.77 -26.21 -0.14
O MSE E 134 -33.79 -26.82 -0.19
CB MSE E 134 -32.32 -24.19 -1.51
CG MSE E 134 -32.94 -22.88 -2.02
SE MSE E 134 -32.37 -22.54 -3.90
CE MSE E 134 -32.07 -24.34 -4.51
N GLN E 135 -31.61 -26.80 -0.06
CA GLN E 135 -31.50 -28.25 -0.08
C GLN E 135 -32.41 -28.86 1.00
N LEU E 136 -32.34 -28.33 2.23
CA LEU E 136 -33.17 -28.82 3.33
C LEU E 136 -34.65 -28.52 3.09
N GLN E 137 -34.98 -27.35 2.57
CA GLN E 137 -36.37 -27.04 2.31
C GLN E 137 -36.97 -27.98 1.25
N ILE E 138 -36.09 -28.56 0.43
CA ILE E 138 -36.52 -29.53 -0.55
C ILE E 138 -36.68 -30.88 0.08
N TYR E 139 -35.82 -31.19 1.08
CA TYR E 139 -35.95 -32.44 1.82
C TYR E 139 -37.24 -32.45 2.67
N LEU E 140 -37.74 -31.30 3.07
CA LEU E 140 -38.99 -31.29 3.79
C LEU E 140 -40.11 -31.83 2.92
N TRP E 141 -40.25 -31.22 1.75
CA TRP E 141 -41.21 -31.67 0.73
C TRP E 141 -41.01 -33.12 0.39
N LEU E 142 -39.79 -33.51 0.09
CA LEU E 142 -39.50 -34.88 -0.29
C LEU E 142 -39.89 -35.94 0.76
N PHE E 143 -39.67 -35.69 2.04
CA PHE E 143 -40.05 -36.67 3.09
C PHE E 143 -41.37 -36.30 3.78
N SER E 144 -42.04 -35.28 3.23
CA SER E 144 -43.25 -34.76 3.86
C SER E 144 -42.99 -34.61 5.37
N ALA E 145 -41.96 -33.84 5.70
CA ALA E 145 -41.68 -33.46 7.07
C ALA E 145 -42.07 -31.99 7.26
N GLU E 146 -42.24 -31.60 8.53
CA GLU E 146 -42.70 -30.25 8.88
C GLU E 146 -41.62 -29.53 9.69
N LYS E 147 -40.48 -30.15 9.85
CA LYS E 147 -39.42 -29.56 10.64
C LYS E 147 -38.06 -30.06 10.14
N GLY E 148 -37.14 -29.11 9.98
CA GLY E 148 -35.76 -29.48 9.72
C GLY E 148 -34.77 -28.65 10.49
N ILE E 149 -33.60 -29.23 10.65
CA ILE E 149 -32.52 -28.55 11.32
C ILE E 149 -31.28 -28.54 10.44
N LEU E 150 -30.68 -27.36 10.29
CA LEU E 150 -29.40 -27.23 9.58
C LEU E 150 -28.36 -26.94 10.63
N VAL E 151 -27.37 -27.80 10.72
CA VAL E 151 -26.34 -27.65 11.71
C VAL E 151 -25.00 -27.44 11.08
N TYR E 152 -24.29 -26.38 11.47
CA TYR E 152 -22.92 -26.16 11.03
C TYR E 152 -21.86 -26.51 12.10
N ILE E 153 -20.91 -27.33 11.71
CA ILE E 153 -19.72 -27.54 12.45
C ILE E 153 -18.55 -26.84 11.73
N THR E 154 -18.17 -25.65 12.21
CA THR E 154 -17.05 -24.90 11.65
C THR E 154 -15.99 -24.64 12.69
N PRO E 155 -14.77 -24.36 12.24
CA PRO E 155 -13.71 -24.11 13.23
C PRO E 155 -13.88 -22.85 14.03
N ASP E 156 -14.67 -21.90 13.55
CA ASP E 156 -14.80 -20.65 14.22
C ASP E 156 -16.10 -20.60 14.96
N ARG E 157 -16.93 -21.61 14.74
CA ARG E 157 -18.26 -21.62 15.27
C ARG E 157 -19.12 -22.85 15.02
N ILE E 158 -20.01 -23.10 15.94
CA ILE E 158 -21.01 -24.15 15.79
C ILE E 158 -22.32 -23.46 15.79
N ALA E 159 -23.12 -23.67 14.77
CA ALA E 159 -24.38 -22.95 14.70
C ALA E 159 -25.46 -23.85 14.16
N GLU E 160 -26.68 -23.65 14.61
CA GLU E 160 -27.78 -24.52 14.27
C GLU E 160 -28.97 -23.70 13.88
N TYR E 161 -29.71 -24.15 12.86
CA TYR E 161 -30.85 -23.35 12.37
C TYR E 161 -32.11 -24.15 12.13
N GLU E 162 -33.19 -23.58 12.58
CA GLU E 162 -34.45 -24.23 12.52
C GLU E 162 -35.07 -23.83 11.22
N ILE E 163 -35.26 -24.78 10.33
CA ILE E 163 -35.83 -24.48 9.02
C ILE E 163 -37.07 -25.31 8.86
N ASN E 164 -38.21 -24.63 8.75
CA ASN E 164 -39.52 -25.29 8.87
C ASN E 164 -40.46 -25.20 7.66
N GLU E 165 -40.22 -24.21 6.79
CA GLU E 165 -41.01 -24.05 5.58
C GLU E 165 -40.45 -24.91 4.43
N PRO E 166 -41.20 -25.94 4.00
CA PRO E 166 -40.74 -26.75 2.86
C PRO E 166 -40.87 -25.92 1.57
N LEU E 167 -40.17 -26.28 0.50
CA LEU E 167 -40.37 -25.56 -0.78
C LEU E 167 -41.65 -26.08 -1.45
N ASP E 168 -42.39 -25.18 -2.07
CA ASP E 168 -43.52 -25.57 -2.90
C ASP E 168 -43.13 -26.37 -4.16
N GLU E 169 -44.04 -27.24 -4.59
CA GLU E 169 -43.82 -28.11 -5.72
C GLU E 169 -43.52 -27.32 -7.00
N ALA E 170 -44.20 -26.19 -7.19
CA ALA E 170 -44.00 -25.33 -8.34
C ALA E 170 -42.56 -24.79 -8.47
N THR E 171 -41.92 -24.46 -7.33
CA THR E 171 -40.54 -24.04 -7.27
C THR E 171 -39.66 -25.24 -7.52
N ILE E 172 -40.07 -26.41 -7.10
CA ILE E 172 -39.23 -27.57 -7.28
C ILE E 172 -39.26 -27.93 -8.72
N VAL E 173 -40.40 -27.65 -9.34
CA VAL E 173 -40.60 -28.00 -10.73
C VAL E 173 -39.79 -27.03 -11.59
N ARG E 174 -39.99 -25.75 -11.30
CA ARG E 174 -39.22 -24.65 -11.88
C ARG E 174 -37.71 -24.85 -11.75
N LEU E 175 -37.24 -25.37 -10.62
CA LEU E 175 -35.82 -25.77 -10.51
C LEU E 175 -35.46 -26.99 -11.37
N ALA E 176 -36.38 -27.94 -11.50
CA ALA E 176 -36.06 -29.16 -12.23
C ALA E 176 -35.95 -28.89 -13.75
N GLU E 177 -36.80 -27.99 -14.27
CA GLU E 177 -36.65 -27.42 -15.64
C GLU E 177 -35.23 -26.97 -15.90
N ASP E 178 -34.69 -26.14 -14.99
CA ASP E 178 -33.39 -25.56 -15.20
C ASP E 178 -32.35 -26.67 -15.29
N THR E 179 -32.50 -27.72 -14.49
CA THR E 179 -31.57 -28.82 -14.56
C THR E 179 -31.68 -29.51 -15.87
N ILE E 180 -32.90 -29.61 -16.38
CA ILE E 180 -33.15 -30.41 -17.56
C ILE E 180 -32.72 -29.65 -18.82
N MSE E 181 -33.18 -28.41 -18.91
CA MSE E 181 -32.94 -27.55 -20.07
C MSE E 181 -31.71 -26.62 -19.96
O MSE E 181 -31.62 -25.62 -20.69
CB MSE E 181 -34.22 -26.75 -20.33
CG MSE E 181 -35.37 -27.64 -20.97
SE MSE E 181 -37.00 -26.61 -20.82
CE MSE E 181 -36.73 -25.34 -22.35
N LEU E 182 -30.77 -26.95 -19.05
CA LEU E 182 -29.53 -26.19 -18.83
C LEU E 182 -29.68 -24.71 -18.69
N GLN E 183 -30.72 -24.23 -18.03
CA GLN E 183 -30.88 -22.77 -17.76
C GLN E 183 -30.15 -22.30 -16.45
N ASN E 184 -30.09 -20.98 -16.18
CA ASN E 184 -29.54 -20.53 -14.88
C ASN E 184 -28.19 -21.20 -14.53
N SER E 185 -27.24 -21.21 -15.45
CA SER E 185 -25.94 -21.72 -15.13
C SER E 185 -25.00 -20.56 -15.02
N PRO E 186 -24.33 -20.38 -13.86
CA PRO E 186 -24.48 -21.21 -12.65
C PRO E 186 -25.62 -20.74 -11.83
N ARG E 187 -25.95 -21.51 -10.81
CA ARG E 187 -27.05 -21.09 -9.94
C ARG E 187 -26.56 -20.01 -9.06
N PHE E 188 -25.34 -20.16 -8.59
CA PHE E 188 -24.76 -19.18 -7.70
C PHE E 188 -23.41 -18.76 -8.23
N ASN E 189 -23.13 -17.49 -8.19
CA ASN E 189 -21.93 -16.97 -8.82
C ASN E 189 -20.64 -17.51 -8.23
N TRP E 190 -20.67 -18.04 -7.03
CA TRP E 190 -19.43 -18.52 -6.44
C TRP E 190 -19.08 -19.83 -7.05
N GLU E 191 -20.03 -20.53 -7.64
CA GLU E 191 -19.74 -21.91 -8.00
C GLU E 191 -18.57 -22.15 -8.95
N CYS E 192 -18.43 -21.31 -9.96
CA CYS E 192 -17.41 -21.59 -11.03
C CYS E 192 -15.98 -21.57 -10.47
N LYS E 193 -15.78 -20.74 -9.46
CA LYS E 193 -14.50 -20.70 -8.76
C LYS E 193 -13.98 -22.08 -8.34
N TYR E 194 -14.83 -22.99 -7.88
CA TYR E 194 -14.38 -24.32 -7.40
C TYR E 194 -14.69 -25.55 -8.29
N CYS E 195 -15.19 -25.26 -9.49
CA CYS E 195 -15.74 -26.24 -10.42
C CYS E 195 -14.62 -26.81 -11.20
N ILE E 196 -14.50 -28.10 -11.23
CA ILE E 196 -13.41 -28.76 -11.94
C ILE E 196 -13.59 -28.73 -13.49
N PHE E 197 -14.81 -28.42 -13.93
CA PHE E 197 -15.17 -28.30 -15.33
C PHE E 197 -15.01 -26.88 -15.86
N SER E 198 -14.55 -25.99 -14.99
CA SER E 198 -14.38 -24.59 -15.40
C SER E 198 -13.36 -24.52 -16.50
N VAL E 199 -12.46 -25.50 -16.58
CA VAL E 199 -11.47 -25.52 -17.63
C VAL E 199 -11.98 -25.82 -19.06
N ILE E 200 -13.23 -26.26 -19.19
CA ILE E 200 -13.84 -26.58 -20.47
C ILE E 200 -15.22 -25.96 -20.63
N CYS E 201 -15.69 -25.24 -19.66
CA CYS E 201 -17.05 -24.71 -19.74
C CYS E 201 -17.14 -23.32 -20.31
N PRO E 202 -17.99 -23.12 -21.31
CA PRO E 202 -18.13 -21.77 -21.87
C PRO E 202 -18.92 -20.79 -21.06
N ALA E 203 -19.71 -21.27 -20.15
CA ALA E 203 -20.54 -20.38 -19.29
C ALA E 203 -19.83 -19.90 -17.99
N LYS E 204 -18.65 -20.42 -17.71
CA LYS E 204 -17.82 -19.98 -16.61
C LYS E 204 -17.77 -18.51 -16.40
N LEU E 205 -18.12 -18.07 -15.18
CA LEU E 205 -18.07 -16.68 -14.82
C LEU E 205 -16.61 -16.19 -14.62
N THR E 206 -16.32 -14.99 -15.09
CA THR E 206 -14.98 -14.49 -15.01
C THR E 206 -15.07 -13.01 -14.65
N PHE F 2 -33.96 -22.59 22.14
CA PHE F 2 -33.03 -21.43 22.38
C PHE F 2 -31.67 -21.67 21.72
N GLN F 3 -30.84 -22.55 22.27
CA GLN F 3 -29.54 -22.80 21.68
C GLN F 3 -29.69 -23.69 20.44
N GLY F 4 -30.61 -24.64 20.49
CA GLY F 4 -30.75 -25.60 19.41
C GLY F 4 -30.58 -27.03 19.89
N MSE F 5 -31.57 -27.86 19.55
CA MSE F 5 -31.58 -29.25 19.95
C MSE F 5 -30.22 -29.91 19.80
O MSE F 5 -29.68 -30.43 20.77
CB MSE F 5 -32.63 -30.01 19.12
CG MSE F 5 -32.81 -31.47 19.50
SE MSE F 5 -34.23 -32.24 18.49
CE MSE F 5 -35.64 -30.91 18.95
N ILE F 6 -29.65 -29.90 18.61
CA ILE F 6 -28.45 -30.71 18.43
C ILE F 6 -27.26 -30.21 19.26
N THR F 7 -27.02 -28.91 19.20
CA THR F 7 -25.86 -28.31 19.82
C THR F 7 -26.00 -28.24 21.36
N GLU F 8 -27.20 -28.01 21.86
CA GLU F 8 -27.41 -28.06 23.33
C GLU F 8 -26.96 -29.41 23.85
N PHE F 9 -27.14 -30.46 23.04
CA PHE F 9 -26.72 -31.80 23.42
C PHE F 9 -25.22 -31.99 23.36
N LEU F 10 -24.62 -31.50 22.28
CA LEU F 10 -23.16 -31.63 22.09
C LEU F 10 -22.36 -30.94 23.24
N LEU F 11 -22.85 -29.78 23.65
CA LEU F 11 -22.24 -28.97 24.69
C LEU F 11 -22.39 -29.60 26.09
N LYS F 12 -23.64 -29.95 26.44
CA LYS F 12 -23.90 -30.80 27.62
C LYS F 12 -22.92 -31.98 27.70
N LYS F 13 -23.01 -32.87 26.71
CA LYS F 13 -22.16 -34.06 26.66
C LYS F 13 -20.68 -33.72 26.75
N LYS F 14 -20.28 -32.57 26.21
CA LYS F 14 -18.86 -32.19 26.19
C LYS F 14 -18.43 -31.61 27.57
N LEU F 15 -19.32 -30.86 28.21
CA LEU F 15 -19.05 -30.39 29.57
C LEU F 15 -18.82 -31.58 30.51
N GLU F 16 -19.72 -32.57 30.50
CA GLU F 16 -19.60 -33.77 31.35
C GLU F 16 -18.29 -34.52 31.14
N GLU F 17 -17.87 -34.72 29.89
CA GLU F 17 -16.58 -35.42 29.68
C GLU F 17 -15.39 -34.62 30.24
N HIS F 18 -15.54 -33.29 30.33
CA HIS F 18 -14.50 -32.47 30.90
C HIS F 18 -14.55 -32.69 32.41
N LEU F 19 -15.66 -32.27 33.01
CA LEU F 19 -15.89 -32.48 34.43
C LEU F 19 -15.60 -33.90 34.97
N SER F 20 -15.52 -34.92 34.11
CA SER F 20 -15.27 -36.29 34.56
C SER F 20 -13.77 -36.55 34.85
N HIS F 21 -12.90 -36.26 33.90
CA HIS F 21 -11.47 -36.42 34.12
C HIS F 21 -11.07 -35.34 35.14
N VAL F 22 -10.59 -35.80 36.31
CA VAL F 22 -10.14 -34.91 37.40
C VAL F 22 -8.68 -35.27 37.74
N LYS F 23 -7.72 -34.46 37.28
CA LYS F 23 -6.29 -34.85 37.27
C LYS F 23 -5.72 -34.92 38.70
N GLU F 24 -5.29 -36.10 39.13
CA GLU F 24 -4.63 -36.26 40.44
C GLU F 24 -3.42 -35.31 40.55
N GLU F 25 -2.89 -35.19 41.78
CA GLU F 25 -1.82 -34.23 42.09
C GLU F 25 -0.58 -34.44 41.22
N ASN F 26 -0.15 -35.69 41.08
CA ASN F 26 1.13 -35.99 40.46
C ASN F 26 0.98 -36.59 39.04
N THR F 27 -0.15 -36.32 38.40
CA THR F 27 -0.34 -36.75 37.05
C THR F 27 0.01 -35.66 36.04
N ILE F 28 0.85 -36.02 35.08
CA ILE F 28 1.07 -35.24 33.87
C ILE F 28 0.56 -35.99 32.60
N TYR F 29 -0.34 -35.38 31.85
CA TYR F 29 -0.77 -35.97 30.57
C TYR F 29 0.34 -35.86 29.57
N VAL F 30 0.40 -36.77 28.60
CA VAL F 30 1.39 -36.67 27.52
C VAL F 30 1.24 -35.32 26.75
N THR F 31 0.03 -34.89 26.50
CA THR F 31 -0.19 -33.60 25.89
C THR F 31 0.37 -32.45 26.73
N ASP F 32 0.48 -32.61 28.05
CA ASP F 32 1.07 -31.55 28.85
C ASP F 32 2.57 -31.44 28.67
N LEU F 33 3.24 -32.53 28.37
CA LEU F 33 4.69 -32.44 28.15
C LEU F 33 5.18 -31.65 26.87
N VAL F 34 4.25 -31.38 25.95
CA VAL F 34 4.56 -30.65 24.72
C VAL F 34 3.71 -29.36 24.63
N ARG F 35 3.15 -28.94 25.76
CA ARG F 35 2.51 -27.67 25.90
C ARG F 35 3.39 -26.76 26.78
N CYS F 36 2.88 -25.54 26.90
CA CYS F 36 3.37 -24.54 27.86
C CYS F 36 3.18 -24.95 29.34
N PRO F 37 4.30 -25.03 30.07
CA PRO F 37 4.15 -25.47 31.45
C PRO F 37 3.27 -24.52 32.20
N ARG F 38 3.35 -23.23 31.97
CA ARG F 38 2.50 -22.39 32.74
C ARG F 38 1.08 -22.64 32.40
N ARG F 39 0.81 -23.01 31.15
CA ARG F 39 -0.55 -23.22 30.77
C ARG F 39 -1.11 -24.48 31.46
N VAL F 40 -0.28 -25.53 31.49
CA VAL F 40 -0.60 -26.76 32.22
C VAL F 40 -1.02 -26.44 33.65
N ARG F 41 -0.14 -25.71 34.35
CA ARG F 41 -0.37 -25.33 35.72
C ARG F 41 -1.63 -24.45 35.83
N TYR F 42 -1.87 -23.56 34.87
CA TYR F 42 -3.02 -22.68 35.03
C TYR F 42 -4.28 -23.51 34.95
N GLU F 43 -4.25 -24.58 34.18
CA GLU F 43 -5.48 -25.37 33.99
C GLU F 43 -5.83 -26.04 35.32
N SER F 44 -4.80 -26.48 36.02
CA SER F 44 -4.93 -27.00 37.35
C SER F 44 -5.43 -25.94 38.35
N GLU F 45 -4.74 -24.80 38.40
CA GLU F 45 -5.04 -23.73 39.38
C GLU F 45 -6.31 -22.88 39.12
N TYR F 46 -6.77 -22.79 37.87
CA TYR F 46 -7.95 -21.95 37.55
C TYR F 46 -8.92 -22.74 36.71
N LYS F 47 -9.53 -23.72 37.37
CA LYS F 47 -10.30 -24.76 36.70
C LYS F 47 -11.62 -24.21 36.26
N GLU F 48 -12.09 -23.14 36.88
CA GLU F 48 -13.33 -22.52 36.40
C GLU F 48 -13.12 -21.81 35.07
N LEU F 49 -11.93 -21.19 34.90
CA LEU F 49 -11.55 -20.58 33.61
C LEU F 49 -11.22 -21.64 32.54
N ALA F 50 -10.49 -22.70 32.93
CA ALA F 50 -10.10 -23.78 32.04
C ALA F 50 -11.35 -24.43 31.43
N ILE F 51 -12.42 -24.42 32.19
CA ILE F 51 -13.64 -24.94 31.63
C ILE F 51 -13.95 -24.29 30.28
N SER F 52 -13.53 -23.04 30.03
CA SER F 52 -13.94 -22.34 28.81
C SER F 52 -13.44 -23.04 27.55
N GLN F 53 -12.31 -23.76 27.64
CA GLN F 53 -11.81 -24.61 26.57
C GLN F 53 -12.84 -25.62 26.07
N VAL F 54 -13.77 -26.04 26.92
CA VAL F 54 -14.82 -26.99 26.48
C VAL F 54 -15.61 -26.50 25.25
N TYR F 55 -15.64 -25.19 25.03
CA TYR F 55 -16.55 -24.62 24.06
C TYR F 55 -15.80 -24.04 22.86
N ALA F 56 -14.51 -24.32 22.71
CA ALA F 56 -13.76 -24.04 21.47
C ALA F 56 -14.34 -24.87 20.27
N PRO F 57 -14.92 -24.20 19.28
CA PRO F 57 -15.59 -24.95 18.21
C PRO F 57 -14.66 -25.87 17.44
N SER F 58 -13.37 -25.57 17.44
CA SER F 58 -12.44 -26.44 16.76
C SER F 58 -12.14 -27.68 17.61
N ALA F 59 -12.45 -27.62 18.89
CA ALA F 59 -12.26 -28.80 19.71
C ALA F 59 -13.42 -29.76 19.47
N ILE F 60 -14.61 -29.20 19.37
CA ILE F 60 -15.82 -29.98 19.09
C ILE F 60 -15.69 -30.65 17.73
N LEU F 61 -15.18 -29.89 16.75
CA LEU F 61 -15.00 -30.41 15.44
C LEU F 61 -14.00 -31.53 15.52
N GLY F 62 -12.87 -31.30 16.19
CA GLY F 62 -11.83 -32.32 16.25
C GLY F 62 -12.32 -33.56 16.91
N ASP F 63 -13.27 -33.38 17.80
CA ASP F 63 -13.75 -34.52 18.57
C ASP F 63 -14.73 -35.34 17.74
N ILE F 64 -15.58 -34.66 16.98
CA ILE F 64 -16.49 -35.33 16.05
C ILE F 64 -15.72 -36.10 14.98
N LEU F 65 -14.65 -35.53 14.44
CA LEU F 65 -13.79 -36.23 13.49
C LEU F 65 -13.11 -37.44 14.07
N HIS F 66 -12.69 -37.34 15.33
CA HIS F 66 -11.94 -38.48 15.94
C HIS F 66 -12.93 -39.58 16.05
N LEU F 67 -14.15 -39.25 16.45
CA LEU F 67 -15.24 -40.24 16.48
C LEU F 67 -15.46 -40.96 15.15
N GLY F 68 -15.78 -40.21 14.10
CA GLY F 68 -16.08 -40.82 12.81
C GLY F 68 -14.92 -41.67 12.33
N LEU F 69 -13.72 -41.24 12.58
CA LEU F 69 -12.58 -41.85 11.94
C LEU F 69 -12.22 -43.02 12.73
N GLU F 70 -12.30 -42.86 14.06
CA GLU F 70 -12.02 -43.95 15.01
C GLU F 70 -12.96 -45.14 14.74
N SER F 71 -14.24 -44.87 14.49
CA SER F 71 -15.15 -45.98 14.21
C SER F 71 -14.81 -46.74 12.92
N VAL F 72 -14.03 -46.11 12.03
CA VAL F 72 -13.53 -46.75 10.81
C VAL F 72 -12.33 -47.60 11.14
N LEU F 73 -11.48 -47.08 12.01
CA LEU F 73 -10.32 -47.86 12.50
C LEU F 73 -10.73 -49.16 13.27
N LYS F 74 -11.85 -49.10 13.97
CA LYS F 74 -12.32 -50.26 14.73
C LYS F 74 -12.86 -51.29 13.72
N GLY F 75 -13.84 -50.84 12.93
CA GLY F 75 -14.50 -51.64 11.90
C GLY F 75 -13.61 -52.37 10.88
N ASN F 76 -12.50 -51.77 10.44
CA ASN F 76 -11.71 -52.30 9.33
C ASN F 76 -10.25 -52.57 9.61
N PHE F 77 -9.71 -51.97 10.68
CA PHE F 77 -8.28 -52.20 11.05
C PHE F 77 -8.03 -53.09 12.30
N ASN F 78 -9.10 -53.35 13.05
CA ASN F 78 -9.00 -54.27 14.17
C ASN F 78 -8.23 -53.54 15.27
N ALA F 79 -8.64 -52.29 15.50
CA ALA F 79 -7.91 -51.42 16.38
C ALA F 79 -8.76 -51.14 17.59
N GLU F 80 -8.08 -50.81 18.68
CA GLU F 80 -8.77 -50.36 19.87
C GLU F 80 -8.68 -48.85 19.83
N THR F 81 -9.74 -48.22 20.28
CA THR F 81 -9.83 -46.79 20.28
C THR F 81 -9.74 -46.23 21.68
N GLU F 82 -9.22 -45.00 21.78
CA GLU F 82 -9.15 -44.27 23.03
C GLU F 82 -8.49 -45.11 24.16
N VAL F 83 -7.29 -45.61 23.92
CA VAL F 83 -6.67 -46.54 24.81
C VAL F 83 -5.88 -45.80 25.91
N GLU F 84 -6.41 -45.87 27.16
CA GLU F 84 -5.74 -45.23 28.36
C GLU F 84 -4.67 -46.12 28.92
N THR F 85 -3.54 -45.56 29.26
CA THR F 85 -2.51 -46.32 29.96
C THR F 85 -1.71 -45.29 30.75
N LEU F 86 -0.79 -45.77 31.57
CA LEU F 86 0.04 -44.82 32.29
C LEU F 86 1.33 -45.43 32.73
N ARG F 87 2.24 -44.57 33.13
CA ARG F 87 3.51 -45.08 33.48
C ARG F 87 4.09 -44.10 34.48
N GLU F 88 4.65 -44.65 35.54
CA GLU F 88 5.12 -43.84 36.63
C GLU F 88 6.59 -43.60 36.46
N ILE F 89 7.04 -42.45 36.92
CA ILE F 89 8.46 -42.10 36.82
C ILE F 89 8.86 -41.27 38.03
N ASN F 90 10.14 -41.38 38.34
CA ASN F 90 10.79 -40.61 39.36
C ASN F 90 11.33 -39.29 38.81
N VAL F 91 10.72 -38.18 39.24
CA VAL F 91 11.19 -36.81 38.90
C VAL F 91 11.63 -36.14 40.18
N GLY F 92 12.88 -36.44 40.57
CA GLY F 92 13.53 -35.83 41.76
C GLY F 92 12.98 -36.41 43.07
N GLY F 93 12.98 -37.76 43.11
CA GLY F 93 12.38 -38.50 44.20
C GLY F 93 10.86 -38.67 44.12
N LYS F 94 10.11 -37.66 43.66
CA LYS F 94 8.64 -37.77 43.62
C LYS F 94 8.13 -38.58 42.42
N VAL F 95 7.00 -39.24 42.61
CA VAL F 95 6.49 -40.14 41.66
C VAL F 95 5.47 -39.40 40.90
N TYR F 96 5.63 -39.38 39.57
CA TYR F 96 4.63 -38.80 38.70
C TYR F 96 4.01 -39.87 37.81
N LYS F 97 2.70 -39.76 37.66
CA LYS F 97 1.96 -40.52 36.64
C LYS F 97 1.97 -39.82 35.25
N ILE F 98 2.72 -40.40 34.32
CA ILE F 98 2.62 -40.00 32.92
C ILE F 98 1.42 -40.78 32.30
N LYS F 99 0.25 -40.16 32.27
CA LYS F 99 -0.94 -40.77 31.72
C LYS F 99 -1.09 -40.39 30.22
N GLY F 100 -1.69 -41.26 29.40
CA GLY F 100 -1.98 -40.94 27.99
C GLY F 100 -3.16 -41.65 27.39
N ARG F 101 -3.91 -40.99 26.52
CA ARG F 101 -4.94 -41.66 25.72
C ARG F 101 -4.66 -41.70 24.21
N ALA F 102 -4.33 -42.88 23.69
CA ALA F 102 -4.03 -43.06 22.27
C ALA F 102 -5.33 -43.11 21.46
N ASP F 103 -5.41 -42.38 20.35
CA ASP F 103 -6.62 -42.30 19.59
C ASP F 103 -7.01 -43.71 19.08
N ALA F 104 -6.01 -44.49 18.70
CA ALA F 104 -6.25 -45.85 18.38
C ALA F 104 -4.94 -46.64 18.39
N ILE F 105 -5.06 -47.94 18.67
CA ILE F 105 -3.91 -48.88 18.64
C ILE F 105 -4.28 -50.10 17.84
N ILE F 106 -3.34 -50.60 17.08
CA ILE F 106 -3.48 -51.86 16.38
C ILE F 106 -2.39 -52.76 16.91
N ARG F 107 -2.82 -53.85 17.57
CA ARG F 107 -1.93 -54.84 18.22
C ARG F 107 -1.87 -56.02 17.25
N ASN F 108 -0.68 -56.27 16.71
CA ASN F 108 -0.52 -56.99 15.43
C ASN F 108 -1.58 -56.58 14.38
N LYS F 112 4.83 -55.88 16.34
CA LYS F 112 3.57 -56.42 16.82
C LYS F 112 2.58 -55.34 17.32
N SER F 113 2.87 -54.04 17.10
CA SER F 113 1.96 -52.94 17.57
C SER F 113 2.18 -51.52 16.97
N ILE F 114 1.08 -50.78 16.80
CA ILE F 114 1.12 -49.51 16.08
C ILE F 114 0.19 -48.50 16.73
N VAL F 115 0.74 -47.36 17.16
CA VAL F 115 -0.08 -46.31 17.74
C VAL F 115 -0.47 -45.33 16.64
N ILE F 116 -1.75 -45.00 16.55
CA ILE F 116 -2.13 -44.04 15.58
C ILE F 116 -2.71 -42.76 16.25
N GLU F 117 -2.15 -41.60 15.85
CA GLU F 117 -2.67 -40.33 16.35
C GLU F 117 -3.26 -39.59 15.16
N ILE F 118 -4.46 -39.08 15.35
CA ILE F 118 -5.19 -38.42 14.32
C ILE F 118 -5.21 -36.94 14.66
N LYS F 119 -4.96 -36.06 13.66
CA LYS F 119 -4.95 -34.60 13.89
C LYS F 119 -5.82 -33.87 12.87
N THR F 120 -6.48 -32.83 13.35
CA THR F 120 -7.26 -31.97 12.51
C THR F 120 -6.72 -30.57 12.65
N SER F 121 -6.44 -29.96 11.55
CA SER F 121 -5.82 -28.68 11.57
C SER F 121 -6.56 -27.89 10.55
N ARG F 122 -6.54 -26.61 10.74
CA ARG F 122 -7.28 -25.70 9.89
C ARG F 122 -6.55 -25.61 8.58
N SER F 123 -5.23 -25.73 8.64
CA SER F 123 -4.40 -25.64 7.47
C SER F 123 -3.41 -26.79 7.47
N ASP F 124 -2.73 -26.95 6.35
CA ASP F 124 -1.74 -27.94 6.23
C ASP F 124 -0.35 -27.40 6.22
N LYS F 125 -0.11 -26.20 6.76
CA LYS F 125 1.30 -25.71 6.73
C LYS F 125 2.12 -26.48 7.66
N GLY F 126 3.34 -26.77 7.24
CA GLY F 126 4.36 -27.28 8.16
C GLY F 126 4.21 -28.75 8.60
N LEU F 127 3.30 -29.52 7.99
CA LEU F 127 3.06 -30.87 8.43
C LEU F 127 4.32 -31.68 8.24
N PRO F 128 4.65 -32.52 9.18
CA PRO F 128 4.12 -32.72 10.52
C PRO F 128 4.62 -31.68 11.52
N LEU F 129 3.70 -31.17 12.34
CA LEU F 129 4.10 -30.23 13.39
C LEU F 129 4.95 -30.97 14.49
N ILE F 130 6.03 -30.34 14.96
CA ILE F 130 6.95 -31.05 15.83
C ILE F 130 6.31 -31.42 17.20
N HIS F 131 5.39 -30.60 17.73
CA HIS F 131 4.74 -31.01 18.95
C HIS F 131 3.89 -32.26 18.78
N HIS F 132 3.40 -32.46 17.56
CA HIS F 132 2.56 -33.62 17.27
C HIS F 132 3.42 -34.81 17.10
N LYS F 133 4.54 -34.65 16.45
CA LYS F 133 5.46 -35.73 16.32
C LYS F 133 5.83 -36.23 17.72
N MSE F 134 6.39 -35.34 18.52
CA MSE F 134 6.85 -35.66 19.87
C MSE F 134 5.81 -36.36 20.73
O MSE F 134 6.10 -37.35 21.32
CB MSE F 134 7.30 -34.37 20.57
CG MSE F 134 8.69 -33.89 20.18
SE MSE F 134 9.07 -32.10 21.03
CE MSE F 134 8.88 -32.59 22.91
N GLN F 135 4.60 -35.84 20.80
CA GLN F 135 3.48 -36.49 21.40
C GLN F 135 3.41 -37.94 20.94
N LEU F 136 3.50 -38.19 19.65
CA LEU F 136 3.48 -39.57 19.18
C LEU F 136 4.73 -40.32 19.66
N GLN F 137 5.89 -39.69 19.68
CA GLN F 137 7.06 -40.45 20.14
C GLN F 137 6.98 -40.78 21.66
N ILE F 138 6.18 -40.00 22.39
CA ILE F 138 6.00 -40.25 23.78
C ILE F 138 5.09 -41.46 23.94
N TYR F 139 4.04 -41.55 23.11
CA TYR F 139 3.12 -42.67 23.18
C TYR F 139 3.84 -44.01 22.87
N LEU F 140 4.77 -43.99 21.95
CA LEU F 140 5.45 -45.25 21.65
C LEU F 140 6.19 -45.79 22.89
N TRP F 141 6.75 -44.89 23.69
CA TRP F 141 7.39 -45.21 24.97
C TRP F 141 6.28 -45.56 25.89
N LEU F 142 5.29 -44.69 26.01
CA LEU F 142 4.21 -44.95 26.92
C LEU F 142 3.59 -46.35 26.74
N PHE F 143 3.35 -46.79 25.51
CA PHE F 143 2.65 -48.04 25.24
C PHE F 143 3.65 -49.08 24.77
N SER F 144 4.94 -48.78 24.85
CA SER F 144 5.96 -49.71 24.34
C SER F 144 5.60 -50.28 22.97
N ALA F 145 5.24 -49.40 22.01
CA ALA F 145 5.09 -49.77 20.57
C ALA F 145 6.30 -49.43 19.76
N GLU F 146 6.51 -50.25 18.73
CA GLU F 146 7.67 -50.09 17.84
C GLU F 146 7.29 -49.18 16.66
N LYS F 147 6.01 -48.94 16.46
CA LYS F 147 5.57 -48.14 15.32
C LYS F 147 4.40 -47.18 15.67
N GLY F 148 4.50 -45.97 15.08
CA GLY F 148 3.40 -45.01 15.11
C GLY F 148 3.03 -44.34 13.78
N ILE F 149 1.78 -43.91 13.71
CA ILE F 149 1.30 -43.18 12.58
C ILE F 149 0.58 -41.93 12.99
N LEU F 150 1.04 -40.83 12.41
CA LEU F 150 0.46 -39.53 12.61
C LEU F 150 -0.31 -39.17 11.34
N VAL F 151 -1.62 -38.99 11.48
CA VAL F 151 -2.44 -38.78 10.32
C VAL F 151 -3.16 -37.44 10.44
N TYR F 152 -3.00 -36.54 9.44
CA TYR F 152 -3.74 -35.26 9.38
C TYR F 152 -4.91 -35.20 8.35
N ILE F 153 -6.07 -34.81 8.83
CA ILE F 153 -7.23 -34.56 8.02
C ILE F 153 -7.48 -33.08 8.05
N THR F 154 -7.03 -32.33 7.03
CA THR F 154 -7.24 -30.87 6.95
C THR F 154 -8.01 -30.52 5.67
N PRO F 155 -8.63 -29.31 5.60
CA PRO F 155 -9.45 -28.96 4.43
C PRO F 155 -8.69 -28.79 3.14
N ASP F 156 -7.38 -28.66 3.22
CA ASP F 156 -6.51 -28.54 2.09
C ASP F 156 -5.83 -29.80 1.74
N ARG F 157 -5.86 -30.77 2.62
CA ARG F 157 -4.99 -31.88 2.45
C ARG F 157 -5.09 -32.95 3.51
N ILE F 158 -4.96 -34.19 3.11
CA ILE F 158 -4.83 -35.28 4.03
C ILE F 158 -3.43 -35.86 3.90
N ALA F 159 -2.78 -36.16 5.01
CA ALA F 159 -1.41 -36.63 4.89
C ALA F 159 -1.07 -37.45 6.10
N GLU F 160 -0.09 -38.35 5.95
CA GLU F 160 0.15 -39.38 6.90
C GLU F 160 1.64 -39.59 6.99
N TYR F 161 2.10 -39.70 8.24
CA TYR F 161 3.52 -39.82 8.57
C TYR F 161 3.77 -41.02 9.48
N GLU F 162 4.83 -41.73 9.17
CA GLU F 162 5.24 -42.90 9.87
C GLU F 162 6.33 -42.46 10.84
N ILE F 163 6.05 -42.41 12.14
CA ILE F 163 7.08 -42.12 13.17
C ILE F 163 7.44 -43.38 13.99
N ASN F 164 8.70 -43.80 13.97
CA ASN F 164 9.06 -45.11 14.49
C ASN F 164 10.05 -45.14 15.71
N GLU F 165 10.63 -43.99 16.04
CA GLU F 165 11.59 -43.86 17.10
C GLU F 165 10.89 -43.18 18.30
N PRO F 166 10.73 -43.90 19.41
CA PRO F 166 10.15 -43.33 20.63
C PRO F 166 11.18 -42.49 21.33
N LEU F 167 10.73 -41.51 22.10
CA LEU F 167 11.64 -40.65 22.85
C LEU F 167 12.27 -41.43 24.00
N ASP F 168 13.59 -41.27 24.23
CA ASP F 168 14.29 -41.76 25.47
C ASP F 168 13.50 -41.52 26.78
N GLU F 169 13.59 -42.44 27.73
CA GLU F 169 12.98 -42.18 29.04
C GLU F 169 13.54 -40.91 29.71
N ALA F 170 14.85 -40.73 29.61
CA ALA F 170 15.55 -39.55 30.18
C ALA F 170 14.96 -38.26 29.63
N THR F 171 14.77 -38.21 28.32
CA THR F 171 14.22 -37.03 27.66
C THR F 171 12.81 -36.75 28.21
N ILE F 172 12.02 -37.78 28.42
CA ILE F 172 10.66 -37.58 28.93
C ILE F 172 10.67 -37.02 30.33
N VAL F 173 11.63 -37.52 31.12
CA VAL F 173 11.89 -36.98 32.46
C VAL F 173 12.23 -35.48 32.39
N ARG F 174 13.21 -35.12 31.54
CA ARG F 174 13.57 -33.72 31.37
C ARG F 174 12.33 -32.93 30.97
N LEU F 175 11.46 -33.52 30.16
CA LEU F 175 10.26 -32.81 29.74
C LEU F 175 9.36 -32.59 30.91
N ALA F 176 9.25 -33.60 31.76
CA ALA F 176 8.44 -33.47 32.96
C ALA F 176 9.07 -32.52 33.97
N GLU F 177 10.38 -32.57 34.13
CA GLU F 177 11.10 -31.54 34.96
C GLU F 177 10.68 -30.11 34.52
N ASP F 178 10.73 -29.84 33.21
CA ASP F 178 10.43 -28.50 32.74
C ASP F 178 8.98 -28.22 32.97
N THR F 179 8.12 -29.22 32.90
CA THR F 179 6.71 -29.01 33.14
C THR F 179 6.32 -28.59 34.54
N ILE F 180 6.78 -29.35 35.54
CA ILE F 180 6.47 -29.05 36.95
C ILE F 180 7.28 -27.86 37.45
N MSE F 181 8.52 -27.76 36.97
CA MSE F 181 9.41 -26.66 37.32
C MSE F 181 9.18 -25.36 36.52
O MSE F 181 9.96 -24.42 36.66
CB MSE F 181 10.90 -27.09 37.17
CG MSE F 181 11.41 -28.20 38.13
SE MSE F 181 11.45 -27.66 40.03
CE MSE F 181 9.53 -27.65 40.51
N LEU F 182 8.14 -25.32 35.68
CA LEU F 182 7.78 -24.12 34.90
C LEU F 182 8.98 -23.44 34.26
N GLN F 183 9.75 -24.17 33.46
CA GLN F 183 11.07 -23.66 33.04
C GLN F 183 11.11 -22.76 31.78
N ASN F 184 10.48 -23.19 30.70
CA ASN F 184 10.52 -22.42 29.47
C ASN F 184 9.13 -22.29 28.93
N SER F 185 8.44 -21.27 29.41
CA SER F 185 7.13 -20.85 28.95
C SER F 185 7.20 -19.62 28.05
N PRO F 186 6.49 -19.64 26.89
CA PRO F 186 5.79 -20.83 26.36
C PRO F 186 6.76 -21.80 25.77
N ARG F 187 6.32 -23.02 25.49
CA ARG F 187 7.21 -23.98 24.79
C ARG F 187 7.37 -23.62 23.31
N PHE F 188 6.34 -23.01 22.73
CA PHE F 188 6.34 -22.55 21.33
C PHE F 188 5.69 -21.19 21.25
N ASN F 189 6.21 -20.35 20.36
CA ASN F 189 5.81 -18.95 20.23
C ASN F 189 4.37 -18.71 19.76
N TRP F 190 3.77 -19.69 19.12
CA TRP F 190 2.37 -19.55 18.71
C TRP F 190 1.36 -19.72 19.83
N GLU F 191 1.76 -20.29 20.95
CA GLU F 191 0.78 -20.66 22.02
C GLU F 191 -0.01 -19.54 22.64
N CYS F 192 0.67 -18.45 22.98
CA CYS F 192 0.04 -17.33 23.71
C CYS F 192 -1.12 -16.73 22.93
N LYS F 193 -0.96 -16.62 21.61
CA LYS F 193 -2.03 -16.08 20.76
C LYS F 193 -3.42 -16.67 21.03
N TYR F 194 -3.48 -17.96 21.30
CA TYR F 194 -4.71 -18.73 21.52
C TYR F 194 -5.09 -18.97 23.00
N CYS F 195 -4.09 -18.88 23.91
CA CYS F 195 -4.22 -19.24 25.32
C CYS F 195 -5.19 -18.37 26.07
N ILE F 196 -6.08 -19.01 26.82
CA ILE F 196 -7.12 -18.29 27.55
C ILE F 196 -6.59 -17.63 28.83
N PHE F 197 -5.31 -17.86 29.14
CA PHE F 197 -4.67 -17.37 30.38
C PHE F 197 -3.77 -16.17 30.16
N SER F 198 -3.74 -15.73 28.91
CA SER F 198 -2.84 -14.71 28.48
C SER F 198 -3.21 -13.42 29.17
N VAL F 199 -4.49 -13.23 29.44
CA VAL F 199 -4.99 -12.07 30.16
C VAL F 199 -4.48 -11.98 31.62
N ILE F 200 -4.01 -13.09 32.19
CA ILE F 200 -3.37 -13.00 33.50
C ILE F 200 -1.95 -13.48 33.50
N CYS F 201 -1.38 -13.89 32.38
CA CYS F 201 -0.07 -14.49 32.45
C CYS F 201 1.09 -13.52 32.25
N PRO F 202 2.09 -13.54 33.12
CA PRO F 202 3.18 -12.60 32.86
C PRO F 202 4.19 -13.00 31.82
N ALA F 203 4.19 -14.27 31.43
CA ALA F 203 5.23 -14.73 30.49
C ALA F 203 4.76 -14.57 29.02
N LYS F 204 3.54 -14.09 28.83
CA LYS F 204 2.88 -13.96 27.55
C LYS F 204 3.71 -13.27 26.51
N LEU F 205 3.88 -13.86 25.33
CA LEU F 205 4.72 -13.22 24.33
C LEU F 205 3.92 -12.09 23.76
N THR F 206 4.56 -10.93 23.75
CA THR F 206 3.98 -9.80 23.03
C THR F 206 4.96 -9.35 21.95
N TYR G 1 -20.43 22.74 37.37
CA TYR G 1 -21.28 22.53 36.17
C TYR G 1 -20.66 23.00 34.83
N PHE G 2 -19.66 23.87 34.84
CA PHE G 2 -18.98 24.19 33.59
C PHE G 2 -18.07 23.03 33.16
N GLN G 3 -17.12 22.71 34.02
CA GLN G 3 -16.23 21.55 33.84
C GLN G 3 -16.94 20.26 34.24
N GLY G 4 -17.64 20.33 35.39
CA GLY G 4 -18.30 19.17 35.93
C GLY G 4 -17.94 18.98 37.38
N MSE G 5 -18.93 18.53 38.15
CA MSE G 5 -18.82 18.40 39.62
C MSE G 5 -17.65 17.53 40.01
O MSE G 5 -16.75 17.97 40.73
CB MSE G 5 -20.13 17.86 40.20
CG MSE G 5 -20.40 18.23 41.64
SE MSE G 5 -21.87 17.14 42.27
CE MSE G 5 -23.30 18.35 41.69
N ILE G 6 -17.63 16.30 39.50
CA ILE G 6 -16.57 15.35 39.89
C ILE G 6 -15.21 15.80 39.41
N THR G 7 -15.10 16.07 38.11
CA THR G 7 -13.77 16.31 37.54
C THR G 7 -13.13 17.56 38.10
N GLU G 8 -13.90 18.64 38.18
CA GLU G 8 -13.45 19.86 38.83
C GLU G 8 -12.71 19.53 40.14
N PHE G 9 -13.30 18.64 40.92
CA PHE G 9 -12.74 18.28 42.23
C PHE G 9 -11.48 17.45 42.09
N LEU G 10 -11.53 16.50 41.16
CA LEU G 10 -10.37 15.66 40.91
C LEU G 10 -9.17 16.48 40.45
N LEU G 11 -9.43 17.51 39.65
CA LEU G 11 -8.38 18.36 39.12
C LEU G 11 -7.81 19.27 40.20
N LYS G 12 -8.69 19.92 40.94
CA LYS G 12 -8.34 20.69 42.16
C LYS G 12 -7.42 19.95 43.15
N LYS G 13 -7.85 18.75 43.57
CA LYS G 13 -7.04 17.93 44.49
C LYS G 13 -5.76 17.43 43.83
N LYS G 14 -5.75 17.25 42.50
CA LYS G 14 -4.51 16.81 41.88
C LYS G 14 -3.52 17.93 41.85
N LEU G 15 -4.03 19.11 41.52
CA LEU G 15 -3.21 20.33 41.57
C LEU G 15 -2.53 20.52 42.96
N GLU G 16 -3.33 20.46 44.03
CA GLU G 16 -2.80 20.63 45.40
C GLU G 16 -1.73 19.62 45.71
N GLU G 17 -1.99 18.34 45.42
CA GLU G 17 -0.96 17.31 45.64
C GLU G 17 0.34 17.70 44.94
N HIS G 18 0.23 18.26 43.72
CA HIS G 18 1.42 18.68 42.97
C HIS G 18 2.23 19.75 43.69
N LEU G 19 1.54 20.80 44.08
CA LEU G 19 2.11 21.90 44.87
C LEU G 19 2.51 21.51 46.33
N SER G 20 2.07 20.34 46.78
CA SER G 20 2.32 19.82 48.13
C SER G 20 3.73 19.32 48.37
N HIS G 21 4.47 19.05 47.31
CA HIS G 21 5.83 18.53 47.46
C HIS G 21 6.77 19.54 46.85
N VAL G 22 7.81 19.89 47.62
CA VAL G 22 8.90 20.69 47.09
C VAL G 22 10.16 19.91 47.39
N LYS G 23 11.09 19.98 46.45
CA LYS G 23 12.21 19.08 46.42
C LYS G 23 13.34 19.66 47.27
N GLU G 24 14.04 18.79 47.99
CA GLU G 24 15.15 19.19 48.83
C GLU G 24 16.40 19.41 48.00
N GLU G 25 17.27 20.27 48.51
CA GLU G 25 18.60 20.48 47.93
C GLU G 25 19.48 19.29 48.24
N ASN G 26 20.41 19.04 47.32
CA ASN G 26 21.29 17.88 47.35
C ASN G 26 20.57 16.54 47.46
N THR G 27 19.31 16.55 47.00
CA THR G 27 18.47 15.39 47.05
C THR G 27 17.99 14.98 45.64
N ILE G 28 18.20 13.71 45.34
CA ILE G 28 17.68 13.10 44.10
C ILE G 28 16.66 12.03 44.46
N TYR G 29 15.50 12.07 43.85
CA TYR G 29 14.50 11.07 44.10
C TYR G 29 14.74 9.89 43.16
N VAL G 30 14.18 8.73 43.50
CA VAL G 30 14.44 7.51 42.72
C VAL G 30 13.77 7.66 41.38
N THR G 31 12.56 8.20 41.39
CA THR G 31 11.81 8.39 40.20
C THR G 31 12.65 9.20 39.22
N ASP G 32 13.57 10.00 39.71
CA ASP G 32 14.36 10.81 38.84
C ASP G 32 15.63 10.10 38.40
N LEU G 33 16.17 9.17 39.16
CA LEU G 33 17.31 8.40 38.62
C LEU G 33 16.93 7.62 37.36
N VAL G 34 15.63 7.41 37.10
CA VAL G 34 15.21 6.63 35.93
C VAL G 34 14.59 7.43 34.75
N ARG G 35 14.72 8.75 34.82
CA ARG G 35 14.19 9.63 33.84
C ARG G 35 15.30 10.51 33.34
N CYS G 36 15.01 11.20 32.25
CA CYS G 36 15.97 12.08 31.58
C CYS G 36 16.50 13.17 32.53
N PRO G 37 17.81 13.26 32.68
CA PRO G 37 18.38 14.34 33.49
C PRO G 37 17.93 15.74 33.12
N ARG G 38 17.83 16.09 31.83
CA ARG G 38 17.39 17.44 31.50
C ARG G 38 15.95 17.63 31.87
N ARG G 39 15.15 16.61 31.70
CA ARG G 39 13.76 16.74 32.04
C ARG G 39 13.60 17.06 33.57
N VAL G 40 14.43 16.42 34.39
CA VAL G 40 14.32 16.56 35.86
C VAL G 40 14.72 18.01 36.21
N ARG G 41 15.79 18.49 35.61
CA ARG G 41 16.15 19.88 35.79
C ARG G 41 15.07 20.82 35.25
N TYR G 42 14.46 20.50 34.13
CA TYR G 42 13.45 21.36 33.56
C TYR G 42 12.28 21.51 34.52
N GLU G 43 12.04 20.45 35.28
CA GLU G 43 10.92 20.44 36.22
C GLU G 43 11.10 21.43 37.41
N SER G 44 12.33 21.64 37.87
CA SER G 44 12.66 22.76 38.77
C SER G 44 12.70 24.13 38.07
N GLU G 45 13.37 24.23 36.92
CA GLU G 45 13.48 25.56 36.30
C GLU G 45 12.18 26.16 35.80
N TYR G 46 11.20 25.32 35.44
CA TYR G 46 10.02 25.78 34.69
C TYR G 46 8.79 25.20 35.33
N LYS G 47 8.64 25.46 36.61
CA LYS G 47 7.56 24.83 37.38
C LYS G 47 6.20 25.24 36.85
N GLU G 48 6.09 26.44 36.31
CA GLU G 48 4.80 26.89 35.81
C GLU G 48 4.44 25.97 34.62
N LEU G 49 5.41 25.66 33.76
CA LEU G 49 5.14 24.75 32.65
C LEU G 49 4.98 23.34 33.23
N ALA G 50 5.90 22.90 34.07
CA ALA G 50 5.79 21.53 34.66
C ALA G 50 4.38 21.24 35.17
N ILE G 51 3.64 22.26 35.61
CA ILE G 51 2.28 22.06 36.15
C ILE G 51 1.25 21.46 35.15
N SER G 52 1.37 21.71 33.88
CA SER G 52 0.51 21.02 32.93
C SER G 52 0.52 19.47 33.12
N GLN G 53 1.60 18.89 33.65
CA GLN G 53 1.59 17.44 33.85
C GLN G 53 0.42 17.02 34.76
N VAL G 54 -0.09 17.92 35.57
CA VAL G 54 -1.22 17.63 36.44
C VAL G 54 -2.43 17.16 35.69
N TYR G 55 -2.62 17.64 34.47
CA TYR G 55 -3.88 17.42 33.74
C TYR G 55 -3.80 16.28 32.72
N ALA G 56 -2.73 15.51 32.83
CA ALA G 56 -2.52 14.39 31.96
C ALA G 56 -3.46 13.26 32.40
N PRO G 57 -4.47 12.94 31.56
CA PRO G 57 -5.51 11.97 31.97
C PRO G 57 -4.91 10.62 32.31
N SER G 58 -3.81 10.27 31.65
CA SER G 58 -3.14 9.07 32.06
C SER G 58 -2.70 9.14 33.49
N ALA G 59 -2.13 10.26 33.92
CA ALA G 59 -1.71 10.33 35.31
C ALA G 59 -2.94 10.29 36.23
N ILE G 60 -4.01 10.98 35.89
CA ILE G 60 -5.22 10.93 36.70
C ILE G 60 -5.73 9.53 36.84
N LEU G 61 -5.94 8.85 35.74
CA LEU G 61 -6.29 7.41 35.75
C LEU G 61 -5.31 6.63 36.58
N GLY G 62 -4.05 7.00 36.50
CA GLY G 62 -2.97 6.29 37.18
C GLY G 62 -3.02 6.44 38.69
N ASP G 63 -3.28 7.65 39.18
CA ASP G 63 -3.38 7.92 40.62
C ASP G 63 -4.58 7.20 41.23
N ILE G 64 -5.72 7.27 40.56
CA ILE G 64 -6.90 6.63 41.03
C ILE G 64 -6.66 5.16 41.18
N LEU G 65 -6.03 4.54 40.18
CA LEU G 65 -5.79 3.09 40.25
C LEU G 65 -4.77 2.73 41.29
N HIS G 66 -3.83 3.63 41.61
CA HIS G 66 -2.91 3.38 42.72
C HIS G 66 -3.74 3.39 44.01
N LEU G 67 -4.71 4.30 44.10
CA LEU G 67 -5.51 4.44 45.31
C LEU G 67 -6.30 3.13 45.58
N GLY G 68 -6.98 2.64 44.54
CA GLY G 68 -7.82 1.46 44.69
C GLY G 68 -7.01 0.23 45.02
N LEU G 69 -5.85 0.09 44.41
CA LEU G 69 -5.12 -1.14 44.54
C LEU G 69 -4.50 -1.07 45.90
N GLU G 70 -4.11 0.14 46.31
CA GLU G 70 -3.52 0.36 47.64
C GLU G 70 -4.53 -0.03 48.72
N SER G 71 -5.75 0.49 48.61
CA SER G 71 -6.84 0.12 49.49
C SER G 71 -6.96 -1.39 49.74
N VAL G 72 -6.83 -2.17 48.67
CA VAL G 72 -6.83 -3.63 48.75
C VAL G 72 -5.58 -4.11 49.43
N LEU G 73 -4.45 -3.49 49.12
CA LEU G 73 -3.17 -3.94 49.69
C LEU G 73 -3.10 -3.73 51.21
N LYS G 74 -3.73 -2.69 51.74
CA LYS G 74 -3.50 -2.32 53.13
C LYS G 74 -4.51 -2.96 54.08
N GLY G 75 -5.71 -3.23 53.56
CA GLY G 75 -6.73 -3.99 54.25
C GLY G 75 -6.78 -5.48 53.98
N ASN G 76 -5.74 -6.07 53.42
CA ASN G 76 -5.73 -7.53 53.18
C ASN G 76 -4.32 -8.08 53.24
N PHE G 77 -3.34 -7.24 52.96
CA PHE G 77 -1.97 -7.60 53.18
C PHE G 77 -1.36 -6.84 54.32
N ASN G 78 -2.18 -6.04 54.99
CA ASN G 78 -1.69 -5.21 56.10
C ASN G 78 -0.43 -4.41 55.65
N ALA G 79 -0.52 -3.91 54.42
CA ALA G 79 0.55 -3.16 53.82
C ALA G 79 0.66 -1.75 54.42
N GLU G 80 1.89 -1.27 54.52
CA GLU G 80 2.14 0.15 54.64
C GLU G 80 2.17 0.79 53.20
N THR G 81 1.48 1.92 53.00
CA THR G 81 1.54 2.61 51.72
C THR G 81 2.31 3.95 51.77
N GLU G 82 2.87 4.36 50.63
CA GLU G 82 3.58 5.60 50.47
C GLU G 82 4.71 5.76 51.48
N VAL G 83 5.55 4.75 51.57
CA VAL G 83 6.58 4.72 52.55
C VAL G 83 7.82 5.47 52.12
N GLU G 84 8.15 6.52 52.87
CA GLU G 84 9.28 7.37 52.59
C GLU G 84 10.49 6.86 53.28
N THR G 85 11.64 7.05 52.69
CA THR G 85 12.92 6.77 53.34
C THR G 85 14.10 7.43 52.60
N LEU G 86 15.33 7.22 53.09
CA LEU G 86 16.48 7.74 52.41
C LEU G 86 17.71 6.94 52.67
N ARG G 87 18.73 7.11 51.84
CA ARG G 87 20.07 6.60 52.06
C ARG G 87 20.98 7.71 51.65
N GLU G 88 22.25 7.59 52.02
CA GLU G 88 23.24 8.57 51.64
C GLU G 88 24.18 7.92 50.65
N ILE G 89 24.60 8.71 49.68
CA ILE G 89 25.62 8.26 48.77
C ILE G 89 26.65 9.35 48.58
N ASN G 90 27.87 8.93 48.29
CA ASN G 90 28.96 9.84 47.94
C ASN G 90 29.05 9.99 46.40
N VAL G 91 29.02 11.22 45.90
CA VAL G 91 29.24 11.46 44.47
C VAL G 91 29.94 12.81 44.17
N GLY G 92 31.22 12.71 43.80
CA GLY G 92 32.04 13.88 43.49
C GLY G 92 32.71 14.41 44.74
N GLY G 93 32.93 13.52 45.70
CA GLY G 93 33.38 13.90 47.03
C GLY G 93 32.37 14.74 47.78
N LYS G 94 31.13 14.79 47.26
CA LYS G 94 30.04 15.53 47.90
C LYS G 94 28.97 14.51 48.31
N VAL G 95 28.24 14.82 49.39
CA VAL G 95 27.22 13.90 49.90
C VAL G 95 25.86 14.32 49.36
N TYR G 96 25.12 13.32 48.85
CA TYR G 96 23.77 13.51 48.34
C TYR G 96 22.88 12.49 49.03
N LYS G 97 21.60 12.82 49.09
CA LYS G 97 20.61 11.92 49.60
C LYS G 97 19.78 11.38 48.42
N ILE G 98 19.59 10.06 48.36
CA ILE G 98 18.58 9.49 47.49
C ILE G 98 17.34 9.22 48.32
N LYS G 99 16.21 9.69 47.84
CA LYS G 99 15.00 9.55 48.57
C LYS G 99 14.03 8.81 47.71
N GLY G 100 13.10 8.12 48.34
CA GLY G 100 11.98 7.56 47.61
C GLY G 100 10.77 7.24 48.43
N ARG G 101 9.66 6.97 47.74
CA ARG G 101 8.35 6.71 48.31
C ARG G 101 7.79 5.41 47.67
N ALA G 102 7.99 4.27 48.34
CA ALA G 102 7.43 3.01 47.86
C ALA G 102 5.94 3.09 47.89
N ASP G 103 5.28 2.58 46.85
CA ASP G 103 3.83 2.57 46.76
C ASP G 103 3.23 1.73 47.87
N ALA G 104 3.87 0.60 48.17
CA ALA G 104 3.45 -0.23 49.30
C ALA G 104 4.59 -1.09 49.69
N ILE G 105 4.66 -1.41 50.98
CA ILE G 105 5.55 -2.43 51.46
C ILE G 105 4.80 -3.47 52.32
N ILE G 106 5.20 -4.73 52.20
CA ILE G 106 4.55 -5.81 52.89
C ILE G 106 5.63 -6.62 53.54
N ARG G 107 5.29 -7.18 54.73
CA ARG G 107 6.17 -8.08 55.53
C ARG G 107 5.72 -9.58 55.42
N ASN G 108 6.47 -10.49 56.10
CA ASN G 108 6.35 -11.97 55.94
C ASN G 108 5.83 -12.80 57.14
N LYS G 112 10.35 -9.94 57.24
CA LYS G 112 11.03 -9.42 56.03
C LYS G 112 10.12 -8.72 54.97
N SER G 113 10.72 -7.73 54.32
CA SER G 113 9.97 -6.75 53.57
C SER G 113 9.96 -7.04 52.06
N ILE G 114 8.77 -6.76 51.49
CA ILE G 114 8.51 -6.88 50.05
C ILE G 114 8.09 -5.51 49.54
N VAL G 115 8.93 -4.92 48.68
CA VAL G 115 8.56 -3.64 48.06
C VAL G 115 7.59 -3.90 46.86
N ILE G 116 6.44 -3.26 46.89
CA ILE G 116 5.50 -3.33 45.82
C ILE G 116 5.56 -2.04 44.99
N GLU G 117 5.73 -2.15 43.67
CA GLU G 117 5.61 -0.98 42.75
C GLU G 117 4.41 -1.32 41.85
N ILE G 118 3.43 -0.45 41.82
CA ILE G 118 2.26 -0.62 40.98
C ILE G 118 2.46 0.18 39.66
N LYS G 119 2.12 -0.41 38.49
CA LYS G 119 2.14 0.34 37.19
C LYS G 119 0.86 0.21 36.43
N THR G 120 0.50 1.25 35.72
CA THR G 120 -0.66 1.21 34.84
C THR G 120 -0.16 1.65 33.47
N SER G 121 -0.55 0.98 32.42
CA SER G 121 -0.12 1.27 31.07
C SER G 121 -1.31 1.00 30.22
N ARG G 122 -1.31 1.72 29.11
CA ARG G 122 -2.26 1.63 28.03
C ARG G 122 -2.21 0.27 27.38
N SER G 123 -0.99 -0.26 27.30
CA SER G 123 -0.78 -1.51 26.63
C SER G 123 0.07 -2.44 27.45
N ASP G 124 -0.06 -3.72 27.15
CA ASP G 124 0.70 -4.72 27.84
C ASP G 124 1.91 -5.15 27.05
N LYS G 125 2.47 -4.24 26.28
CA LYS G 125 3.56 -4.59 25.40
C LYS G 125 4.95 -4.57 26.06
N GLY G 126 5.75 -5.61 25.92
CA GLY G 126 7.14 -5.59 26.47
C GLY G 126 7.23 -5.68 28.02
N LEU G 127 6.16 -6.08 28.69
CA LEU G 127 6.21 -6.22 30.20
C LEU G 127 7.26 -7.24 30.65
N PRO G 128 8.04 -6.88 31.64
CA PRO G 128 8.04 -5.63 32.34
C PRO G 128 9.03 -4.67 31.69
N LEU G 129 8.65 -3.42 31.58
CA LEU G 129 9.51 -2.46 30.94
C LEU G 129 10.74 -2.25 31.76
N ILE G 130 11.88 -2.10 31.10
CA ILE G 130 13.16 -2.11 31.78
C ILE G 130 13.24 -0.97 32.80
N HIS G 131 12.71 0.19 32.48
CA HIS G 131 12.87 1.34 33.39
C HIS G 131 12.12 1.14 34.70
N HIS G 132 10.95 0.52 34.60
CA HIS G 132 10.14 0.15 35.73
C HIS G 132 10.90 -0.78 36.58
N LYS G 133 11.47 -1.80 35.95
CA LYS G 133 12.22 -2.81 36.69
C LYS G 133 13.32 -2.08 37.36
N MSE G 134 13.90 -1.11 36.66
CA MSE G 134 15.02 -0.36 37.25
C MSE G 134 14.59 0.36 38.52
O MSE G 134 15.28 0.34 39.48
CB MSE G 134 15.65 0.64 36.28
CG MSE G 134 17.00 0.18 35.82
SE MSE G 134 17.71 1.25 34.39
CE MSE G 134 18.31 2.72 35.49
N GLN G 135 13.43 0.98 38.47
CA GLN G 135 12.94 1.73 39.60
C GLN G 135 12.84 0.87 40.87
N LEU G 136 12.28 -0.32 40.70
CA LEU G 136 12.08 -1.24 41.80
C LEU G 136 13.41 -1.74 42.33
N GLN G 137 14.35 -2.08 41.47
CA GLN G 137 15.69 -2.48 41.96
C GLN G 137 16.38 -1.40 42.77
N ILE G 138 16.12 -0.15 42.43
CA ILE G 138 16.69 0.93 43.19
C ILE G 138 16.00 0.98 44.57
N TYR G 139 14.69 0.79 44.64
CA TYR G 139 13.99 0.73 45.88
C TYR G 139 14.45 -0.47 46.72
N LEU G 140 14.87 -1.57 46.12
CA LEU G 140 15.32 -2.67 46.95
C LEU G 140 16.60 -2.29 47.69
N TRP G 141 17.44 -1.52 47.04
CA TRP G 141 18.64 -1.04 47.69
C TRP G 141 18.28 0.05 48.70
N LEU G 142 17.31 0.91 48.36
CA LEU G 142 16.99 2.04 49.21
C LEU G 142 16.48 1.52 50.58
N PHE G 143 15.49 0.66 50.54
CA PHE G 143 14.92 -0.01 51.70
C PHE G 143 15.70 -1.23 52.17
N SER G 144 16.83 -1.52 51.56
CA SER G 144 17.56 -2.76 51.85
C SER G 144 16.63 -3.96 51.92
N ALA G 145 15.67 -4.05 51.00
CA ALA G 145 14.71 -5.17 50.94
C ALA G 145 15.36 -6.23 50.05
N GLU G 146 14.97 -7.49 50.26
CA GLU G 146 15.57 -8.60 49.47
C GLU G 146 14.60 -9.17 48.45
N LYS G 147 13.35 -8.72 48.50
CA LYS G 147 12.29 -9.19 47.63
C LYS G 147 11.37 -8.04 47.20
N GLY G 148 10.95 -8.10 45.91
CA GLY G 148 10.18 -7.04 45.23
C GLY G 148 9.15 -7.52 44.21
N ILE G 149 7.99 -6.86 44.14
CA ILE G 149 6.94 -7.19 43.18
C ILE G 149 6.55 -5.99 42.32
N LEU G 150 6.71 -6.13 41.00
CA LEU G 150 6.20 -5.16 39.99
C LEU G 150 4.87 -5.60 39.47
N VAL G 151 3.82 -4.84 39.65
CA VAL G 151 2.53 -5.36 39.22
C VAL G 151 1.85 -4.41 38.26
N TYR G 152 1.51 -4.89 37.07
CA TYR G 152 0.87 -4.07 36.04
C TYR G 152 -0.65 -4.23 35.97
N ILE G 153 -1.40 -3.14 35.86
CA ILE G 153 -2.83 -3.22 35.57
C ILE G 153 -3.06 -2.51 34.23
N THR G 154 -3.17 -3.30 33.16
CA THR G 154 -3.46 -2.80 31.83
C THR G 154 -4.79 -3.38 31.36
N PRO G 155 -5.44 -2.74 30.39
CA PRO G 155 -6.73 -3.18 29.85
C PRO G 155 -6.69 -4.50 29.10
N ASP G 156 -5.50 -4.98 28.75
CA ASP G 156 -5.38 -6.26 28.04
C ASP G 156 -4.95 -7.37 28.94
N ARG G 157 -4.45 -7.00 30.12
CA ARG G 157 -3.67 -7.91 30.91
C ARG G 157 -3.24 -7.35 32.26
N ILE G 158 -3.21 -8.30 33.22
CA ILE G 158 -2.74 -8.13 34.59
C ILE G 158 -1.52 -8.99 34.73
N ALA G 159 -0.40 -8.43 35.15
CA ALA G 159 0.82 -9.18 35.11
C ALA G 159 1.71 -8.76 36.23
N GLU G 160 2.11 -9.76 37.02
CA GLU G 160 2.88 -9.54 38.21
C GLU G 160 4.28 -10.13 38.03
N TYR G 161 5.30 -9.37 38.43
CA TYR G 161 6.67 -9.85 38.32
C TYR G 161 7.40 -9.77 39.66
N GLU G 162 8.17 -10.79 39.97
CA GLU G 162 9.00 -10.82 41.14
C GLU G 162 10.34 -10.39 40.72
N ILE G 163 10.76 -9.22 41.17
CA ILE G 163 12.13 -8.79 40.94
C ILE G 163 12.81 -8.77 42.27
N ASN G 164 13.91 -9.52 42.41
CA ASN G 164 14.55 -9.68 43.71
C ASN G 164 16.04 -9.29 43.75
N GLU G 165 16.61 -8.83 42.65
CA GLU G 165 17.97 -8.28 42.71
C GLU G 165 17.94 -6.76 42.87
N PRO G 166 18.64 -6.23 43.90
CA PRO G 166 18.77 -4.79 43.97
C PRO G 166 19.95 -4.36 43.13
N LEU G 167 19.91 -3.12 42.63
CA LEU G 167 21.06 -2.56 41.94
C LEU G 167 22.21 -2.37 42.89
N ASP G 168 23.42 -2.54 42.38
CA ASP G 168 24.61 -2.32 43.17
C ASP G 168 24.83 -0.82 43.28
N GLU G 169 25.48 -0.45 44.37
CA GLU G 169 25.62 0.93 44.78
C GLU G 169 26.36 1.79 43.75
N ALA G 170 27.41 1.23 43.15
CA ALA G 170 28.15 1.92 42.08
C ALA G 170 27.23 2.43 40.99
N THR G 171 26.28 1.57 40.61
CA THR G 171 25.39 1.83 39.49
C THR G 171 24.48 2.96 39.85
N ILE G 172 24.05 2.98 41.10
CA ILE G 172 23.21 4.06 41.55
C ILE G 172 24.01 5.35 41.52
N VAL G 173 25.28 5.26 41.93
CA VAL G 173 26.12 6.44 41.95
C VAL G 173 26.19 6.99 40.53
N ARG G 174 26.39 6.08 39.58
CA ARG G 174 26.51 6.46 38.19
C ARG G 174 25.23 7.15 37.71
N LEU G 175 24.09 6.50 37.91
CA LEU G 175 22.81 7.12 37.59
C LEU G 175 22.71 8.53 38.22
N ALA G 176 23.19 8.63 39.46
CA ALA G 176 23.22 9.90 40.16
C ALA G 176 24.14 10.95 39.48
N GLU G 177 25.38 10.57 39.16
CA GLU G 177 26.28 11.45 38.39
C GLU G 177 25.59 11.98 37.15
N ASP G 178 24.92 11.12 36.39
CA ASP G 178 24.24 11.61 35.18
C ASP G 178 23.19 12.60 35.51
N THR G 179 22.55 12.43 36.65
CA THR G 179 21.41 13.27 36.98
C THR G 179 21.93 14.65 37.31
N ILE G 180 23.08 14.68 37.98
CA ILE G 180 23.64 15.93 38.47
C ILE G 180 24.33 16.67 37.37
N MSE G 181 25.15 15.96 36.59
CA MSE G 181 25.96 16.55 35.50
C MSE G 181 25.19 16.66 34.17
O MSE G 181 25.77 17.07 33.17
CB MSE G 181 27.25 15.71 35.28
CG MSE G 181 28.12 15.44 36.53
SE MSE G 181 28.99 17.04 37.24
CE MSE G 181 27.46 18.11 37.85
N LEU G 182 23.91 16.30 34.14
CA LEU G 182 23.08 16.34 32.93
C LEU G 182 23.69 15.60 31.78
N GLN G 183 24.36 14.50 32.05
CA GLN G 183 25.27 13.91 31.07
C GLN G 183 24.61 13.24 29.81
N ASN G 184 23.68 12.31 30.02
CA ASN G 184 23.16 11.53 28.87
C ASN G 184 21.68 11.58 28.84
N SER G 185 21.22 12.58 28.13
CA SER G 185 19.84 12.83 28.01
C SER G 185 19.45 12.65 26.57
N PRO G 186 18.30 12.03 26.32
CA PRO G 186 17.37 11.52 27.31
C PRO G 186 17.86 10.18 27.89
N ARG G 187 17.25 9.70 28.97
CA ARG G 187 17.75 8.49 29.53
C ARG G 187 17.29 7.35 28.64
N PHE G 188 16.03 7.41 28.23
CA PHE G 188 15.52 6.49 27.22
C PHE G 188 14.99 7.26 26.01
N ASN G 189 15.36 6.75 24.83
CA ASN G 189 14.98 7.30 23.54
C ASN G 189 13.52 7.64 23.34
N TRP G 190 12.63 6.96 24.04
CA TRP G 190 11.20 7.16 23.80
C TRP G 190 10.65 8.38 24.55
N GLU G 191 11.50 9.00 25.36
CA GLU G 191 11.02 9.98 26.33
C GLU G 191 10.59 11.25 25.64
N CYS G 192 11.44 11.76 24.76
CA CYS G 192 11.19 13.07 24.11
C CYS G 192 9.82 13.09 23.47
N LYS G 193 9.34 11.96 22.99
CA LYS G 193 8.06 11.94 22.29
C LYS G 193 6.91 12.47 23.17
N TYR G 194 7.04 12.20 24.45
CA TYR G 194 6.04 12.61 25.44
C TYR G 194 6.48 13.81 26.32
N CYS G 195 7.77 14.14 26.32
CA CYS G 195 8.25 15.28 27.11
C CYS G 195 7.54 16.58 26.76
N ILE G 196 7.06 17.28 27.79
CA ILE G 196 6.40 18.60 27.62
C ILE G 196 7.38 19.72 27.37
N PHE G 197 8.65 19.45 27.65
CA PHE G 197 9.74 20.39 27.42
C PHE G 197 10.43 20.19 26.06
N SER G 198 9.93 19.24 25.27
CA SER G 198 10.57 18.98 23.96
C SER G 198 10.61 20.23 23.09
N VAL G 199 9.59 21.08 23.24
CA VAL G 199 9.54 22.39 22.58
C VAL G 199 10.64 23.42 22.88
N ILE G 200 11.43 23.25 23.92
CA ILE G 200 12.55 24.18 24.18
C ILE G 200 13.81 23.45 24.43
N CYS G 201 13.80 22.13 24.33
CA CYS G 201 14.98 21.37 24.65
C CYS G 201 15.91 21.15 23.45
N PRO G 202 17.15 21.59 23.57
CA PRO G 202 18.18 21.37 22.58
C PRO G 202 18.53 19.95 22.32
N ALA G 203 18.17 19.04 23.23
CA ALA G 203 18.63 17.66 23.13
C ALA G 203 17.54 16.71 22.63
N LYS G 204 16.31 17.19 22.51
CA LYS G 204 15.23 16.46 21.90
C LYS G 204 15.75 15.54 20.82
N LEU G 205 15.37 14.25 20.88
CA LEU G 205 15.60 13.25 19.82
C LEU G 205 14.56 13.48 18.74
N THR G 206 15.02 13.35 17.52
CA THR G 206 14.32 13.97 16.42
C THR G 206 14.32 13.04 15.16
N PHE H 2 2.99 -18.54 42.23
CA PHE H 2 3.06 -19.07 40.81
C PHE H 2 2.44 -18.07 39.86
N GLN H 3 1.19 -17.72 40.11
CA GLN H 3 0.52 -16.64 39.44
C GLN H 3 1.04 -15.30 39.94
N GLY H 4 1.50 -15.27 41.21
CA GLY H 4 1.89 -14.05 41.86
C GLY H 4 0.89 -13.68 42.92
N MSE H 5 1.46 -13.13 44.02
CA MSE H 5 0.73 -12.87 45.28
C MSE H 5 -0.48 -11.93 45.13
O MSE H 5 -1.56 -12.22 45.64
CB MSE H 5 1.73 -12.32 46.32
CG MSE H 5 1.26 -12.31 47.80
SE MSE H 5 2.34 -11.07 48.83
CE MSE H 5 3.98 -12.11 48.70
N ILE H 6 -0.34 -10.84 44.37
CA ILE H 6 -1.43 -9.84 44.29
C ILE H 6 -2.56 -10.32 43.39
N THR H 7 -2.18 -10.85 42.23
CA THR H 7 -3.18 -11.20 41.24
C THR H 7 -4.02 -12.37 41.71
N GLU H 8 -3.37 -13.36 42.32
CA GLU H 8 -4.10 -14.45 42.99
C GLU H 8 -5.28 -13.91 43.82
N PHE H 9 -4.95 -12.97 44.72
CA PHE H 9 -5.93 -12.42 45.61
C PHE H 9 -7.01 -11.72 44.83
N LEU H 10 -6.63 -10.86 43.90
CA LEU H 10 -7.64 -10.05 43.18
C LEU H 10 -8.61 -10.99 42.42
N LEU H 11 -8.06 -12.06 41.87
CA LEU H 11 -8.84 -12.94 41.05
C LEU H 11 -9.72 -13.83 41.92
N LYS H 12 -9.15 -14.37 43.00
CA LYS H 12 -9.97 -15.19 43.91
C LYS H 12 -11.15 -14.35 44.38
N LYS H 13 -10.90 -13.10 44.77
CA LYS H 13 -11.98 -12.21 45.24
C LYS H 13 -12.94 -11.86 44.13
N LYS H 14 -12.40 -11.57 42.95
CA LYS H 14 -13.28 -11.32 41.83
C LYS H 14 -14.19 -12.55 41.54
N LEU H 15 -13.59 -13.73 41.49
CA LEU H 15 -14.34 -14.96 41.24
C LEU H 15 -15.45 -15.11 42.28
N GLU H 16 -15.06 -14.98 43.55
CA GLU H 16 -16.00 -15.22 44.65
C GLU H 16 -17.14 -14.21 44.61
N GLU H 17 -16.85 -12.96 44.23
CA GLU H 17 -17.92 -12.00 44.07
C GLU H 17 -18.86 -12.32 42.91
N HIS H 18 -18.35 -13.06 41.91
CA HIS H 18 -19.18 -13.44 40.78
C HIS H 18 -20.11 -14.60 41.18
N LEU H 19 -19.57 -15.68 41.75
CA LEU H 19 -20.42 -16.80 42.19
C LEU H 19 -21.43 -16.44 43.31
N SER H 20 -21.25 -15.29 43.97
CA SER H 20 -22.17 -14.83 45.01
C SER H 20 -23.47 -14.26 44.44
N HIS H 21 -23.39 -13.47 43.37
CA HIS H 21 -24.59 -12.81 42.82
C HIS H 21 -25.68 -13.84 42.47
N VAL H 22 -26.72 -13.91 43.30
CA VAL H 22 -27.80 -14.88 43.10
C VAL H 22 -28.97 -14.19 42.39
N LYS H 23 -29.32 -14.70 41.21
CA LYS H 23 -30.36 -14.08 40.38
C LYS H 23 -31.70 -14.77 40.57
N GLU H 24 -32.67 -14.05 41.10
CA GLU H 24 -34.02 -14.58 41.32
C GLU H 24 -34.71 -14.85 39.98
N GLU H 25 -35.74 -15.68 40.04
CA GLU H 25 -36.41 -16.18 38.84
C GLU H 25 -36.69 -15.04 37.90
N ASN H 26 -37.47 -14.09 38.40
CA ASN H 26 -38.12 -13.09 37.55
C ASN H 26 -37.45 -11.72 37.50
N THR H 27 -36.13 -11.70 37.63
CA THR H 27 -35.41 -10.43 37.70
C THR H 27 -34.47 -10.19 36.52
N ILE H 28 -34.62 -9.02 35.91
CA ILE H 28 -33.70 -8.54 34.88
C ILE H 28 -32.87 -7.37 35.42
N TYR H 29 -31.55 -7.41 35.19
CA TYR H 29 -30.67 -6.33 35.64
C TYR H 29 -30.79 -5.14 34.71
N VAL H 30 -30.47 -3.96 35.22
CA VAL H 30 -30.49 -2.80 34.37
C VAL H 30 -29.46 -3.05 33.26
N THR H 31 -28.24 -3.45 33.64
CA THR H 31 -27.19 -3.66 32.65
C THR H 31 -27.62 -4.68 31.58
N ASP H 32 -28.53 -5.59 31.93
CA ASP H 32 -29.04 -6.55 30.96
C ASP H 32 -29.98 -5.92 29.94
N LEU H 33 -30.62 -4.80 30.29
CA LEU H 33 -31.57 -4.13 29.40
C LEU H 33 -30.90 -3.38 28.21
N VAL H 34 -29.63 -3.03 28.40
CA VAL H 34 -28.84 -2.43 27.36
C VAL H 34 -27.83 -3.46 26.79
N ARG H 35 -28.20 -4.73 26.75
CA ARG H 35 -27.36 -5.74 26.17
C ARG H 35 -28.13 -6.71 25.29
N CYS H 36 -27.38 -7.56 24.59
CA CYS H 36 -27.97 -8.49 23.64
C CYS H 36 -28.83 -9.49 24.39
N PRO H 37 -30.12 -9.49 24.09
CA PRO H 37 -31.05 -10.43 24.68
C PRO H 37 -30.49 -11.85 24.78
N ARG H 38 -29.92 -12.34 23.67
CA ARG H 38 -29.31 -13.67 23.63
C ARG H 38 -28.10 -13.80 24.53
N ARG H 39 -27.42 -12.69 24.77
CA ARG H 39 -26.25 -12.72 25.60
C ARG H 39 -26.62 -12.93 27.06
N VAL H 40 -27.64 -12.23 27.55
CA VAL H 40 -27.99 -12.37 28.98
C VAL H 40 -28.53 -13.81 29.25
N ARG H 41 -29.28 -14.35 28.28
CA ARG H 41 -29.74 -15.72 28.33
C ARG H 41 -28.66 -16.75 28.35
N TYR H 42 -27.63 -16.54 27.56
CA TYR H 42 -26.51 -17.48 27.57
C TYR H 42 -25.93 -17.54 28.98
N GLU H 43 -25.88 -16.36 29.60
CA GLU H 43 -25.27 -16.17 30.91
C GLU H 43 -25.92 -16.99 32.04
N SER H 44 -27.24 -17.19 31.94
CA SER H 44 -27.93 -18.08 32.84
C SER H 44 -27.94 -19.52 32.32
N GLU H 45 -27.89 -19.73 31.01
CA GLU H 45 -27.94 -21.09 30.53
C GLU H 45 -26.59 -21.77 30.49
N TYR H 46 -25.52 -21.00 30.37
CA TYR H 46 -24.14 -21.53 30.25
C TYR H 46 -23.22 -20.78 31.21
N LYS H 47 -23.52 -20.98 32.49
CA LYS H 47 -22.93 -20.22 33.56
C LYS H 47 -21.47 -20.58 33.69
N GLU H 48 -21.17 -21.86 33.48
CA GLU H 48 -19.80 -22.32 33.65
C GLU H 48 -18.86 -21.57 32.65
N LEU H 49 -19.34 -21.40 31.42
CA LEU H 49 -18.62 -20.60 30.39
C LEU H 49 -18.62 -19.13 30.75
N ALA H 50 -19.79 -18.63 31.16
CA ALA H 50 -19.93 -17.23 31.62
C ALA H 50 -18.90 -16.79 32.67
N ILE H 51 -18.44 -17.74 33.47
CA ILE H 51 -17.45 -17.45 34.47
C ILE H 51 -16.12 -16.89 33.93
N SER H 52 -15.87 -17.05 32.63
CA SER H 52 -14.61 -16.58 32.07
C SER H 52 -14.54 -15.03 31.99
N GLN H 53 -15.69 -14.37 31.97
CA GLN H 53 -15.76 -12.88 31.99
C GLN H 53 -15.07 -12.28 33.20
N VAL H 54 -15.05 -13.03 34.29
CA VAL H 54 -14.41 -12.65 35.56
C VAL H 54 -12.97 -12.30 35.33
N TYR H 55 -12.38 -12.88 34.29
CA TYR H 55 -10.96 -12.73 34.07
C TYR H 55 -10.67 -11.71 32.95
N ALA H 56 -11.69 -10.99 32.51
CA ALA H 56 -11.52 -9.86 31.60
C ALA H 56 -10.70 -8.74 32.27
N PRO H 57 -9.43 -8.51 31.86
CA PRO H 57 -8.61 -7.50 32.54
C PRO H 57 -9.20 -6.10 32.54
N SER H 58 -9.93 -5.71 31.49
CA SER H 58 -10.55 -4.40 31.54
CA SER H 58 -10.63 -4.42 31.47
C SER H 58 -11.61 -4.30 32.63
N ALA H 59 -12.14 -5.43 33.08
CA ALA H 59 -13.17 -5.42 34.13
C ALA H 59 -12.49 -5.26 35.51
N ILE H 60 -11.37 -5.98 35.70
CA ILE H 60 -10.57 -5.88 36.90
C ILE H 60 -10.10 -4.43 37.09
N LEU H 61 -9.53 -3.88 36.03
CA LEU H 61 -9.06 -2.52 36.06
C LEU H 61 -10.19 -1.57 36.40
N GLY H 62 -11.37 -1.77 35.82
CA GLY H 62 -12.53 -0.93 36.11
C GLY H 62 -12.96 -1.03 37.56
N ASP H 63 -12.91 -2.24 38.10
CA ASP H 63 -13.27 -2.40 39.48
C ASP H 63 -12.31 -1.61 40.31
N ILE H 64 -11.00 -1.84 40.14
CA ILE H 64 -9.97 -1.21 40.93
C ILE H 64 -10.16 0.29 40.90
N LEU H 65 -10.65 0.78 39.78
CA LEU H 65 -10.93 2.19 39.65
C LEU H 65 -12.00 2.69 40.60
N HIS H 66 -13.16 2.05 40.58
CA HIS H 66 -14.27 2.46 41.40
C HIS H 66 -13.82 2.42 42.86
N LEU H 67 -13.06 1.39 43.21
CA LEU H 67 -12.49 1.29 44.53
C LEU H 67 -11.75 2.59 44.85
N GLY H 68 -10.78 2.95 44.01
CA GLY H 68 -9.97 4.13 44.28
C GLY H 68 -10.76 5.44 44.33
N LEU H 69 -11.89 5.48 43.65
CA LEU H 69 -12.54 6.74 43.41
C LEU H 69 -13.53 6.98 44.51
N GLU H 70 -13.82 5.94 45.26
CA GLU H 70 -15.01 5.99 46.03
C GLU H 70 -14.73 6.56 47.40
N SER H 71 -13.48 6.54 47.84
CA SER H 71 -13.16 7.35 49.01
C SER H 71 -13.49 8.81 48.77
N VAL H 72 -13.18 9.27 47.55
CA VAL H 72 -13.39 10.67 47.14
C VAL H 72 -14.87 10.94 47.18
N LEU H 73 -15.65 10.03 46.61
CA LEU H 73 -17.10 10.14 46.60
C LEU H 73 -17.70 10.13 48.03
N LYS H 74 -17.18 9.27 48.90
CA LYS H 74 -17.72 9.16 50.27
C LYS H 74 -17.33 10.37 51.11
N GLY H 75 -16.02 10.63 51.19
CA GLY H 75 -15.49 11.73 51.98
C GLY H 75 -16.07 13.07 51.59
N ASN H 76 -15.82 13.50 50.34
CA ASN H 76 -16.05 14.86 49.92
CA ASN H 76 -16.10 14.88 49.92
C ASN H 76 -17.45 15.11 49.28
N PHE H 77 -18.05 14.07 48.72
CA PHE H 77 -19.38 14.25 48.11
C PHE H 77 -20.46 13.64 48.98
N ASN H 78 -20.06 12.94 50.05
CA ASN H 78 -21.02 12.33 50.96
C ASN H 78 -22.07 11.60 50.17
N ALA H 79 -21.61 10.63 49.39
CA ALA H 79 -22.51 9.78 48.65
C ALA H 79 -22.43 8.38 49.20
N GLU H 80 -23.48 7.64 48.88
CA GLU H 80 -23.51 6.21 49.09
C GLU H 80 -23.01 5.62 47.77
N THR H 81 -22.13 4.63 47.88
CA THR H 81 -21.69 3.88 46.75
C THR H 81 -22.38 2.55 46.71
N GLU H 82 -22.34 1.89 45.55
CA GLU H 82 -22.82 0.52 45.38
C GLU H 82 -24.24 0.33 45.89
N VAL H 83 -25.13 1.21 45.47
CA VAL H 83 -26.47 1.25 46.01
C VAL H 83 -27.45 0.35 45.24
N GLU H 84 -27.80 -0.78 45.85
CA GLU H 84 -28.72 -1.75 45.26
C GLU H 84 -30.17 -1.34 45.46
N THR H 85 -31.01 -1.60 44.47
CA THR H 85 -32.45 -1.37 44.56
C THR H 85 -33.16 -2.13 43.46
N LEU H 86 -34.45 -2.40 43.64
CA LEU H 86 -35.24 -2.97 42.58
C LEU H 86 -36.55 -2.20 42.44
N ARG H 87 -37.22 -2.42 41.32
CA ARG H 87 -38.45 -1.73 40.98
C ARG H 87 -39.29 -2.70 40.17
N GLU H 88 -40.60 -2.47 40.12
CA GLU H 88 -41.51 -3.40 39.50
C GLU H 88 -42.12 -2.80 38.24
N ILE H 89 -42.09 -3.60 37.18
CA ILE H 89 -42.70 -3.25 35.90
C ILE H 89 -43.68 -4.36 35.55
N ASN H 90 -44.58 -4.05 34.64
CA ASN H 90 -45.56 -5.02 34.11
C ASN H 90 -45.33 -5.30 32.62
N VAL H 91 -44.95 -6.53 32.27
CA VAL H 91 -44.69 -6.92 30.87
C VAL H 91 -45.44 -8.21 30.46
N GLY H 92 -46.41 -8.05 29.56
CA GLY H 92 -47.23 -9.15 29.05
C GLY H 92 -48.30 -9.63 30.02
N GLY H 93 -48.67 -8.78 30.99
CA GLY H 93 -49.59 -9.19 32.06
C GLY H 93 -48.84 -9.76 33.25
N LYS H 94 -47.82 -10.58 33.00
CA LYS H 94 -46.88 -11.02 34.05
C LYS H 94 -46.09 -9.79 34.52
N VAL H 95 -45.56 -9.85 35.73
CA VAL H 95 -44.92 -8.68 36.37
C VAL H 95 -43.45 -8.97 36.76
N TYR H 96 -42.55 -8.04 36.44
CA TYR H 96 -41.09 -8.28 36.56
C TYR H 96 -40.34 -7.31 37.51
N LYS H 97 -39.22 -7.81 38.06
CA LYS H 97 -38.29 -7.01 38.90
C LYS H 97 -37.03 -6.49 38.14
N ILE H 98 -37.09 -5.22 37.74
CA ILE H 98 -35.96 -4.50 37.18
C ILE H 98 -35.05 -4.01 38.31
N LYS H 99 -33.91 -4.68 38.47
CA LYS H 99 -32.98 -4.47 39.57
C LYS H 99 -31.68 -3.83 39.08
N GLY H 100 -31.10 -2.91 39.87
CA GLY H 100 -29.87 -2.21 39.46
C GLY H 100 -28.89 -1.89 40.58
N ARG H 101 -27.64 -1.69 40.22
CA ARG H 101 -26.63 -1.22 41.15
C ARG H 101 -25.96 0.05 40.66
N ALA H 102 -26.18 1.17 41.34
CA ALA H 102 -25.60 2.45 40.95
C ALA H 102 -24.25 2.63 41.61
N ASP H 103 -23.24 3.04 40.83
CA ASP H 103 -21.87 3.32 41.33
C ASP H 103 -21.85 4.24 42.53
N ALA H 104 -22.77 5.18 42.55
CA ALA H 104 -22.75 6.21 43.57
C ALA H 104 -23.99 7.08 43.47
N ILE H 105 -24.57 7.43 44.63
CA ILE H 105 -25.76 8.32 44.71
C ILE H 105 -25.55 9.40 45.78
N ILE H 106 -26.09 10.59 45.51
CA ILE H 106 -26.03 11.71 46.45
C ILE H 106 -27.42 12.26 46.73
N ARG H 107 -27.91 12.10 47.96
CA ARG H 107 -29.27 12.56 48.33
C ARG H 107 -29.15 13.95 48.94
N ASN H 108 -29.93 14.93 48.46
CA ASN H 108 -29.90 16.31 49.02
C ASN H 108 -31.27 16.80 49.54
N LYS H 112 -34.32 15.54 46.03
CA LYS H 112 -33.35 16.08 45.09
C LYS H 112 -32.04 15.27 45.14
N SER H 113 -31.96 14.17 44.37
CA SER H 113 -30.72 13.34 44.35
C SER H 113 -30.06 13.13 42.96
N ILE H 114 -28.75 12.90 43.02
CA ILE H 114 -27.95 12.76 41.81
C ILE H 114 -27.23 11.43 41.82
N VAL H 115 -27.57 10.61 40.83
CA VAL H 115 -26.96 9.30 40.65
C VAL H 115 -25.77 9.44 39.73
N ILE H 116 -24.72 8.71 40.03
CA ILE H 116 -23.54 8.91 39.26
C ILE H 116 -22.90 7.60 38.82
N GLU H 117 -22.60 7.51 37.51
CA GLU H 117 -21.94 6.34 36.88
C GLU H 117 -20.51 6.67 36.39
N ILE H 118 -19.58 5.79 36.69
CA ILE H 118 -18.18 5.99 36.33
C ILE H 118 -17.76 4.98 35.26
N LYS H 119 -17.12 5.45 34.19
CA LYS H 119 -16.66 4.51 33.15
C LYS H 119 -15.20 4.67 32.85
N THR H 120 -14.55 3.54 32.59
CA THR H 120 -13.25 3.54 31.96
C THR H 120 -13.34 2.95 30.56
N SER H 121 -12.63 3.54 29.63
CA SER H 121 -12.48 2.97 28.30
C SER H 121 -11.05 3.22 27.96
N ARG H 122 -10.51 2.35 27.11
CA ARG H 122 -9.20 2.56 26.49
C ARG H 122 -9.27 3.75 25.51
N SER H 123 -10.47 4.20 25.20
CA SER H 123 -10.67 5.13 24.11
C SER H 123 -11.71 6.17 24.44
N ASP H 124 -11.42 7.42 24.06
CA ASP H 124 -12.39 8.47 24.30
C ASP H 124 -13.20 8.80 23.06
N LYS H 125 -13.25 7.83 22.15
CA LYS H 125 -13.97 7.97 20.89
C LYS H 125 -15.47 7.87 21.10
N GLY H 126 -16.21 8.86 20.68
CA GLY H 126 -17.70 8.80 20.68
C GLY H 126 -18.38 9.22 21.99
N LEU H 127 -17.61 9.66 22.98
CA LEU H 127 -18.21 9.85 24.31
C LEU H 127 -19.32 10.88 24.24
N PRO H 128 -20.42 10.67 24.98
CA PRO H 128 -20.73 9.45 25.73
C PRO H 128 -21.28 8.40 24.80
N LEU H 129 -20.97 7.13 25.05
CA LEU H 129 -21.46 6.02 24.26
C LEU H 129 -22.92 5.82 24.65
N ILE H 130 -23.76 5.44 23.69
CA ILE H 130 -25.22 5.55 23.83
C ILE H 130 -25.78 4.58 24.86
N HIS H 131 -25.21 3.37 24.96
CA HIS H 131 -25.62 2.38 25.93
C HIS H 131 -25.23 2.74 27.37
N HIS H 132 -24.26 3.63 27.54
CA HIS H 132 -23.90 4.13 28.86
C HIS H 132 -24.89 5.18 29.28
N LYS H 133 -25.27 6.05 28.35
CA LYS H 133 -26.28 7.07 28.59
C LYS H 133 -27.59 6.39 28.93
N MSE H 134 -27.91 5.37 28.17
CA MSE H 134 -29.18 4.64 28.26
C MSE H 134 -29.26 3.95 29.59
O MSE H 134 -30.35 3.84 30.17
CB MSE H 134 -29.28 3.59 27.15
CG MSE H 134 -30.67 3.24 26.67
SE MSE H 134 -30.47 2.67 24.83
CE MSE H 134 -31.25 4.22 23.93
N GLN H 135 -28.10 3.48 30.04
CA GLN H 135 -27.97 2.88 31.35
C GLN H 135 -28.27 3.91 32.42
N LEU H 136 -27.72 5.10 32.28
CA LEU H 136 -27.83 6.08 33.35
C LEU H 136 -29.27 6.46 33.43
N GLN H 137 -29.93 6.53 32.29
CA GLN H 137 -31.32 6.92 32.23
C GLN H 137 -32.28 5.89 32.76
N ILE H 138 -31.82 4.65 32.94
CA ILE H 138 -32.65 3.61 33.54
C ILE H 138 -32.40 3.65 35.04
N TYR H 139 -31.16 3.95 35.47
CA TYR H 139 -30.92 4.19 36.90
C TYR H 139 -31.66 5.44 37.42
N LEU H 140 -31.88 6.40 36.55
CA LEU H 140 -32.62 7.59 36.92
C LEU H 140 -34.07 7.24 37.27
N TRP H 141 -34.72 6.44 36.43
CA TRP H 141 -36.11 6.01 36.66
C TRP H 141 -36.21 4.97 37.76
N LEU H 142 -35.16 4.16 37.91
CA LEU H 142 -35.16 3.13 38.94
C LEU H 142 -35.12 3.77 40.30
N PHE H 143 -34.18 4.68 40.50
CA PHE H 143 -34.05 5.41 41.75
C PHE H 143 -34.94 6.65 41.84
N SER H 144 -35.77 6.87 40.82
CA SER H 144 -36.59 8.08 40.75
C SER H 144 -35.75 9.27 41.18
N ALA H 145 -34.80 9.61 40.32
CA ALA H 145 -33.85 10.69 40.56
C ALA H 145 -33.99 11.68 39.44
N GLU H 146 -33.64 12.93 39.71
CA GLU H 146 -33.82 14.03 38.75
C GLU H 146 -32.54 14.33 37.97
N LYS H 147 -31.39 13.92 38.50
CA LYS H 147 -30.10 14.25 37.89
C LYS H 147 -29.19 13.01 37.83
N GLY H 148 -28.44 12.89 36.72
CA GLY H 148 -27.40 11.87 36.52
C GLY H 148 -26.07 12.45 36.04
N ILE H 149 -24.96 11.89 36.50
CA ILE H 149 -23.63 12.31 36.04
C ILE H 149 -22.86 11.10 35.55
N LEU H 150 -22.55 11.09 34.26
CA LEU H 150 -21.76 10.03 33.68
C LEU H 150 -20.38 10.55 33.50
N VAL H 151 -19.37 9.84 33.97
CA VAL H 151 -18.04 10.41 33.91
C VAL H 151 -17.08 9.35 33.49
N TYR H 152 -16.28 9.68 32.46
CA TYR H 152 -15.37 8.72 31.84
C TYR H 152 -13.96 9.03 32.30
N ILE H 153 -13.18 8.02 32.68
CA ILE H 153 -11.75 8.21 32.95
C ILE H 153 -11.02 7.36 31.90
N THR H 154 -10.55 8.00 30.82
CA THR H 154 -9.78 7.30 29.80
C THR H 154 -8.33 7.85 29.75
N PRO H 155 -7.40 7.09 29.14
CA PRO H 155 -6.01 7.52 29.10
C PRO H 155 -5.77 8.74 28.17
N ASP H 156 -6.78 9.05 27.36
CA ASP H 156 -6.75 10.17 26.42
C ASP H 156 -7.46 11.38 26.97
N ARG H 157 -8.49 11.16 27.78
CA ARG H 157 -9.16 12.28 28.40
C ARG H 157 -10.16 11.89 29.48
N ILE H 158 -10.42 12.86 30.31
CA ILE H 158 -11.38 12.74 31.38
C ILE H 158 -12.58 13.55 30.93
N ALA H 159 -13.78 13.01 31.05
CA ALA H 159 -14.96 13.72 30.57
C ALA H 159 -16.23 13.39 31.28
N GLU H 160 -17.06 14.41 31.45
CA GLU H 160 -18.19 14.34 32.31
C GLU H 160 -19.44 14.91 31.65
N TYR H 161 -20.53 14.14 31.69
CA TYR H 161 -21.81 14.56 31.08
C TYR H 161 -23.01 14.46 31.99
N GLU H 162 -23.84 15.47 31.88
CA GLU H 162 -25.05 15.54 32.65
C GLU H 162 -26.22 14.96 31.89
N ILE H 163 -26.71 13.83 32.40
CA ILE H 163 -27.87 13.16 31.89
C ILE H 163 -28.96 13.38 32.92
N ASN H 164 -29.91 14.23 32.57
CA ASN H 164 -30.92 14.65 33.50
C ASN H 164 -32.33 14.25 33.11
N GLU H 165 -32.49 13.50 32.02
CA GLU H 165 -33.80 13.03 31.59
C GLU H 165 -33.83 11.54 31.66
N PRO H 166 -34.83 10.98 32.35
CA PRO H 166 -34.92 9.52 32.51
C PRO H 166 -35.72 8.88 31.38
N LEU H 167 -35.50 7.59 31.20
CA LEU H 167 -36.33 6.85 30.26
C LEU H 167 -37.77 6.73 30.79
N ASP H 168 -38.74 6.78 29.88
CA ASP H 168 -40.16 6.66 30.22
C ASP H 168 -40.41 5.19 30.60
N GLU H 169 -41.25 4.94 31.62
CA GLU H 169 -41.57 3.54 32.03
C GLU H 169 -42.05 2.71 30.82
N ALA H 170 -42.75 3.39 29.90
CA ALA H 170 -43.16 2.82 28.61
C ALA H 170 -42.00 2.22 27.82
N THR H 171 -40.90 2.98 27.71
CA THR H 171 -39.71 2.54 26.96
C THR H 171 -39.13 1.28 27.61
N ILE H 172 -38.95 1.35 28.93
CA ILE H 172 -38.36 0.27 29.70
C ILE H 172 -39.10 -1.06 29.43
N VAL H 173 -40.42 -0.95 29.22
CA VAL H 173 -41.24 -2.11 28.90
C VAL H 173 -40.75 -2.79 27.61
N ARG H 174 -40.64 -2.03 26.51
CA ARG H 174 -40.20 -2.57 25.20
C ARG H 174 -38.85 -3.28 25.28
N LEU H 175 -38.00 -2.81 26.22
CA LEU H 175 -36.64 -3.33 26.45
C LEU H 175 -36.56 -4.55 27.36
N ALA H 176 -37.40 -4.59 28.39
CA ALA H 176 -37.57 -5.81 29.17
C ALA H 176 -38.24 -6.88 28.30
N GLU H 177 -39.18 -6.45 27.45
CA GLU H 177 -39.83 -7.34 26.45
C GLU H 177 -38.81 -7.99 25.51
N ASP H 178 -38.03 -7.13 24.84
CA ASP H 178 -36.89 -7.53 23.98
C ASP H 178 -36.07 -8.61 24.68
N THR H 179 -35.79 -8.38 25.96
CA THR H 179 -34.92 -9.24 26.74
C THR H 179 -35.54 -10.61 27.01
N ILE H 180 -36.86 -10.64 27.24
CA ILE H 180 -37.57 -11.89 27.52
C ILE H 180 -37.83 -12.70 26.26
N MSE H 181 -38.43 -12.05 25.27
CA MSE H 181 -38.76 -12.72 24.01
C MSE H 181 -37.52 -12.89 23.07
O MSE H 181 -37.68 -13.45 21.98
CB MSE H 181 -39.88 -11.97 23.27
CG MSE H 181 -41.16 -11.70 24.05
SE MSE H 181 -42.08 -13.32 24.58
CE MSE H 181 -43.89 -12.55 24.77
N LEU H 182 -36.34 -12.44 23.48
CA LEU H 182 -35.09 -12.55 22.72
C LEU H 182 -35.23 -11.96 21.33
N GLN H 183 -35.77 -10.75 21.24
CA GLN H 183 -36.17 -10.20 19.95
C GLN H 183 -35.00 -9.64 19.10
N ASN H 184 -34.40 -8.52 19.48
CA ASN H 184 -33.41 -7.89 18.58
C ASN H 184 -31.98 -8.12 19.04
N SER H 185 -31.40 -9.20 18.56
CA SER H 185 -30.03 -9.61 18.92
C SER H 185 -29.05 -9.48 17.74
N PRO H 186 -27.83 -9.00 18.00
CA PRO H 186 -27.43 -8.37 19.26
C PRO H 186 -28.07 -6.99 19.27
N ARG H 187 -28.07 -6.32 20.40
CA ARG H 187 -28.71 -5.01 20.49
C ARG H 187 -27.92 -3.94 19.71
N PHE H 188 -26.59 -4.06 19.76
CA PHE H 188 -25.67 -3.14 19.06
C PHE H 188 -24.71 -3.97 18.24
N ASN H 189 -24.41 -3.52 17.04
CA ASN H 189 -23.70 -4.33 16.09
C ASN H 189 -22.26 -4.64 16.50
N TRP H 190 -21.68 -3.85 17.40
CA TRP H 190 -20.31 -4.14 17.91
C TRP H 190 -20.16 -5.24 18.98
N GLU H 191 -21.28 -5.74 19.51
CA GLU H 191 -21.23 -6.72 20.60
C GLU H 191 -20.64 -8.05 20.26
N CYS H 192 -20.98 -8.61 19.09
CA CYS H 192 -20.63 -10.00 18.82
C CYS H 192 -19.13 -10.15 18.82
N LYS H 193 -18.41 -9.13 18.35
CA LYS H 193 -16.96 -9.17 18.25
C LYS H 193 -16.27 -9.53 19.56
N TYR H 194 -16.80 -9.03 20.65
CA TYR H 194 -16.22 -9.25 21.98
C TYR H 194 -16.91 -10.36 22.81
N CYS H 195 -17.86 -11.08 22.21
CA CYS H 195 -18.77 -11.93 22.97
C CYS H 195 -18.24 -13.35 23.08
N ILE H 196 -18.16 -13.84 24.32
CA ILE H 196 -17.59 -15.14 24.58
C ILE H 196 -18.53 -16.25 24.14
N PHE H 197 -19.80 -15.91 23.88
CA PHE H 197 -20.79 -16.88 23.32
C PHE H 197 -20.88 -16.91 21.82
N SER H 198 -20.07 -16.14 21.14
CA SER H 198 -20.12 -16.10 19.66
C SER H 198 -19.77 -17.42 19.08
N VAL H 199 -19.02 -18.26 19.80
CA VAL H 199 -18.66 -19.55 19.29
C VAL H 199 -19.81 -20.56 19.18
N ILE H 200 -21.00 -20.26 19.69
CA ILE H 200 -22.10 -21.24 19.63
C ILE H 200 -23.40 -20.55 19.30
N CYS H 201 -23.31 -19.27 18.99
CA CYS H 201 -24.44 -18.40 18.79
C CYS H 201 -24.77 -18.21 17.28
N PRO H 202 -25.94 -18.70 16.85
CA PRO H 202 -26.36 -18.65 15.48
C PRO H 202 -26.74 -17.23 15.00
N ALA H 203 -26.82 -16.27 15.93
CA ALA H 203 -27.19 -14.92 15.53
C ALA H 203 -26.00 -14.01 15.34
N LYS H 204 -24.80 -14.53 15.64
CA LYS H 204 -23.54 -13.81 15.49
C LYS H 204 -23.41 -13.10 14.17
N LEU H 205 -23.30 -11.76 14.23
CA LEU H 205 -22.93 -10.94 13.09
C LEU H 205 -21.54 -11.33 12.60
N THR H 206 -21.41 -11.48 11.30
CA THR H 206 -20.21 -12.06 10.71
C THR H 206 -19.74 -11.35 9.42
N PHE I 2 22.08 26.68 30.96
CA PHE I 2 21.63 25.25 30.96
C PHE I 2 20.51 25.07 29.92
N GLN I 3 19.56 26.00 29.93
CA GLN I 3 18.54 26.06 28.91
C GLN I 3 18.99 26.96 27.74
N GLY I 4 20.09 27.70 27.92
CA GLY I 4 20.61 28.63 26.94
C GLY I 4 20.21 30.03 27.32
N MSE I 5 21.20 30.93 27.17
CA MSE I 5 21.11 32.36 27.46
C MSE I 5 19.97 33.10 26.77
O MSE I 5 19.21 33.80 27.44
CB MSE I 5 22.44 33.05 27.10
CG MSE I 5 22.55 34.52 27.50
SE MSE I 5 24.12 35.44 26.85
CE MSE I 5 25.49 34.10 27.21
N ILE I 6 19.85 32.94 25.46
CA ILE I 6 18.83 33.68 24.69
C ILE I 6 17.45 33.12 25.00
N THR I 7 17.33 31.80 24.90
CA THR I 7 16.08 31.05 25.20
C THR I 7 15.47 31.41 26.54
N GLU I 8 16.31 31.40 27.56
CA GLU I 8 15.87 31.77 28.89
C GLU I 8 15.20 33.15 28.93
N PHE I 9 15.92 34.15 28.42
CA PHE I 9 15.34 35.49 28.31
C PHE I 9 14.04 35.50 27.58
N LEU I 10 13.96 34.86 26.41
CA LEU I 10 12.69 34.88 25.65
C LEU I 10 11.49 34.31 26.42
N LEU I 11 11.74 33.21 27.11
CA LEU I 11 10.66 32.49 27.77
C LEU I 11 10.27 33.26 29.05
N LYS I 12 11.28 33.69 29.79
CA LYS I 12 11.09 34.63 30.89
C LYS I 12 10.22 35.81 30.48
N LYS I 13 10.46 36.41 29.30
CA LYS I 13 9.66 37.58 28.89
C LYS I 13 8.22 37.22 28.45
N LYS I 14 8.06 36.13 27.73
CA LYS I 14 6.72 35.69 27.34
C LYS I 14 5.85 35.40 28.57
N LEU I 15 6.48 34.79 29.58
CA LEU I 15 5.79 34.42 30.80
C LEU I 15 5.24 35.69 31.42
N GLU I 16 6.11 36.66 31.65
CA GLU I 16 5.67 37.89 32.26
C GLU I 16 4.50 38.44 31.48
N GLU I 17 4.73 38.67 30.19
CA GLU I 17 3.68 39.17 29.30
C GLU I 17 2.36 38.48 29.54
N HIS I 18 2.34 37.16 29.42
CA HIS I 18 1.11 36.39 29.60
C HIS I 18 0.44 36.72 30.95
N LEU I 19 1.27 36.70 31.99
CA LEU I 19 0.81 36.87 33.37
C LEU I 19 0.23 38.25 33.65
N SER I 20 0.71 39.27 32.93
CA SER I 20 0.17 40.64 33.00
C SER I 20 -1.34 40.69 32.79
N HIS I 21 -1.79 40.16 31.66
CA HIS I 21 -3.16 40.40 31.18
C HIS I 21 -4.29 39.81 32.06
N VAL I 22 -4.72 40.57 33.07
CA VAL I 22 -5.95 40.28 33.82
C VAL I 22 -7.17 40.83 33.04
N LYS I 23 -8.07 39.94 32.63
CA LYS I 23 -9.33 40.32 31.99
C LYS I 23 -10.41 40.71 33.04
N GLU I 24 -10.84 41.96 32.98
CA GLU I 24 -11.89 42.48 33.86
C GLU I 24 -13.23 41.81 33.58
N GLU I 25 -14.24 42.09 34.43
CA GLU I 25 -15.41 41.20 34.61
C GLU I 25 -16.40 41.08 33.43
N ASN I 26 -16.56 42.15 32.66
CA ASN I 26 -17.55 42.15 31.57
C ASN I 26 -16.86 42.44 30.24
N THR I 27 -15.73 41.79 30.05
CA THR I 27 -14.91 42.03 28.90
C THR I 27 -14.77 40.75 28.06
N ILE I 28 -14.71 40.93 26.73
CA ILE I 28 -14.48 39.83 25.78
C ILE I 28 -13.50 40.31 24.70
N TYR I 29 -12.30 39.74 24.68
CA TYR I 29 -11.34 40.10 23.67
C TYR I 29 -11.91 39.74 22.30
N VAL I 30 -11.52 40.47 21.26
CA VAL I 30 -11.98 40.15 19.91
C VAL I 30 -11.51 38.76 19.50
N THR I 31 -10.24 38.46 19.78
CA THR I 31 -9.67 37.15 19.53
C THR I 31 -10.43 36.03 20.23
N ASP I 32 -11.23 36.36 21.24
CA ASP I 32 -12.07 35.35 21.91
C ASP I 32 -13.39 35.15 21.17
N LEU I 33 -13.80 36.14 20.38
CA LEU I 33 -15.02 36.02 19.56
C LEU I 33 -14.84 35.03 18.39
N VAL I 34 -13.60 34.78 18.02
CA VAL I 34 -13.34 33.93 16.87
C VAL I 34 -12.83 32.53 17.27
N ARG I 35 -13.05 32.16 18.53
CA ARG I 35 -12.54 30.93 19.09
C ARG I 35 -13.66 30.13 19.79
N CYS I 36 -13.34 28.90 20.20
CA CYS I 36 -14.25 28.05 20.97
C CYS I 36 -14.64 28.71 22.31
N PRO I 37 -15.94 28.83 22.59
CA PRO I 37 -16.29 29.46 23.85
C PRO I 37 -15.74 28.77 25.13
N ARG I 38 -15.71 27.44 25.09
CA ARG I 38 -15.21 26.65 26.24
C ARG I 38 -13.74 26.87 26.51
N ARG I 39 -12.94 26.94 25.44
CA ARG I 39 -11.52 27.23 25.55
C ARG I 39 -11.31 28.60 26.19
N VAL I 40 -12.18 29.55 25.88
CA VAL I 40 -12.02 30.93 26.43
C VAL I 40 -12.34 30.92 27.91
N ARG I 41 -13.45 30.29 28.23
CA ARG I 41 -13.78 29.93 29.59
C ARG I 41 -12.69 29.12 30.32
N TYR I 42 -12.20 28.04 29.74
CA TYR I 42 -11.14 27.29 30.39
C TYR I 42 -9.95 28.12 30.69
N GLU I 43 -9.66 29.09 29.85
CA GLU I 43 -8.49 29.95 30.05
C GLU I 43 -8.62 30.85 31.28
N SER I 44 -9.86 31.00 31.74
CA SER I 44 -10.19 31.77 32.91
C SER I 44 -10.18 30.86 34.12
N GLU I 45 -10.90 29.74 34.04
CA GLU I 45 -11.02 28.82 35.17
C GLU I 45 -9.80 27.90 35.43
N TYR I 46 -8.92 27.72 34.45
CA TYR I 46 -7.75 26.86 34.63
C TYR I 46 -6.48 27.57 34.17
N LYS I 47 -6.22 28.66 34.86
CA LYS I 47 -5.14 29.58 34.57
C LYS I 47 -3.83 28.87 34.60
N GLU I 48 -3.66 27.97 35.55
CA GLU I 48 -2.36 27.31 35.74
C GLU I 48 -1.95 26.52 34.48
N LEU I 49 -2.94 25.86 33.91
CA LEU I 49 -2.77 25.06 32.73
C LEU I 49 -2.53 25.98 31.53
N ALA I 50 -3.34 27.04 31.41
CA ALA I 50 -3.28 27.94 30.26
C ALA I 50 -1.89 28.52 30.12
N ILE I 51 -1.13 28.54 31.18
CA ILE I 51 0.23 29.04 31.09
C ILE I 51 1.08 28.15 30.15
N SER I 52 0.67 26.91 29.93
CA SER I 52 1.46 26.08 29.00
C SER I 52 1.44 26.67 27.55
N GLN I 53 0.37 27.38 27.18
CA GLN I 53 0.32 28.13 25.90
C GLN I 53 1.51 29.06 25.69
N VAL I 54 2.04 29.63 26.75
CA VAL I 54 3.23 30.45 26.68
C VAL I 54 4.43 29.77 26.07
N TYR I 55 4.54 28.46 26.25
CA TYR I 55 5.71 27.76 25.73
C TYR I 55 5.54 27.18 24.29
N ALA I 56 4.42 27.47 23.62
CA ALA I 56 4.20 27.10 22.20
C ALA I 56 5.25 27.78 21.33
N PRO I 57 6.13 27.02 20.67
CA PRO I 57 7.18 27.58 19.81
C PRO I 57 6.62 28.33 18.61
N SER I 58 5.50 27.86 18.11
CA SER I 58 4.71 28.51 17.11
CA SER I 58 4.83 28.58 17.04
C SER I 58 4.49 29.96 17.48
N ALA I 59 3.98 30.12 18.69
CA ALA I 59 3.60 31.45 19.20
C ALA I 59 4.83 32.31 19.42
N ILE I 60 5.91 31.75 19.91
CA ILE I 60 7.15 32.54 20.14
C ILE I 60 7.70 33.07 18.81
N LEU I 61 7.71 32.18 17.81
CA LEU I 61 8.09 32.55 16.43
C LEU I 61 7.13 33.62 15.89
N GLY I 62 5.82 33.39 16.02
CA GLY I 62 4.82 34.38 15.65
C GLY I 62 4.99 35.74 16.31
N ASP I 63 5.54 35.75 17.53
CA ASP I 63 5.78 36.98 18.22
C ASP I 63 7.00 37.70 17.68
N ILE I 64 8.10 36.97 17.56
CA ILE I 64 9.34 37.56 17.12
C ILE I 64 9.12 38.16 15.74
N LEU I 65 8.19 37.56 15.01
CA LEU I 65 7.86 37.94 13.66
C LEU I 65 7.05 39.20 13.60
N HIS I 66 6.00 39.33 14.40
CA HIS I 66 5.31 40.64 14.50
C HIS I 66 6.28 41.78 14.92
N LEU I 67 7.16 41.53 15.86
CA LEU I 67 8.19 42.54 16.18
C LEU I 67 9.02 43.02 15.00
N GLY I 68 9.58 42.12 14.21
CA GLY I 68 10.37 42.56 13.05
C GLY I 68 9.52 43.39 12.10
N LEU I 69 8.32 42.92 11.80
CA LEU I 69 7.55 43.45 10.71
C LEU I 69 6.96 44.77 11.10
N GLU I 70 6.39 44.77 12.30
CA GLU I 70 5.92 46.01 12.93
C GLU I 70 6.98 47.13 13.01
N SER I 71 8.26 46.82 13.14
CA SER I 71 9.25 47.91 13.12
C SER I 71 9.44 48.53 11.74
N VAL I 72 9.11 47.76 10.69
CA VAL I 72 9.03 48.26 9.29
C VAL I 72 7.79 49.11 9.12
N LEU I 73 6.73 48.73 9.82
CA LEU I 73 5.44 49.38 9.68
C LEU I 73 5.36 50.77 10.36
N LYS I 74 6.05 50.95 11.48
CA LYS I 74 6.13 52.27 12.15
C LYS I 74 7.01 53.18 11.29
N GLY I 75 8.03 52.59 10.68
CA GLY I 75 9.14 53.28 10.05
C GLY I 75 9.04 53.56 8.55
N ASN I 76 8.07 52.98 7.84
CA ASN I 76 7.85 53.31 6.43
C ASN I 76 6.42 53.67 6.12
N PHE I 77 5.46 53.00 6.73
CA PHE I 77 4.05 53.36 6.56
C PHE I 77 3.51 54.24 7.69
N ASN I 78 4.39 54.82 8.52
CA ASN I 78 3.98 55.74 9.58
C ASN I 78 2.77 55.24 10.41
N ALA I 79 2.85 54.02 10.89
CA ALA I 79 1.68 53.41 11.51
C ALA I 79 1.84 53.23 13.02
N GLU I 80 0.73 52.91 13.65
CA GLU I 80 0.69 52.70 15.08
C GLU I 80 0.70 51.20 15.38
N THR I 81 1.76 50.69 15.93
CA THR I 81 1.77 49.27 16.27
C THR I 81 1.10 48.98 17.63
N GLU I 82 0.40 47.85 17.71
CA GLU I 82 -0.18 47.34 18.96
C GLU I 82 -1.19 48.32 19.49
N VAL I 83 -2.16 48.67 18.66
CA VAL I 83 -3.12 49.67 19.06
C VAL I 83 -4.30 49.01 19.71
N GLU I 84 -4.58 49.50 20.92
CA GLU I 84 -5.54 48.94 21.85
C GLU I 84 -6.80 49.83 21.94
N THR I 85 -7.98 49.25 21.84
CA THR I 85 -9.18 49.99 22.15
C THR I 85 -10.35 49.08 22.45
N LEU I 86 -11.45 49.68 22.85
CA LEU I 86 -12.61 48.97 23.39
C LEU I 86 -13.89 49.59 22.84
N ARG I 87 -14.96 48.80 22.84
CA ARG I 87 -16.27 49.33 22.52
C ARG I 87 -17.34 48.54 23.22
N GLU I 88 -18.33 49.25 23.77
CA GLU I 88 -19.37 48.64 24.59
C GLU I 88 -20.50 48.14 23.69
N ILE I 89 -21.00 46.94 23.97
CA ILE I 89 -22.11 46.36 23.22
C ILE I 89 -23.13 45.88 24.22
N ASN I 90 -24.33 45.59 23.75
CA ASN I 90 -25.43 45.23 24.63
C ASN I 90 -26.02 43.84 24.34
N VAL I 91 -25.81 42.93 25.28
CA VAL I 91 -26.25 41.56 25.12
C VAL I 91 -27.00 41.16 26.40
N GLY I 92 -28.22 40.63 26.25
CA GLY I 92 -29.05 40.20 27.39
C GLY I 92 -29.29 41.26 28.46
N GLY I 93 -29.36 42.53 28.05
CA GLY I 93 -29.53 43.63 29.00
C GLY I 93 -28.23 44.19 29.59
N LYS I 94 -27.29 43.31 29.94
CA LYS I 94 -25.98 43.72 30.48
C LYS I 94 -25.12 44.44 29.43
N VAL I 95 -24.13 45.19 29.91
CA VAL I 95 -23.18 45.88 29.03
C VAL I 95 -21.79 45.23 29.15
N TYR I 96 -21.21 44.82 28.01
CA TYR I 96 -19.87 44.22 27.99
C TYR I 96 -18.85 45.08 27.25
N LYS I 97 -17.59 44.96 27.63
CA LYS I 97 -16.52 45.68 26.96
C LYS I 97 -15.81 44.77 25.91
N ILE I 98 -16.07 44.98 24.61
CA ILE I 98 -15.32 44.26 23.57
C ILE I 98 -13.99 44.94 23.34
N LYS I 99 -12.94 44.43 23.98
CA LYS I 99 -11.63 45.00 23.80
C LYS I 99 -11.00 44.39 22.55
N GLY I 100 -9.85 44.91 22.13
CA GLY I 100 -9.14 44.37 20.99
C GLY I 100 -7.77 45.00 20.88
N ARG I 101 -6.84 44.31 20.25
CA ARG I 101 -5.55 44.92 19.95
C ARG I 101 -5.11 44.65 18.51
N ALA I 102 -5.03 45.72 17.73
CA ALA I 102 -4.67 45.67 16.32
C ALA I 102 -3.18 45.65 16.22
N ASP I 103 -2.69 44.78 15.36
CA ASP I 103 -1.28 44.67 15.14
C ASP I 103 -0.78 45.99 14.61
N ALA I 104 -1.53 46.65 13.72
CA ALA I 104 -1.17 48.00 13.35
C ALA I 104 -2.31 48.75 12.70
N ILE I 105 -2.21 50.08 12.77
CA ILE I 105 -3.20 50.96 12.12
C ILE I 105 -2.49 52.02 11.33
N ILE I 106 -3.08 52.39 10.18
CA ILE I 106 -2.53 53.48 9.35
C ILE I 106 -3.57 54.58 9.20
N ARG I 107 -3.20 55.75 9.72
CA ARG I 107 -4.08 56.89 9.89
C ARG I 107 -3.79 57.95 8.79
N ASN I 108 -4.70 58.10 7.82
CA ASN I 108 -4.58 59.13 6.75
C ASN I 108 -5.57 60.30 7.01
N LYS I 112 -9.00 58.93 7.51
CA LYS I 112 -9.16 57.74 6.67
C LYS I 112 -8.17 56.67 7.16
N SER I 113 -8.69 55.54 7.64
CA SER I 113 -7.89 54.61 8.47
C SER I 113 -7.87 53.13 8.03
N ILE I 114 -6.68 52.50 8.13
CA ILE I 114 -6.44 51.11 7.70
C ILE I 114 -5.95 50.16 8.82
N VAL I 115 -6.77 49.19 9.21
CA VAL I 115 -6.32 48.16 10.16
C VAL I 115 -5.48 47.04 9.50
N ILE I 116 -4.26 46.84 9.99
CA ILE I 116 -3.41 45.75 9.54
C ILE I 116 -3.30 44.57 10.55
N GLU I 117 -3.54 43.36 10.06
CA GLU I 117 -3.37 42.13 10.83
C GLU I 117 -2.38 41.20 10.09
N ILE I 118 -1.32 40.86 10.78
CA ILE I 118 -0.29 39.96 10.31
C ILE I 118 -0.51 38.53 10.83
N LYS I 119 -0.31 37.54 9.98
CA LYS I 119 -0.45 36.17 10.43
C LYS I 119 0.75 35.42 9.99
N THR I 120 1.08 34.44 10.82
CA THR I 120 2.08 33.44 10.50
C THR I 120 1.39 32.11 10.49
N SER I 121 1.97 31.19 9.75
CA SER I 121 1.44 29.86 9.65
C SER I 121 2.56 29.12 9.01
N ARG I 122 2.72 27.85 9.35
CA ARG I 122 3.72 27.06 8.65
C ARG I 122 3.22 26.58 7.27
N SER I 123 1.91 26.78 6.98
CA SER I 123 1.27 26.37 5.73
C SER I 123 0.52 27.53 5.08
N ASP I 124 0.61 27.65 3.75
CA ASP I 124 -0.16 28.63 2.97
C ASP I 124 -1.45 28.09 2.38
N LYS I 125 -1.96 27.04 3.01
CA LYS I 125 -3.10 26.32 2.51
C LYS I 125 -4.41 27.01 2.90
N GLY I 126 -5.26 27.30 1.93
CA GLY I 126 -6.59 27.84 2.24
C GLY I 126 -6.62 29.32 2.59
N LEU I 127 -5.56 30.06 2.30
CA LEU I 127 -5.55 31.48 2.60
C LEU I 127 -6.60 32.21 1.73
N PRO I 128 -7.37 33.14 2.34
CA PRO I 128 -7.38 33.55 3.73
C PRO I 128 -8.31 32.69 4.58
N LEU I 129 -7.86 32.32 5.77
CA LEU I 129 -8.67 31.47 6.70
C LEU I 129 -9.82 32.32 7.26
N ILE I 130 -11.00 31.73 7.34
CA ILE I 130 -12.25 32.46 7.60
C ILE I 130 -12.26 33.23 8.94
N HIS I 131 -11.69 32.58 9.94
CA HIS I 131 -11.62 33.11 11.29
C HIS I 131 -10.54 34.16 11.45
N HIS I 132 -9.51 34.17 10.60
CA HIS I 132 -8.56 35.31 10.56
C HIS I 132 -9.29 36.49 9.94
N LYS I 133 -10.13 36.17 8.96
CA LYS I 133 -10.90 37.16 8.25
C LYS I 133 -11.96 37.74 9.18
N MSE I 134 -12.67 36.91 9.93
CA MSE I 134 -13.65 37.48 10.87
C MSE I 134 -12.92 38.40 11.84
O MSE I 134 -13.30 39.55 12.02
CB MSE I 134 -14.37 36.36 11.60
CG MSE I 134 -15.30 35.58 10.71
SE MSE I 134 -15.93 33.99 11.60
CE MSE I 134 -16.61 34.86 13.21
N GLN I 135 -11.84 37.91 12.42
CA GLN I 135 -11.07 38.73 13.35
C GLN I 135 -10.81 40.15 12.81
N LEU I 136 -10.46 40.28 11.52
CA LEU I 136 -10.18 41.61 10.92
C LEU I 136 -11.47 42.40 10.64
N GLN I 137 -12.55 41.68 10.35
CA GLN I 137 -13.86 42.26 10.15
C GLN I 137 -14.44 42.82 11.44
N ILE I 138 -14.14 42.17 12.56
CA ILE I 138 -14.53 42.71 13.84
C ILE I 138 -13.65 43.91 14.24
N TYR I 139 -12.34 43.83 14.01
CA TYR I 139 -11.49 45.00 14.20
C TYR I 139 -11.92 46.26 13.38
N LEU I 140 -12.52 46.05 12.21
CA LEU I 140 -12.94 47.16 11.37
C LEU I 140 -14.06 47.89 12.08
N TRP I 141 -14.91 47.13 12.75
CA TRP I 141 -15.98 47.69 13.53
C TRP I 141 -15.36 48.38 14.74
N LEU I 142 -14.45 47.68 15.41
CA LEU I 142 -13.94 48.13 16.70
C LEU I 142 -13.33 49.49 16.58
N PHE I 143 -12.51 49.65 15.56
CA PHE I 143 -11.86 50.91 15.33
C PHE I 143 -12.67 51.78 14.38
N SER I 144 -13.81 51.26 13.94
CA SER I 144 -14.60 51.92 12.88
C SER I 144 -13.70 52.32 11.70
N ALA I 145 -12.94 51.39 11.17
CA ALA I 145 -12.03 51.67 10.06
C ALA I 145 -12.66 51.18 8.75
N GLU I 146 -12.26 51.80 7.63
CA GLU I 146 -12.93 51.60 6.35
C GLU I 146 -12.21 50.49 5.57
N LYS I 147 -10.89 50.42 5.79
CA LYS I 147 -10.03 49.44 5.15
C LYS I 147 -9.30 48.49 6.12
N GLY I 148 -9.09 47.26 5.65
CA GLY I 148 -8.32 46.25 6.35
C GLY I 148 -7.41 45.45 5.42
N ILE I 149 -6.21 45.15 5.88
CA ILE I 149 -5.27 44.31 5.21
C ILE I 149 -4.99 43.07 6.09
N LEU I 150 -5.14 41.88 5.54
CA LEU I 150 -4.73 40.62 6.19
C LEU I 150 -3.46 40.18 5.47
N VAL I 151 -2.32 40.10 6.16
CA VAL I 151 -1.12 39.64 5.51
C VAL I 151 -0.49 38.42 6.17
N TYR I 152 -0.29 37.35 5.39
CA TYR I 152 0.34 36.12 5.85
C TYR I 152 1.80 36.10 5.53
N ILE I 153 2.64 35.65 6.44
CA ILE I 153 4.01 35.36 6.11
C ILE I 153 4.28 33.90 6.43
N THR I 154 4.19 33.04 5.44
CA THR I 154 4.41 31.63 5.61
C THR I 154 5.68 31.27 4.88
N PRO I 155 6.24 30.10 5.10
CA PRO I 155 7.50 29.76 4.38
C PRO I 155 7.31 29.25 2.98
N ASP I 156 6.07 29.12 2.55
CA ASP I 156 5.79 28.71 1.20
C ASP I 156 5.32 29.90 0.35
N ARG I 157 4.97 31.00 1.00
CA ARG I 157 4.30 32.10 0.31
C ARG I 157 3.90 33.23 1.24
N ILE I 158 3.98 34.41 0.65
CA ILE I 158 3.64 35.69 1.21
C ILE I 158 2.41 36.11 0.44
N ALA I 159 1.35 36.48 1.10
CA ALA I 159 0.07 36.66 0.45
C ALA I 159 -0.70 37.67 1.22
N GLU I 160 -1.23 38.68 0.52
CA GLU I 160 -1.91 39.81 1.17
C GLU I 160 -3.32 39.94 0.66
N TYR I 161 -4.26 40.18 1.56
CA TYR I 161 -5.66 40.17 1.22
C TYR I 161 -6.24 41.45 1.75
N GLU I 162 -7.18 42.02 1.02
CA GLU I 162 -7.79 43.29 1.36
C GLU I 162 -9.22 43.01 1.76
N ILE I 163 -9.53 43.38 3.01
CA ILE I 163 -10.78 43.09 3.70
C ILE I 163 -11.36 44.42 4.15
N ASN I 164 -12.57 44.71 3.67
CA ASN I 164 -13.17 46.03 3.85
C ASN I 164 -14.55 46.02 4.48
N GLU I 165 -15.25 44.92 4.38
CA GLU I 165 -16.55 44.88 4.94
C GLU I 165 -16.49 44.64 6.44
N PRO I 166 -16.84 45.64 7.22
CA PRO I 166 -16.83 45.47 8.67
C PRO I 166 -17.97 44.59 9.11
N LEU I 167 -17.76 43.85 10.18
CA LEU I 167 -18.75 42.91 10.62
C LEU I 167 -19.95 43.68 11.20
N ASP I 168 -21.14 43.10 11.09
CA ASP I 168 -22.37 43.63 11.70
C ASP I 168 -22.27 43.76 13.21
N GLU I 169 -22.98 44.73 13.78
CA GLU I 169 -23.12 44.83 15.23
C GLU I 169 -23.98 43.67 15.73
N ALA I 170 -25.12 43.44 15.05
CA ALA I 170 -26.09 42.41 15.47
C ALA I 170 -25.47 41.01 15.55
N THR I 171 -24.66 40.65 14.54
CA THR I 171 -23.99 39.35 14.51
C THR I 171 -22.67 39.35 15.29
N ILE I 172 -22.08 40.51 15.56
CA ILE I 172 -21.06 40.61 16.59
C ILE I 172 -21.61 40.27 17.99
N VAL I 173 -22.82 40.77 18.28
CA VAL I 173 -23.52 40.47 19.52
C VAL I 173 -23.91 39.00 19.56
N ARG I 174 -24.39 38.44 18.45
CA ARG I 174 -24.70 37.00 18.39
C ARG I 174 -23.48 36.11 18.61
N LEU I 175 -22.30 36.65 18.33
CA LEU I 175 -21.05 35.93 18.61
C LEU I 175 -20.76 36.00 20.09
N ALA I 176 -20.74 37.22 20.64
CA ALA I 176 -20.54 37.41 22.09
C ALA I 176 -21.55 36.58 22.87
N GLU I 177 -22.79 36.52 22.38
CA GLU I 177 -23.85 35.71 22.99
C GLU I 177 -23.40 34.27 23.21
N ASP I 178 -22.78 33.69 22.21
CA ASP I 178 -22.29 32.33 22.33
C ASP I 178 -21.00 32.26 23.15
N THR I 179 -20.17 33.31 23.10
CA THR I 179 -18.99 33.35 23.92
C THR I 179 -19.42 33.25 25.39
N ILE I 180 -20.49 33.96 25.74
CA ILE I 180 -20.98 34.01 27.11
C ILE I 180 -21.65 32.70 27.52
N MSE I 181 -22.64 32.25 26.74
CA MSE I 181 -23.49 31.10 27.12
C MSE I 181 -22.90 29.71 26.82
O MSE I 181 -23.56 28.70 27.01
CB MSE I 181 -24.84 31.18 26.36
CG MSE I 181 -25.68 32.39 26.71
SE MSE I 181 -26.30 32.25 28.54
CE MSE I 181 -24.91 33.18 29.51
N LEU I 182 -21.65 29.66 26.33
CA LEU I 182 -21.08 28.42 25.81
C LEU I 182 -22.01 27.72 24.80
N GLN I 183 -22.50 28.46 23.81
CA GLN I 183 -23.62 27.97 22.99
C GLN I 183 -23.19 26.94 21.90
N ASN I 184 -21.96 27.07 21.38
CA ASN I 184 -21.53 26.24 20.24
C ASN I 184 -20.03 25.96 20.24
N SER I 185 -19.66 24.83 20.83
CA SER I 185 -18.27 24.50 21.02
C SER I 185 -17.95 23.20 20.37
N PRO I 186 -16.86 23.14 19.60
CA PRO I 186 -16.06 24.31 19.25
C PRO I 186 -16.68 25.15 18.12
N ARG I 187 -16.07 26.32 17.90
CA ARG I 187 -16.48 27.21 16.87
C ARG I 187 -16.09 26.53 15.56
N PHE I 188 -14.82 26.15 15.43
CA PHE I 188 -14.31 25.46 14.25
C PHE I 188 -13.76 24.06 14.57
N ASN I 189 -14.11 23.10 13.73
CA ASN I 189 -13.81 21.68 13.95
C ASN I 189 -12.31 21.30 14.12
N TRP I 190 -11.38 22.10 13.62
CA TRP I 190 -9.92 21.86 13.79
C TRP I 190 -9.39 22.27 15.17
N GLU I 191 -10.24 22.91 15.97
CA GLU I 191 -9.76 23.51 17.20
C GLU I 191 -9.34 22.52 18.22
N CYS I 192 -10.15 21.48 18.45
CA CYS I 192 -9.88 20.43 19.47
C CYS I 192 -8.51 19.69 19.35
N LYS I 193 -8.06 19.46 18.12
CA LYS I 193 -6.74 18.88 17.82
C LYS I 193 -5.52 19.62 18.46
N TYR I 194 -5.61 20.93 18.67
CA TYR I 194 -4.48 21.69 19.27
C TYR I 194 -4.82 22.35 20.60
N CYS I 195 -6.03 22.10 21.08
CA CYS I 195 -6.50 22.62 22.34
C CYS I 195 -5.80 21.98 23.53
N ILE I 196 -5.12 22.76 24.35
CA ILE I 196 -4.57 22.20 25.59
C ILE I 196 -5.61 21.63 26.60
N PHE I 197 -6.89 21.97 26.45
CA PHE I 197 -7.93 21.55 27.39
C PHE I 197 -8.78 20.36 26.87
N SER I 198 -8.36 19.77 25.75
CA SER I 198 -9.04 18.61 25.16
C SER I 198 -8.98 17.42 26.08
N VAL I 199 -7.91 17.37 26.87
CA VAL I 199 -7.67 16.31 27.87
C VAL I 199 -8.68 16.26 29.02
N ILE I 200 -9.43 17.34 29.23
CA ILE I 200 -10.47 17.40 30.27
C ILE I 200 -11.87 17.85 29.78
N CYS I 201 -12.06 17.97 28.45
CA CYS I 201 -13.27 18.59 27.94
C CYS I 201 -14.23 17.59 27.30
N PRO I 202 -15.52 17.69 27.65
CA PRO I 202 -16.50 16.72 27.19
C PRO I 202 -17.03 17.05 25.80
N ALA I 203 -16.75 18.25 25.30
CA ALA I 203 -17.18 18.70 23.96
C ALA I 203 -16.17 18.30 22.82
N LYS I 204 -14.95 17.89 23.20
CA LYS I 204 -13.88 17.61 22.27
C LYS I 204 -14.38 16.74 21.15
N LEU I 205 -14.02 17.05 19.90
CA LEU I 205 -14.45 16.22 18.75
C LEU I 205 -13.49 15.01 18.52
N THR I 206 -14.08 13.86 18.20
CA THR I 206 -13.31 12.63 18.11
C THR I 206 -13.58 11.80 16.81
N TYR J 1 -4.42 48.15 -5.21
CA TYR J 1 -3.14 47.40 -4.99
C TYR J 1 -3.15 46.00 -5.67
N PHE J 2 -2.20 45.77 -6.58
CA PHE J 2 -2.25 44.56 -7.40
C PHE J 2 -1.65 43.41 -6.57
N GLN J 3 -0.40 43.62 -6.14
CA GLN J 3 0.34 42.73 -5.27
C GLN J 3 -0.01 42.92 -3.79
N GLY J 4 -0.27 44.17 -3.39
CA GLY J 4 -0.59 44.52 -2.00
C GLY J 4 0.44 45.49 -1.44
N MSE J 5 -0.04 46.50 -0.73
CA MSE J 5 0.78 47.58 -0.15
C MSE J 5 2.03 47.13 0.62
O MSE J 5 3.14 47.63 0.40
CB MSE J 5 -0.11 48.41 0.79
CG MSE J 5 0.42 49.76 1.15
SE MSE J 5 -0.71 50.67 2.36
CE MSE J 5 -2.49 50.15 1.70
N ILE J 6 1.85 46.16 1.50
CA ILE J 6 2.93 45.77 2.39
C ILE J 6 3.91 44.87 1.66
N THR J 7 3.39 43.87 0.98
CA THR J 7 4.29 42.90 0.32
C THR J 7 5.08 43.56 -0.79
N GLU J 8 4.41 44.46 -1.50
CA GLU J 8 5.07 45.36 -2.47
C GLU J 8 6.28 46.04 -1.86
N PHE J 9 6.10 46.67 -0.69
CA PHE J 9 7.22 47.38 -0.06
C PHE J 9 8.31 46.40 0.35
N LEU J 10 7.88 45.27 0.93
CA LEU J 10 8.87 44.27 1.39
C LEU J 10 9.74 43.81 0.23
N LEU J 11 9.10 43.46 -0.89
CA LEU J 11 9.83 42.93 -2.05
C LEU J 11 10.75 43.99 -2.64
N LYS J 12 10.20 45.20 -2.78
CA LYS J 12 10.99 46.36 -3.16
C LYS J 12 12.23 46.47 -2.29
N LYS J 13 12.03 46.45 -0.97
CA LYS J 13 13.17 46.60 -0.08
C LYS J 13 14.14 45.44 -0.22
N LYS J 14 13.63 44.24 -0.46
CA LYS J 14 14.53 43.07 -0.52
C LYS J 14 15.38 43.10 -1.77
N LEU J 15 14.76 43.55 -2.84
CA LEU J 15 15.46 43.64 -4.13
C LEU J 15 16.61 44.64 -4.01
N GLU J 16 16.31 45.83 -3.49
CA GLU J 16 17.35 46.86 -3.22
C GLU J 16 18.54 46.33 -2.41
N GLU J 17 18.30 45.64 -1.30
CA GLU J 17 19.40 45.09 -0.49
C GLU J 17 20.19 44.03 -1.23
N HIS J 18 19.50 43.17 -1.99
CA HIS J 18 20.20 42.15 -2.81
C HIS J 18 21.13 42.81 -3.83
N LEU J 19 20.60 43.81 -4.52
CA LEU J 19 21.31 44.48 -5.60
C LEU J 19 22.51 45.32 -5.13
N SER J 20 22.48 45.73 -3.86
CA SER J 20 23.50 46.63 -3.33
C SER J 20 24.69 45.88 -2.77
N HIS J 21 24.91 44.63 -3.14
CA HIS J 21 26.08 43.90 -2.66
C HIS J 21 27.14 43.88 -3.79
N VAL J 22 27.88 44.98 -3.93
CA VAL J 22 29.04 45.04 -4.85
C VAL J 22 30.17 44.10 -4.37
N LYS J 23 30.44 43.04 -5.14
CA LYS J 23 31.44 42.01 -4.75
C LYS J 23 32.88 42.41 -5.10
N GLU J 24 33.67 42.74 -4.08
CA GLU J 24 35.11 43.05 -4.23
C GLU J 24 35.91 41.89 -4.86
N GLU J 25 37.16 42.15 -5.24
CA GLU J 25 37.84 41.31 -6.23
C GLU J 25 38.25 39.96 -5.66
N ASN J 26 39.06 39.94 -4.62
CA ASN J 26 39.64 38.67 -4.16
C ASN J 26 39.00 38.19 -2.85
N THR J 27 37.67 38.25 -2.86
CA THR J 27 36.83 38.20 -1.68
C THR J 27 35.82 36.99 -1.68
N ILE J 28 35.80 36.27 -0.57
CA ILE J 28 34.92 35.11 -0.35
C ILE J 28 34.25 35.33 0.98
N TYR J 29 32.94 35.42 0.97
CA TYR J 29 32.21 35.49 2.17
C TYR J 29 32.22 34.17 2.93
N VAL J 30 31.81 34.23 4.19
CA VAL J 30 31.77 33.07 5.03
C VAL J 30 30.61 32.19 4.57
N THR J 31 29.46 32.82 4.35
CA THR J 31 28.32 32.13 3.80
C THR J 31 28.58 31.44 2.44
N ASP J 32 29.53 31.89 1.63
CA ASP J 32 29.88 31.15 0.44
C ASP J 32 30.83 30.04 0.77
N LEU J 33 31.62 30.22 1.82
CA LEU J 33 32.59 29.19 2.16
C LEU J 33 31.88 27.94 2.52
N VAL J 34 30.70 28.06 3.12
CA VAL J 34 29.99 26.83 3.56
C VAL J 34 29.04 26.16 2.53
N ARG J 35 28.99 26.67 1.31
CA ARG J 35 28.13 26.14 0.27
C ARG J 35 28.93 25.56 -0.89
N CYS J 36 28.25 24.78 -1.71
CA CYS J 36 28.79 24.40 -3.03
C CYS J 36 29.53 25.55 -3.76
N PRO J 37 30.79 25.31 -4.10
CA PRO J 37 31.55 26.32 -4.85
C PRO J 37 30.98 26.59 -6.25
N ARG J 38 30.41 25.58 -6.94
CA ARG J 38 29.78 25.91 -8.21
C ARG J 38 28.58 26.83 -8.00
N ARG J 39 27.85 26.67 -6.92
CA ARG J 39 26.67 27.51 -6.73
C ARG J 39 27.11 28.94 -6.51
N VAL J 40 28.28 29.08 -5.87
CA VAL J 40 28.77 30.39 -5.55
C VAL J 40 29.15 31.04 -6.87
N ARG J 41 29.87 30.28 -7.69
CA ARG J 41 30.29 30.76 -8.98
C ARG J 41 29.10 31.10 -9.87
N TYR J 42 28.07 30.23 -9.89
CA TYR J 42 26.85 30.53 -10.66
C TYR J 42 26.24 31.83 -10.23
N GLU J 43 26.19 32.09 -8.94
CA GLU J 43 25.66 33.37 -8.44
C GLU J 43 26.42 34.62 -8.91
N SER J 44 27.66 34.43 -9.34
CA SER J 44 28.48 35.49 -9.85
C SER J 44 28.46 35.62 -11.40
N GLU J 45 28.33 34.50 -12.11
CA GLU J 45 28.17 34.50 -13.58
C GLU J 45 26.73 34.74 -14.09
N TYR J 46 25.69 34.49 -13.27
CA TYR J 46 24.30 34.64 -13.68
C TYR J 46 23.53 35.48 -12.70
N LYS J 47 23.90 36.75 -12.55
CA LYS J 47 23.26 37.62 -11.56
C LYS J 47 21.77 37.63 -11.72
N GLU J 48 21.31 37.67 -12.96
CA GLU J 48 19.87 37.87 -13.23
C GLU J 48 19.03 36.67 -12.72
N LEU J 49 19.56 35.47 -12.86
CA LEU J 49 18.82 34.29 -12.36
C LEU J 49 18.90 34.23 -10.80
N ALA J 50 20.06 34.59 -10.23
CA ALA J 50 20.23 34.67 -8.77
C ALA J 50 19.26 35.64 -8.12
N ILE J 51 18.77 36.61 -8.86
CA ILE J 51 17.82 37.58 -8.30
C ILE J 51 16.51 36.92 -7.92
N SER J 52 16.24 35.75 -8.47
CA SER J 52 14.99 35.09 -8.11
C SER J 52 15.00 34.69 -6.62
N GLN J 53 16.18 34.61 -6.00
CA GLN J 53 16.35 34.24 -4.58
C GLN J 53 15.74 35.32 -3.71
N VAL J 54 15.74 36.56 -4.18
CA VAL J 54 15.07 37.63 -3.48
C VAL J 54 13.59 37.35 -3.16
N TYR J 55 12.93 36.47 -3.93
CA TYR J 55 11.49 36.27 -3.76
C TYR J 55 11.18 34.92 -3.05
N ALA J 56 12.19 34.25 -2.51
CA ALA J 56 11.97 33.02 -1.67
C ALA J 56 11.29 33.39 -0.34
N PRO J 57 10.07 32.91 -0.10
CA PRO J 57 9.30 33.40 1.04
C PRO J 57 9.92 33.02 2.39
N SER J 58 10.64 31.91 2.43
CA SER J 58 11.30 31.53 3.65
C SER J 58 12.51 32.44 3.93
N ALA J 59 13.13 33.01 2.92
CA ALA J 59 14.19 34.01 3.15
C ALA J 59 13.56 35.33 3.66
N ILE J 60 12.43 35.72 3.11
CA ILE J 60 11.74 36.91 3.60
C ILE J 60 11.40 36.72 5.11
N LEU J 61 10.85 35.55 5.45
CA LEU J 61 10.44 35.21 6.82
C LEU J 61 11.66 35.20 7.70
N GLY J 62 12.69 34.54 7.22
CA GLY J 62 14.03 34.63 7.77
C GLY J 62 14.49 36.02 8.15
N ASP J 63 14.27 36.99 7.28
CA ASP J 63 14.84 38.32 7.48
C ASP J 63 14.00 39.09 8.50
N ILE J 64 12.68 38.88 8.46
CA ILE J 64 11.77 39.52 9.40
C ILE J 64 12.02 38.98 10.83
N LEU J 65 12.29 37.68 10.93
CA LEU J 65 12.71 37.11 12.21
C LEU J 65 14.02 37.70 12.69
N HIS J 66 15.05 37.76 11.84
CA HIS J 66 16.33 38.26 12.32
C HIS J 66 16.09 39.68 12.82
N LEU J 67 15.34 40.48 12.10
CA LEU J 67 15.02 41.82 12.57
C LEU J 67 14.41 41.77 13.96
N GLY J 68 13.28 41.09 14.13
CA GLY J 68 12.60 41.10 15.42
C GLY J 68 13.45 40.64 16.59
N LEU J 69 14.32 39.67 16.37
CA LEU J 69 15.05 39.04 17.42
C LEU J 69 16.24 39.92 17.66
N GLU J 70 16.86 40.40 16.59
CA GLU J 70 17.94 41.39 16.70
C GLU J 70 17.53 42.66 17.47
N SER J 71 16.25 43.03 17.46
CA SER J 71 15.85 44.23 18.21
C SER J 71 15.93 43.99 19.73
N VAL J 72 15.57 42.76 20.13
CA VAL J 72 15.74 42.24 21.50
C VAL J 72 17.22 42.13 21.97
N LEU J 73 18.13 41.82 21.06
CA LEU J 73 19.54 41.63 21.43
C LEU J 73 20.32 42.95 21.69
N LYS J 74 19.97 44.00 20.96
CA LYS J 74 20.51 45.33 21.26
C LYS J 74 19.92 45.75 22.60
N GLY J 75 18.59 45.67 22.68
CA GLY J 75 17.80 46.17 23.79
C GLY J 75 18.09 45.63 25.19
N ASN J 76 18.38 44.33 25.29
CA ASN J 76 18.48 43.64 26.57
C ASN J 76 19.79 42.89 26.76
N PHE J 77 20.60 42.81 25.72
CA PHE J 77 21.93 42.21 25.83
C PHE J 77 22.96 43.16 25.32
N ASN J 78 22.57 44.42 25.11
CA ASN J 78 23.45 45.43 24.54
C ASN J 78 24.48 44.86 23.55
N ALA J 79 23.97 44.33 22.43
CA ALA J 79 24.83 43.73 21.43
C ALA J 79 24.86 44.57 20.14
N GLU J 80 25.99 44.50 19.44
CA GLU J 80 26.08 45.04 18.09
C GLU J 80 25.44 44.04 17.09
N THR J 81 24.51 44.51 16.27
CA THR J 81 23.85 43.67 15.30
C THR J 81 24.33 43.93 13.85
N GLU J 82 24.36 42.86 13.05
CA GLU J 82 24.73 42.97 11.64
C GLU J 82 26.15 43.48 11.55
N VAL J 83 26.99 42.96 12.41
CA VAL J 83 28.36 43.41 12.46
C VAL J 83 29.24 42.75 11.38
N GLU J 84 30.00 43.60 10.70
CA GLU J 84 30.77 43.32 9.48
C GLU J 84 32.29 43.27 9.74
N THR J 85 33.06 42.44 9.06
CA THR J 85 34.51 42.40 9.27
C THR J 85 35.13 41.41 8.32
N LEU J 86 36.44 41.48 8.14
CA LEU J 86 37.08 40.59 7.20
C LEU J 86 38.45 40.25 7.67
N ARG J 87 39.15 39.37 7.00
CA ARG J 87 40.47 39.00 7.46
C ARG J 87 41.20 38.22 6.39
N GLU J 88 42.34 38.73 5.98
CA GLU J 88 43.11 38.11 4.92
C GLU J 88 43.57 36.69 5.27
N ILE J 89 43.59 35.79 4.27
CA ILE J 89 44.24 34.51 4.42
C ILE J 89 45.09 34.31 3.21
N ASN J 90 45.87 33.23 3.21
CA ASN J 90 46.79 32.91 2.15
C ASN J 90 46.51 31.53 1.52
N VAL J 91 46.03 31.55 0.28
CA VAL J 91 45.65 30.34 -0.43
C VAL J 91 46.66 29.90 -1.52
N GLY J 92 47.57 29.00 -1.15
CA GLY J 92 48.57 28.43 -2.10
C GLY J 92 49.50 29.38 -2.87
N GLY J 93 49.66 30.62 -2.39
CA GLY J 93 50.51 31.60 -3.05
C GLY J 93 49.88 32.98 -3.13
N LYS J 94 48.57 33.07 -3.10
CA LYS J 94 47.85 34.31 -3.34
C LYS J 94 47.18 34.75 -2.04
N VAL J 95 46.70 36.00 -1.98
CA VAL J 95 46.08 36.52 -0.77
C VAL J 95 44.60 36.91 -1.00
N TYR J 96 43.71 36.16 -0.37
CA TYR J 96 42.29 36.47 -0.40
C TYR J 96 41.86 36.96 0.96
N LYS J 97 40.76 37.72 0.95
CA LYS J 97 40.12 38.15 2.17
C LYS J 97 38.76 37.47 2.40
N ILE J 98 38.64 36.70 3.49
CA ILE J 98 37.37 36.18 3.97
C ILE J 98 36.59 37.28 4.64
N LYS J 99 35.32 37.43 4.33
CA LYS J 99 34.50 38.49 4.89
C LYS J 99 33.19 37.93 5.48
N GLY J 100 32.83 38.38 6.67
CA GLY J 100 31.64 37.84 7.33
C GLY J 100 30.77 38.94 7.85
N ARG J 101 29.51 38.62 8.09
CA ARG J 101 28.60 39.54 8.72
C ARG J 101 27.78 38.77 9.77
N ALA J 102 28.12 38.94 11.05
CA ALA J 102 27.49 38.20 12.14
C ALA J 102 26.16 38.81 12.51
N ASP J 103 25.20 37.97 12.86
CA ASP J 103 23.86 38.47 13.13
C ASP J 103 23.87 39.38 14.35
N ALA J 104 24.63 38.98 15.36
CA ALA J 104 24.76 39.77 16.58
C ALA J 104 26.06 39.40 17.27
N ILE J 105 26.64 40.35 17.98
CA ILE J 105 27.80 40.07 18.81
C ILE J 105 27.73 40.79 20.13
N ILE J 106 28.12 40.07 21.18
CA ILE J 106 28.17 40.62 22.54
C ILE J 106 29.59 40.59 23.08
N ARG J 107 30.08 41.79 23.46
CA ARG J 107 31.49 42.06 23.86
C ARG J 107 31.76 41.87 25.37
N LYS J 112 36.18 39.76 26.52
CA LYS J 112 35.69 38.55 25.85
C LYS J 112 34.51 38.90 24.89
N SER J 113 34.16 37.94 24.02
CA SER J 113 33.16 38.13 22.95
C SER J 113 32.26 36.91 22.64
N ILE J 114 30.97 37.19 22.43
CA ILE J 114 29.97 36.19 22.03
C ILE J 114 29.33 36.48 20.68
N VAL J 115 29.70 35.70 19.68
CA VAL J 115 29.01 35.74 18.38
C VAL J 115 27.72 34.95 18.42
N ILE J 116 26.63 35.62 18.05
CA ILE J 116 25.32 35.00 17.88
C ILE J 116 24.86 34.80 16.39
N GLU J 117 24.56 33.57 16.01
CA GLU J 117 24.03 33.24 14.68
C GLU J 117 22.61 32.80 14.91
N ILE J 118 21.65 33.50 14.33
CA ILE J 118 20.22 33.16 14.42
C ILE J 118 19.77 32.45 13.13
N LYS J 119 18.99 31.36 13.24
CA LYS J 119 18.64 30.46 12.13
C LYS J 119 17.14 30.17 12.26
N THR J 120 16.41 30.18 11.15
CA THR J 120 15.09 29.58 11.11
C THR J 120 15.01 28.36 10.18
N SER J 121 13.97 27.58 10.35
CA SER J 121 13.71 26.44 9.49
C SER J 121 12.29 26.16 9.75
N ARG J 122 11.63 25.51 8.83
CA ARG J 122 10.26 25.08 9.12
C ARG J 122 10.24 23.74 9.94
N SER J 123 11.42 23.15 10.12
CA SER J 123 11.55 21.85 10.78
C SER J 123 12.70 21.89 11.79
N ASP J 124 12.51 21.19 12.91
CA ASP J 124 13.55 21.13 13.90
C ASP J 124 14.35 19.88 13.81
N LYS J 125 14.40 19.24 12.65
CA LYS J 125 15.03 17.93 12.60
C LYS J 125 16.52 18.01 12.53
N GLY J 126 17.25 17.15 13.24
CA GLY J 126 18.71 17.07 13.16
C GLY J 126 19.50 18.26 13.70
N LEU J 127 18.85 19.16 14.46
CA LEU J 127 19.55 20.37 14.93
C LEU J 127 20.62 19.96 15.98
N PRO J 128 21.79 20.61 15.93
CA PRO J 128 22.09 21.70 15.02
C PRO J 128 22.58 21.17 13.66
N LEU J 129 22.37 21.93 12.58
CA LEU J 129 22.85 21.48 11.21
C LEU J 129 24.33 21.83 10.98
N ILE J 130 25.09 20.86 10.52
CA ILE J 130 26.55 20.96 10.50
C ILE J 130 27.05 22.17 9.77
N HIS J 131 26.36 22.56 8.72
CA HIS J 131 26.73 23.72 7.95
C HIS J 131 26.45 24.97 8.72
N HIS J 132 25.48 24.95 9.62
CA HIS J 132 25.33 26.14 10.50
C HIS J 132 26.44 26.14 11.55
N LYS J 133 26.77 24.96 12.06
CA LYS J 133 27.82 24.85 13.03
C LYS J 133 29.10 25.39 12.42
N MSE J 134 29.35 25.00 11.19
CA MSE J 134 30.57 25.43 10.45
C MSE J 134 30.66 26.96 10.18
O MSE J 134 31.69 27.59 10.33
CB MSE J 134 30.65 24.70 9.11
CG MSE J 134 31.77 23.71 9.04
SE MSE J 134 31.81 22.78 7.25
CE MSE J 134 31.68 24.39 6.08
N GLN J 135 29.56 27.51 9.74
CA GLN J 135 29.48 28.93 9.55
C GLN J 135 29.94 29.64 10.85
N LEU J 136 29.35 29.27 11.98
CA LEU J 136 29.67 29.91 13.28
C LEU J 136 31.08 29.61 13.74
N GLN J 137 31.58 28.40 13.61
CA GLN J 137 32.95 28.13 13.96
C GLN J 137 33.94 29.00 13.18
N ILE J 138 33.54 29.38 11.96
CA ILE J 138 34.29 30.34 11.14
C ILE J 138 34.09 31.76 11.65
N TYR J 139 32.88 32.14 12.02
CA TYR J 139 32.74 33.46 12.63
C TYR J 139 33.75 33.64 13.82
N LEU J 140 33.80 32.70 14.76
CA LEU J 140 34.71 32.79 15.89
C LEU J 140 36.12 33.03 15.43
N TRP J 141 36.54 32.39 14.33
CA TRP J 141 37.87 32.72 13.79
C TRP J 141 37.94 34.12 13.15
N LEU J 142 36.93 34.48 12.38
CA LEU J 142 36.95 35.81 11.76
C LEU J 142 37.05 36.87 12.85
N PHE J 143 36.13 36.87 13.82
CA PHE J 143 36.05 37.89 14.86
C PHE J 143 36.98 37.70 16.09
N SER J 144 37.84 36.69 16.06
CA SER J 144 38.62 36.35 17.24
C SER J 144 37.79 36.30 18.55
N ALA J 145 36.60 35.71 18.42
CA ALA J 145 35.72 35.46 19.54
C ALA J 145 35.98 34.06 20.04
N GLU J 146 35.57 33.86 21.27
CA GLU J 146 35.96 32.72 22.06
C GLU J 146 34.73 31.88 22.24
N LYS J 147 33.56 32.52 22.24
CA LYS J 147 32.30 31.81 22.38
C LYS J 147 31.30 32.13 21.25
N GLY J 148 30.42 31.18 20.97
CA GLY J 148 29.39 31.38 19.99
C GLY J 148 28.09 30.69 20.34
N ILE J 149 26.98 31.33 19.97
CA ILE J 149 25.66 30.74 20.16
C ILE J 149 24.91 30.59 18.83
N LEU J 150 24.34 29.41 18.61
CA LEU J 150 23.54 29.12 17.45
C LEU J 150 22.10 28.97 17.87
N VAL J 151 21.23 29.91 17.61
CA VAL J 151 19.84 29.78 18.07
C VAL J 151 18.79 29.62 16.94
N TYR J 152 18.02 28.54 17.01
CA TYR J 152 17.02 28.16 16.06
C TYR J 152 15.63 28.51 16.60
N ILE J 153 14.90 29.32 15.84
CA ILE J 153 13.53 29.57 16.11
C ILE J 153 12.74 28.77 15.07
N THR J 154 12.06 27.69 15.43
CA THR J 154 11.30 26.87 14.47
C THR J 154 9.95 26.64 15.02
N PRO J 155 8.99 26.31 14.16
CA PRO J 155 7.62 26.29 14.63
C PRO J 155 7.35 25.17 15.63
N ASP J 156 8.23 24.16 15.68
CA ASP J 156 8.09 22.99 16.60
C ASP J 156 9.03 23.11 17.81
N ARG J 157 9.94 24.07 17.83
CA ARG J 157 10.95 23.99 18.83
C ARG J 157 11.86 25.16 18.71
N ILE J 158 12.18 25.73 19.87
CA ILE J 158 13.27 26.67 20.03
C ILE J 158 14.46 25.98 20.68
N ALA J 159 15.64 26.18 20.15
CA ALA J 159 16.78 25.45 20.61
C ALA J 159 18.00 26.27 20.34
N GLU J 160 18.90 26.27 21.30
CA GLU J 160 20.06 27.10 21.34
C GLU J 160 21.26 26.19 21.56
N TYR J 161 22.40 26.46 20.95
CA TYR J 161 23.53 25.55 21.04
C TYR J 161 24.78 26.38 21.22
N GLU J 162 25.67 25.97 22.09
CA GLU J 162 26.93 26.69 22.37
C GLU J 162 28.00 26.06 21.51
N ILE J 163 28.69 26.90 20.74
CA ILE J 163 29.76 26.46 19.87
C ILE J 163 30.99 27.34 20.20
N ASN J 164 32.05 26.70 20.72
CA ASN J 164 33.17 27.41 21.31
C ASN J 164 34.55 27.02 20.75
N GLU J 165 34.57 26.02 19.86
CA GLU J 165 35.77 25.60 19.16
C GLU J 165 35.70 26.20 17.75
N PRO J 166 36.56 27.17 17.45
CA PRO J 166 36.53 27.73 16.11
C PRO J 166 37.32 26.82 15.18
N LEU J 167 37.07 26.92 13.86
CA LEU J 167 37.89 26.19 12.89
C LEU J 167 39.25 26.87 12.79
N ASP J 168 40.31 26.10 12.68
CA ASP J 168 41.62 26.70 12.40
C ASP J 168 41.79 27.10 10.94
N GLU J 169 42.72 28.02 10.70
CA GLU J 169 43.01 28.42 9.33
C GLU J 169 43.28 27.27 8.40
N ALA J 170 44.06 26.27 8.81
CA ALA J 170 44.41 25.20 7.89
C ALA J 170 43.13 24.73 7.22
N THR J 171 42.07 24.46 8.01
CA THR J 171 40.83 23.95 7.44
C THR J 171 40.07 25.06 6.70
N ILE J 172 40.16 26.31 7.13
CA ILE J 172 39.48 27.38 6.43
C ILE J 172 40.14 27.57 5.08
N VAL J 173 41.45 27.55 5.07
CA VAL J 173 42.22 27.72 3.85
C VAL J 173 41.76 26.65 2.86
N ARG J 174 41.70 25.42 3.38
CA ARG J 174 41.32 24.21 2.62
C ARG J 174 39.88 24.34 2.09
N LEU J 175 38.99 25.03 2.82
CA LEU J 175 37.65 25.33 2.33
C LEU J 175 37.69 26.39 1.23
N ALA J 176 38.53 27.39 1.37
CA ALA J 176 38.69 28.41 0.33
C ALA J 176 39.25 27.84 -0.98
N GLU J 177 40.18 26.93 -0.86
CA GLU J 177 40.71 26.13 -1.95
C GLU J 177 39.57 25.60 -2.83
N ASP J 178 38.64 24.89 -2.22
CA ASP J 178 37.48 24.33 -2.87
C ASP J 178 36.69 25.43 -3.52
N THR J 179 36.48 26.52 -2.84
CA THR J 179 35.68 27.56 -3.42
C THR J 179 36.33 28.09 -4.71
N ILE J 180 37.67 28.06 -4.75
CA ILE J 180 38.45 28.65 -5.84
C ILE J 180 38.63 27.66 -6.99
N MSE J 181 39.19 26.50 -6.72
CA MSE J 181 39.31 25.42 -7.72
C MSE J 181 37.98 24.63 -8.06
O MSE J 181 38.01 23.63 -8.80
CB MSE J 181 40.38 24.41 -7.27
CG MSE J 181 41.78 24.98 -6.96
SE MSE J 181 42.67 25.51 -8.62
CE MSE J 181 41.80 27.26 -8.98
N LEU J 182 36.84 25.08 -7.56
CA LEU J 182 35.57 24.35 -7.72
C LEU J 182 35.68 22.83 -7.44
N GLN J 183 36.36 22.48 -6.34
CA GLN J 183 36.35 21.11 -5.80
C GLN J 183 35.13 20.85 -4.90
N ASN J 184 34.97 19.61 -4.45
CA ASN J 184 33.95 19.27 -3.45
C ASN J 184 32.56 19.83 -3.77
N SER J 185 32.12 19.67 -5.00
CA SER J 185 30.84 20.25 -5.41
C SER J 185 29.81 19.19 -5.68
N PRO J 186 28.66 19.24 -5.01
CA PRO J 186 28.32 20.11 -3.91
C PRO J 186 28.98 19.71 -2.57
N ARG J 187 28.96 20.61 -1.62
CA ARG J 187 29.56 20.33 -0.34
C ARG J 187 28.72 19.34 0.36
N PHE J 188 27.41 19.52 0.30
CA PHE J 188 26.49 18.63 0.98
C PHE J 188 25.45 18.11 0.00
N ASN J 189 25.08 16.86 0.15
CA ASN J 189 24.26 16.21 -0.86
C ASN J 189 22.80 16.72 -0.99
N TRP J 190 22.30 17.46 -0.01
CA TRP J 190 20.97 18.05 -0.08
C TRP J 190 20.97 19.35 -0.91
N GLU J 191 22.12 19.85 -1.27
CA GLU J 191 22.16 21.19 -1.85
C GLU J 191 21.51 21.27 -3.21
N CYS J 192 21.72 20.25 -4.10
CA CYS J 192 21.21 20.33 -5.51
C CYS J 192 19.65 20.43 -5.57
N LYS J 193 19.00 19.71 -4.67
CA LYS J 193 17.56 19.71 -4.63
C LYS J 193 16.98 21.14 -4.52
N TYR J 194 17.66 22.07 -3.86
CA TYR J 194 17.10 23.41 -3.69
C TYR J 194 17.77 24.46 -4.62
N CYS J 195 18.93 24.09 -5.17
CA CYS J 195 19.72 25.01 -5.99
C CYS J 195 18.96 25.42 -7.24
N ILE J 196 18.86 26.72 -7.47
CA ILE J 196 18.17 27.22 -8.66
C ILE J 196 19.04 27.03 -9.92
N PHE J 197 20.30 26.62 -9.80
CA PHE J 197 21.13 26.39 -11.01
C PHE J 197 21.21 24.92 -11.45
N SER J 198 20.45 24.05 -10.80
CA SER J 198 20.43 22.61 -11.13
C SER J 198 19.91 22.38 -12.52
N VAL J 199 19.11 23.33 -13.01
CA VAL J 199 18.65 23.29 -14.36
C VAL J 199 19.76 23.40 -15.37
N ILE J 200 20.91 23.99 -15.05
CA ILE J 200 22.00 24.07 -16.02
C ILE J 200 23.28 23.45 -15.57
N CYS J 201 23.28 22.69 -14.48
CA CYS J 201 24.56 22.36 -13.89
C CYS J 201 24.95 20.91 -14.16
N PRO J 202 26.11 20.66 -14.65
CA PRO J 202 26.48 19.29 -14.93
C PRO J 202 26.82 18.41 -13.74
N ALA J 203 27.03 18.98 -12.58
CA ALA J 203 27.43 18.22 -11.39
C ALA J 203 26.26 17.98 -10.48
N LYS J 204 25.09 18.56 -10.74
CA LYS J 204 23.86 18.16 -10.03
C LYS J 204 23.82 16.71 -9.67
N LEU J 205 23.48 16.43 -8.43
CA LEU J 205 23.36 15.07 -7.94
C LEU J 205 21.97 14.60 -8.29
N THR J 206 21.87 13.38 -8.79
CA THR J 206 20.60 12.82 -9.22
C THR J 206 20.43 11.36 -8.76
MN MN K . 23.78 12.82 -31.04
FE1 SF4 L . 18.59 -9.71 -27.58
FE2 SF4 L . 20.63 -7.59 -27.52
FE3 SF4 L . 18.68 -7.81 -25.30
FE4 SF4 L . 17.79 -6.92 -28.03
S1 SF4 L . 19.24 -6.36 -26.65
S2 SF4 L . 17.29 -8.41 -26.74
S3 SF4 L . 19.16 -8.18 -28.83
S4 SF4 L . 20.01 -9.05 -26.20
MN MN M . -8.88 -17.27 -36.14
FE1 SF4 N . -4.88 5.49 -33.45
FE2 SF4 N . -6.90 3.38 -33.99
FE3 SF4 N . -6.00 3.88 -31.23
FE4 SF4 N . -4.18 2.63 -33.25
S1 SF4 N . -6.08 2.27 -32.49
S2 SF4 N . -4.10 4.26 -32.02
S3 SF4 N . -5.00 3.77 -34.67
S4 SF4 N . -6.77 5.01 -32.73
MN MN O . 7.74 -30.85 -26.17
FE1 SF4 P . 3.92 -34.55 -3.37
FE2 SF4 P . 5.90 -34.49 -5.68
FE3 SF4 P . 5.01 -31.93 -4.30
FE4 SF4 P . 3.14 -33.47 -6.05
S1 SF4 P . 5.02 -32.77 -6.24
S2 SF4 P . 3.11 -32.79 -4.07
S3 SF4 P . 3.99 -35.19 -5.34
S4 SF4 P . 5.82 -33.74 -3.79
MN MN Q . 4.84 26.93 -30.42
FE1 SF4 R . -1.16 33.59 -8.90
FE2 SF4 R . -2.04 33.13 -11.64
FE3 SF4 R . -1.74 30.82 -9.80
FE4 SF4 R . 0.65 32.27 -10.88
S1 SF4 R . -0.97 31.41 -11.67
S2 SF4 R . -0.13 31.81 -9.00
S3 SF4 R . -0.39 33.99 -10.82
S4 SF4 R . -2.71 32.65 -9.73
MN MN S . -24.77 -32.89 4.71
FE1 SF4 T . -19.50 -24.07 -16.14
FE2 SF4 T . -21.51 -24.49 -13.95
FE3 SF4 T . -19.46 -22.37 -13.68
FE4 SF4 T . -18.73 -25.20 -13.45
S1 SF4 T . -20.08 -24.00 -12.65
S2 SF4 T . -18.15 -23.62 -14.59
S3 SF4 T . -20.14 -25.67 -14.89
S4 SF4 T . -20.85 -22.93 -15.14
MN MN U . -5.88 -36.78 18.26
FE1 SF4 V . 1.26 -17.56 29.49
FE2 SF4 V . 1.95 -20.25 28.44
FE3 SF4 V . 1.80 -17.82 26.63
FE4 SF4 V . -0.69 -19.08 27.85
S1 SF4 V . 0.92 -19.71 26.81
S2 SF4 V . 0.23 -17.19 27.75
S3 SF4 V . 0.39 -19.44 29.49
S4 SF4 V . 2.78 -18.38 28.42
MN MN W . 3.76 3.08 40.99
FE1 SF4 X . 14.89 17.17 26.10
FE2 SF4 X . 15.13 14.89 28.07
FE3 SF4 X . 13.96 14.41 25.31
FE4 SF4 X . 12.41 15.99 27.35
S1 SF4 X . 13.31 14.06 27.31
S2 SF4 X . 13.07 16.34 25.36
S3 SF4 X . 14.23 16.82 28.10
S4 SF4 X . 15.79 15.23 26.07
MN MN Y . -19.64 1.62 36.29
FE1 SF4 Z . -25.07 -13.95 19.71
FE2 SF4 Z . -25.67 -11.46 21.19
FE3 SF4 Z . -23.59 -11.42 18.94
FE4 SF4 Z . -23.00 -12.76 21.68
S1 SF4 Z . -23.69 -10.98 21.01
S2 SF4 Z . -23.13 -13.30 19.57
S3 SF4 Z . -25.00 -13.28 21.68
S4 SF4 Z . -25.54 -12.04 19.16
MN MN AA . -1.38 38.87 14.31
FE1 SF4 BA . -13.36 21.42 24.28
FE2 SF4 BA . -13.32 23.92 22.56
FE3 SF4 BA . -12.59 21.26 21.24
FE4 SF4 BA . -10.70 22.58 23.36
S1 SF4 BA . -11.70 23.06 21.63
S2 SF4 BA . -11.76 20.83 23.11
S3 SF4 BA . -12.41 23.23 24.26
S4 SF4 BA . -14.10 22.05 22.43
MN MN CA . 21.44 33.85 10.55
FE1 SF4 DA . 25.34 22.22 -9.31
FE2 SF4 DA . 26.23 22.96 -6.66
FE3 SF4 DA . 24.20 20.83 -6.90
FE4 SF4 DA . 23.50 23.74 -7.47
S1 SF4 DA . 24.31 22.67 -5.99
S2 SF4 DA . 23.47 21.92 -8.44
S3 SF4 DA . 25.37 23.95 -8.21
S4 SF4 DA . 26.07 21.21 -7.67
#